data_6KSA
#
_entry.id   6KSA
#
_cell.length_a   97.934
_cell.length_b   206.586
_cell.length_c   74.064
_cell.angle_alpha   90.000
_cell.angle_beta   90.000
_cell.angle_gamma   90.000
#
_symmetry.space_group_name_H-M   'P 21 21 2'
#
loop_
_entity.id
_entity.type
_entity.pdbx_description
1 polymer 'Acyl-CoA dehydrogenase'
2 non-polymer 'FLAVIN-ADENINE DINUCLEOTIDE'
3 non-polymer 'STEAROYL-COENZYME A'
4 non-polymer 'SULFATE ION'
5 non-polymer 'MAGNESIUM ION'
6 water water
#
_entity_poly.entity_id   1
_entity_poly.type   'polypeptide(L)'
_entity_poly.pdbx_seq_one_letter_code
;RGSMSHYKSNVRDQVFNLFEVFGVDKVLGADKFSDLDADTAREMLTEIARLAEGPIAESFVEGDRNPPVFDPETHTVTLP
EGFKKSMRALFDGGWDKVGLAEHLGGIPMPRALQWALIEHILGANPAAYMYAMGPGMSEIFYNNGTDEQKKWATIAAERG
WGATMVLTEPDAGSDVGAGRTKAVQQPDGTWHIEGVKRFITSADSDDLFENIMHLVLARPEGAGPGTKGLSLFFVPKFHF
DHETGEIGERNGVFVTNVEHKMGLKVSATCELSLGQHGIPAVGWLVGEVHNGIAQMFDVIEQARMMVGTKAIATLSTGYL
NALEYAKERVQGADMTQMTDKTAPRVTITHHPDVRRSLMTQKAYAEGLRAIYLYTATFQDAEVAQAVHGVDGDLAARVND
LLLPIVKGFGSETAYAKLTESLQTLGGSGFLQDYPIEQYIRDSKIDSLYAGTTAIQAQDFFFRKIIRDKGQALAYVAGEI
EQFIKNENGNGRLKTERELLATALADVQGMAASLTGYLMAAQEDAASIYKVGLGSVRFLMAVGDLLSGWLLARQAAVAIE
KLDAGATGADKSFYEGKIAAASFFAKNMLPLLTSTRQIIENLDNDVMELDEAAF
;
_entity_poly.pdbx_strand_id   A,B
#
loop_
_chem_comp.id
_chem_comp.type
_chem_comp.name
_chem_comp.formula
FAD non-polymer 'FLAVIN-ADENINE DINUCLEOTIDE' 'C27 H33 N9 O15 P2'
MG non-polymer 'MAGNESIUM ION' 'Mg 2'
SO4 non-polymer 'SULFATE ION' 'O4 S -2'
ST9 non-polymer 'STEAROYL-COENZYME A' 'C39 H70 N7 O17 P3 S'
#
# COMPACT_ATOMS: atom_id res chain seq x y z
N MET A 4 -9.19 -24.13 5.82
CA MET A 4 -10.65 -24.04 5.52
C MET A 4 -10.88 -23.11 4.31
N SER A 5 -11.26 -21.88 4.58
CA SER A 5 -11.39 -20.85 3.55
C SER A 5 -10.30 -19.80 3.76
N HIS A 6 -10.32 -18.75 2.94
CA HIS A 6 -9.41 -17.64 3.16
C HIS A 6 -9.72 -16.90 4.44
N TYR A 7 -10.98 -16.88 4.87
CA TYR A 7 -11.39 -15.99 5.95
C TYR A 7 -11.12 -16.64 7.29
N LYS A 8 -10.34 -15.99 8.12
CA LYS A 8 -10.03 -16.44 9.47
C LYS A 8 -10.66 -15.44 10.42
N SER A 9 -11.65 -15.89 11.18
CA SER A 9 -12.42 -15.02 12.07
C SER A 9 -11.81 -14.96 13.46
N ASN A 10 -12.28 -13.98 14.24
CA ASN A 10 -11.80 -13.82 15.62
C ASN A 10 -12.95 -13.49 16.59
N VAL A 11 -13.88 -14.43 16.72
CA VAL A 11 -14.98 -14.29 17.65
C VAL A 11 -14.46 -14.16 19.08
N ARG A 12 -13.35 -14.84 19.43
CA ARG A 12 -12.87 -14.72 20.81
C ARG A 12 -12.53 -13.27 21.16
N ASP A 13 -11.88 -12.55 20.25
CA ASP A 13 -11.52 -11.16 20.54
C ASP A 13 -12.75 -10.26 20.57
N GLN A 14 -13.75 -10.55 19.74
CA GLN A 14 -14.97 -9.75 19.76
C GLN A 14 -15.66 -9.89 21.11
N VAL A 15 -15.82 -11.13 21.56
CA VAL A 15 -16.52 -11.39 22.81
C VAL A 15 -15.75 -10.82 23.98
N PHE A 16 -14.40 -10.93 23.96
CA PHE A 16 -13.58 -10.29 24.98
C PHE A 16 -13.91 -8.81 25.07
N ASN A 17 -13.94 -8.12 23.93
CA ASN A 17 -14.25 -6.70 23.92
C ASN A 17 -15.66 -6.45 24.44
N LEU A 18 -16.65 -7.16 23.87
CA LEU A 18 -18.05 -6.85 24.16
C LEU A 18 -18.37 -7.08 25.62
N PHE A 19 -17.87 -8.17 26.18
CA PHE A 19 -18.27 -8.62 27.52
C PHE A 19 -17.23 -8.31 28.59
N GLU A 20 -15.94 -8.57 28.36
CA GLU A 20 -14.96 -8.37 29.39
C GLU A 20 -14.40 -6.97 29.46
N VAL A 21 -14.49 -6.19 28.38
CA VAL A 21 -13.92 -4.86 28.37
C VAL A 21 -15.01 -3.82 28.51
N PHE A 22 -15.98 -3.82 27.62
CA PHE A 22 -17.03 -2.81 27.63
C PHE A 22 -18.28 -3.18 28.42
N GLY A 23 -18.50 -4.46 28.70
CA GLY A 23 -19.62 -4.82 29.56
C GLY A 23 -20.97 -4.70 28.90
N VAL A 24 -21.04 -4.88 27.58
CA VAL A 24 -22.33 -4.83 26.87
C VAL A 24 -23.30 -5.87 27.39
N ASP A 25 -22.82 -6.97 27.97
CA ASP A 25 -23.76 -7.92 28.55
C ASP A 25 -24.60 -7.30 29.67
N LYS A 26 -24.20 -6.13 30.20
CA LYS A 26 -25.01 -5.43 31.20
C LYS A 26 -26.40 -5.07 30.69
N VAL A 27 -26.56 -4.80 29.39
CA VAL A 27 -27.87 -4.43 28.86
C VAL A 27 -28.62 -5.61 28.29
N LEU A 28 -27.96 -6.74 28.08
CA LEU A 28 -28.63 -7.89 27.48
C LEU A 28 -29.60 -8.51 28.51
N GLY A 29 -30.87 -8.61 28.14
CA GLY A 29 -31.89 -9.06 29.05
C GLY A 29 -32.75 -7.97 29.62
N ALA A 30 -32.55 -6.71 29.20
CA ALA A 30 -33.24 -5.59 29.80
C ALA A 30 -33.72 -4.61 28.74
N ASP A 31 -34.95 -4.12 28.94
CA ASP A 31 -35.58 -3.08 28.11
C ASP A 31 -35.51 -3.49 26.64
N LYS A 32 -34.98 -2.65 25.74
CA LYS A 32 -35.03 -2.96 24.31
C LYS A 32 -34.54 -4.39 24.06
N PHE A 33 -33.54 -4.82 24.83
CA PHE A 33 -32.91 -6.13 24.62
C PHE A 33 -33.42 -7.16 25.61
N SER A 34 -34.67 -6.98 26.07
CA SER A 34 -35.29 -7.86 27.05
C SER A 34 -35.18 -9.34 26.65
N ASP A 35 -35.24 -9.64 25.35
CA ASP A 35 -35.33 -11.03 24.90
C ASP A 35 -34.03 -11.58 24.32
N LEU A 36 -32.91 -10.87 24.47
CA LEU A 36 -31.63 -11.36 23.96
C LEU A 36 -30.63 -11.41 25.11
N ASP A 37 -30.12 -12.61 25.40
CA ASP A 37 -29.21 -12.80 26.51
C ASP A 37 -27.80 -13.00 25.98
N ALA A 38 -26.86 -13.06 26.91
CA ALA A 38 -25.46 -13.11 26.57
C ALA A 38 -25.11 -14.41 25.83
N ASP A 39 -25.69 -15.54 26.26
CA ASP A 39 -25.41 -16.80 25.59
C ASP A 39 -25.92 -16.80 24.16
N THR A 40 -27.11 -16.26 23.93
CA THR A 40 -27.66 -16.17 22.59
C THR A 40 -26.83 -15.24 21.71
N ALA A 41 -26.34 -14.14 22.29
CA ALA A 41 -25.46 -13.24 21.53
C ALA A 41 -24.18 -13.95 21.09
N ARG A 42 -23.53 -14.69 22.01
CA ARG A 42 -22.32 -15.41 21.64
C ARG A 42 -22.59 -16.44 20.56
N GLU A 43 -23.73 -17.15 20.65
CA GLU A 43 -24.05 -18.15 19.65
C GLU A 43 -24.27 -17.51 18.30
N MET A 44 -24.89 -16.33 18.28
CA MET A 44 -25.12 -15.65 17.00
C MET A 44 -23.77 -15.28 16.34
N LEU A 45 -22.82 -14.79 17.15
CA LEU A 45 -21.52 -14.44 16.62
C LEU A 45 -20.81 -15.66 16.08
N THR A 46 -20.87 -16.78 16.81
CA THR A 46 -20.25 -18.01 16.33
C THR A 46 -20.92 -18.47 15.04
N GLU A 47 -22.24 -18.37 14.99
CA GLU A 47 -22.96 -18.87 13.83
C GLU A 47 -22.65 -18.06 12.58
N ILE A 48 -22.65 -16.73 12.71
CA ILE A 48 -22.35 -15.93 11.50
C ILE A 48 -20.87 -16.06 11.12
N ALA A 49 -19.98 -16.20 12.11
CA ALA A 49 -18.58 -16.46 11.81
C ALA A 49 -18.44 -17.74 10.99
N ARG A 50 -19.20 -18.79 11.32
CA ARG A 50 -19.17 -20.01 10.53
C ARG A 50 -19.79 -19.81 9.15
N LEU A 51 -20.87 -19.04 9.06
CA LEU A 51 -21.43 -18.71 7.75
C LEU A 51 -20.39 -18.00 6.90
N ALA A 52 -19.70 -17.04 7.52
CA ALA A 52 -18.70 -16.26 6.81
C ALA A 52 -17.57 -17.15 6.36
N GLU A 53 -17.04 -17.98 7.26
CA GLU A 53 -15.91 -18.82 6.90
C GLU A 53 -16.27 -19.84 5.82
N GLY A 54 -17.55 -20.23 5.79
CA GLY A 54 -18.07 -21.21 4.87
C GLY A 54 -18.60 -20.62 3.58
N PRO A 55 -19.93 -20.58 3.43
CA PRO A 55 -20.49 -20.23 2.13
C PRO A 55 -20.21 -18.81 1.69
N ILE A 56 -19.99 -17.85 2.58
CA ILE A 56 -19.73 -16.47 2.15
C ILE A 56 -18.33 -16.37 1.57
N ALA A 57 -17.32 -16.84 2.32
CA ALA A 57 -15.94 -16.83 1.84
C ALA A 57 -15.73 -17.69 0.61
N GLU A 58 -16.60 -18.68 0.40
CA GLU A 58 -16.41 -19.63 -0.70
C GLU A 58 -16.26 -18.95 -2.05
N SER A 59 -16.96 -17.83 -2.27
CA SER A 59 -16.93 -17.16 -3.57
C SER A 59 -16.04 -15.92 -3.57
N PHE A 60 -15.20 -15.72 -2.56
CA PHE A 60 -14.36 -14.51 -2.49
C PHE A 60 -13.43 -14.42 -3.69
N VAL A 61 -12.75 -15.51 -3.99
CA VAL A 61 -11.87 -15.56 -5.15
C VAL A 61 -12.66 -15.45 -6.45
N GLU A 62 -13.74 -16.27 -6.59
CA GLU A 62 -14.54 -16.28 -7.81
C GLU A 62 -15.03 -14.88 -8.18
N GLY A 63 -15.50 -14.10 -7.19
CA GLY A 63 -16.01 -12.76 -7.51
C GLY A 63 -14.94 -11.84 -8.10
N ASP A 64 -13.69 -12.05 -7.72
CA ASP A 64 -12.57 -11.25 -8.19
C ASP A 64 -12.03 -11.79 -9.52
N ARG A 65 -11.99 -13.12 -9.70
CA ARG A 65 -11.44 -13.68 -10.92
C ARG A 65 -12.42 -13.73 -12.07
N ASN A 66 -13.73 -13.77 -11.76
CA ASN A 66 -14.78 -13.82 -12.78
C ASN A 66 -15.76 -12.72 -12.49
N PRO A 67 -15.35 -11.47 -12.68
CA PRO A 67 -16.14 -10.37 -12.17
C PRO A 67 -17.40 -10.10 -12.96
N PRO A 68 -18.25 -9.21 -12.46
CA PRO A 68 -19.56 -8.95 -13.09
C PRO A 68 -19.41 -8.38 -14.48
N VAL A 69 -20.44 -8.59 -15.28
CA VAL A 69 -20.44 -8.21 -16.68
C VAL A 69 -21.65 -7.33 -16.91
N PHE A 70 -21.43 -6.19 -17.52
CA PHE A 70 -22.53 -5.34 -17.95
C PHE A 70 -23.05 -5.79 -19.31
N ASP A 71 -24.36 -5.79 -19.45
CA ASP A 71 -25.01 -6.12 -20.72
C ASP A 71 -25.72 -4.89 -21.27
N PRO A 72 -25.18 -4.25 -22.31
CA PRO A 72 -25.88 -3.07 -22.87
C PRO A 72 -27.17 -3.40 -23.60
N GLU A 73 -27.42 -4.66 -23.89
CA GLU A 73 -28.66 -5.03 -24.56
C GLU A 73 -29.86 -4.96 -23.64
N THR A 74 -29.63 -5.01 -22.31
CA THR A 74 -30.72 -5.01 -21.33
C THR A 74 -30.48 -4.00 -20.24
N HIS A 75 -29.33 -3.35 -20.23
CA HIS A 75 -28.97 -2.41 -19.15
C HIS A 75 -29.06 -3.11 -17.79
N THR A 76 -28.40 -4.25 -17.69
CA THR A 76 -28.33 -5.03 -16.44
C THR A 76 -26.91 -5.53 -16.26
N VAL A 77 -26.64 -6.02 -15.06
CA VAL A 77 -25.33 -6.59 -14.70
C VAL A 77 -25.56 -8.06 -14.36
N THR A 78 -24.66 -8.93 -14.81
CA THR A 78 -24.70 -10.35 -14.46
C THR A 78 -23.59 -10.61 -13.45
N LEU A 79 -23.90 -11.32 -12.40
CA LEU A 79 -22.95 -11.66 -11.33
C LEU A 79 -22.55 -13.13 -11.42
N PRO A 80 -21.36 -13.50 -10.95
CA PRO A 80 -20.93 -14.90 -11.02
C PRO A 80 -21.80 -15.78 -10.13
N GLU A 81 -22.15 -16.97 -10.64
CA GLU A 81 -23.11 -17.85 -9.98
C GLU A 81 -22.69 -18.19 -8.56
N GLY A 82 -21.40 -18.43 -8.33
CA GLY A 82 -20.96 -18.77 -6.98
C GLY A 82 -21.16 -17.65 -5.98
N PHE A 83 -21.04 -16.40 -6.43
CA PHE A 83 -21.31 -15.27 -5.54
C PHE A 83 -22.79 -15.18 -5.22
N LYS A 84 -23.64 -15.43 -6.22
CA LYS A 84 -25.08 -15.41 -5.94
C LYS A 84 -25.47 -16.51 -4.96
N LYS A 85 -24.78 -17.66 -5.01
CA LYS A 85 -25.01 -18.71 -4.03
C LYS A 85 -24.68 -18.24 -2.62
N SER A 86 -23.55 -17.53 -2.46
CA SER A 86 -23.21 -16.91 -1.17
C SER A 86 -24.26 -15.92 -0.73
N MET A 87 -24.77 -15.10 -1.66
CA MET A 87 -25.83 -14.18 -1.29
C MET A 87 -27.05 -14.92 -0.76
N ARG A 88 -27.44 -16.00 -1.45
CA ARG A 88 -28.59 -16.78 -0.97
C ARG A 88 -28.36 -17.36 0.42
N ALA A 89 -27.12 -17.74 0.74
CA ALA A 89 -26.85 -18.22 2.10
C ALA A 89 -27.07 -17.10 3.11
N LEU A 90 -26.70 -15.87 2.74
CA LEU A 90 -26.95 -14.74 3.63
C LEU A 90 -28.44 -14.50 3.82
N PHE A 91 -29.19 -14.46 2.73
CA PHE A 91 -30.62 -14.20 2.80
C PHE A 91 -31.35 -15.33 3.54
N ASP A 92 -30.96 -16.58 3.27
CA ASP A 92 -31.70 -17.72 3.82
C ASP A 92 -31.56 -17.81 5.33
N GLY A 93 -30.49 -17.26 5.90
CA GLY A 93 -30.37 -17.19 7.34
C GLY A 93 -30.85 -15.90 7.96
N GLY A 94 -31.41 -14.98 7.17
CA GLY A 94 -31.90 -13.72 7.69
C GLY A 94 -30.83 -12.69 8.02
N TRP A 95 -29.62 -12.88 7.54
CA TRP A 95 -28.55 -12.00 7.95
C TRP A 95 -28.62 -10.62 7.31
N ASP A 96 -29.41 -10.41 6.24
CA ASP A 96 -29.62 -9.06 5.75
C ASP A 96 -30.57 -8.27 6.64
N LYS A 97 -31.05 -8.86 7.73
CA LYS A 97 -31.90 -8.15 8.67
C LYS A 97 -31.21 -7.93 10.01
N VAL A 98 -29.86 -7.93 10.02
CA VAL A 98 -29.11 -7.72 11.25
C VAL A 98 -29.20 -6.25 11.64
N GLY A 99 -29.63 -6.01 12.86
CA GLY A 99 -29.82 -4.65 13.34
C GLY A 99 -31.11 -4.02 12.93
N LEU A 100 -31.93 -4.72 12.14
CA LEU A 100 -33.19 -4.15 11.65
C LEU A 100 -34.17 -4.01 12.80
N ALA A 101 -34.98 -2.97 12.74
CA ALA A 101 -35.98 -2.75 13.77
C ALA A 101 -36.95 -3.93 13.84
N GLU A 102 -37.45 -4.20 15.04
CA GLU A 102 -38.36 -5.32 15.23
C GLU A 102 -39.62 -5.20 14.36
N HIS A 103 -40.13 -3.99 14.17
CA HIS A 103 -41.33 -3.83 13.36
C HIS A 103 -41.09 -4.08 11.88
N LEU A 104 -39.82 -4.08 11.44
CA LEU A 104 -39.46 -4.46 10.07
C LEU A 104 -39.02 -5.90 9.97
N GLY A 105 -39.00 -6.62 11.09
CA GLY A 105 -38.64 -8.03 11.10
C GLY A 105 -37.29 -8.37 11.69
N GLY A 106 -36.61 -7.42 12.32
CA GLY A 106 -35.32 -7.71 12.91
C GLY A 106 -35.38 -8.18 14.35
N ILE A 107 -34.21 -8.57 14.85
CA ILE A 107 -34.01 -8.97 16.23
C ILE A 107 -33.38 -7.81 16.95
N PRO A 108 -34.04 -7.16 17.90
CA PRO A 108 -33.43 -6.06 18.64
C PRO A 108 -32.09 -6.48 19.25
N MET A 109 -31.06 -5.65 19.04
CA MET A 109 -29.74 -5.95 19.59
C MET A 109 -28.93 -4.68 19.70
N PRO A 110 -27.96 -4.62 20.61
CA PRO A 110 -27.05 -3.48 20.65
C PRO A 110 -26.30 -3.33 19.34
N ARG A 111 -26.06 -2.08 18.96
CA ARG A 111 -25.31 -1.81 17.74
C ARG A 111 -23.91 -2.42 17.83
N ALA A 112 -23.35 -2.49 19.04
CA ALA A 112 -22.04 -3.11 19.22
C ALA A 112 -22.08 -4.57 18.80
N LEU A 113 -23.16 -5.28 19.11
CA LEU A 113 -23.28 -6.65 18.65
C LEU A 113 -23.57 -6.68 17.15
N GLN A 114 -24.40 -5.76 16.66
CA GLN A 114 -24.70 -5.72 15.24
C GLN A 114 -23.42 -5.62 14.42
N TRP A 115 -22.55 -4.67 14.77
CA TRP A 115 -21.34 -4.47 13.95
C TRP A 115 -20.35 -5.62 14.10
N ALA A 116 -20.28 -6.23 15.30
CA ALA A 116 -19.47 -7.44 15.45
C ALA A 116 -19.97 -8.58 14.54
N LEU A 117 -21.28 -8.70 14.36
CA LEU A 117 -21.80 -9.71 13.46
C LEU A 117 -21.43 -9.36 12.03
N ILE A 118 -21.60 -8.10 11.64
CA ILE A 118 -21.32 -7.65 10.29
C ILE A 118 -19.84 -7.80 9.95
N GLU A 119 -18.95 -7.62 10.93
CA GLU A 119 -17.52 -7.72 10.68
C GLU A 119 -17.21 -9.02 9.94
N HIS A 120 -17.89 -10.12 10.29
CA HIS A 120 -17.56 -11.41 9.67
C HIS A 120 -17.89 -11.42 8.19
N ILE A 121 -19.04 -10.87 7.81
CA ILE A 121 -19.35 -10.83 6.39
C ILE A 121 -18.36 -9.91 5.66
N LEU A 122 -17.96 -8.79 6.28
CA LEU A 122 -17.01 -7.88 5.64
C LEU A 122 -15.63 -8.52 5.52
N GLY A 123 -15.25 -9.40 6.45
CA GLY A 123 -13.99 -10.08 6.31
C GLY A 123 -13.98 -11.16 5.25
N ALA A 124 -15.10 -11.83 5.09
CA ALA A 124 -15.19 -12.98 4.21
C ALA A 124 -15.46 -12.59 2.77
N ASN A 125 -16.30 -11.58 2.53
CA ASN A 125 -16.67 -11.21 1.15
C ASN A 125 -17.42 -9.89 1.28
N PRO A 126 -16.72 -8.77 1.47
CA PRO A 126 -17.43 -7.53 1.87
C PRO A 126 -18.51 -7.09 0.90
N ALA A 127 -18.33 -7.30 -0.41
CA ALA A 127 -19.36 -6.89 -1.34
C ALA A 127 -20.68 -7.59 -1.04
N ALA A 128 -20.62 -8.79 -0.45
CA ALA A 128 -21.85 -9.51 -0.08
C ALA A 128 -22.69 -8.72 0.92
N TYR A 129 -22.04 -8.12 1.91
CA TYR A 129 -22.81 -7.29 2.83
C TYR A 129 -23.33 -6.06 2.11
N MET A 130 -22.55 -5.48 1.21
CA MET A 130 -23.00 -4.27 0.52
C MET A 130 -24.30 -4.52 -0.25
N TYR A 131 -24.37 -5.62 -1.00
CA TYR A 131 -25.58 -5.96 -1.72
C TYR A 131 -26.74 -6.24 -0.77
N ALA A 132 -26.44 -6.58 0.49
CA ALA A 132 -27.45 -6.99 1.44
C ALA A 132 -27.91 -5.85 2.34
N MET A 133 -27.51 -4.62 2.05
CA MET A 133 -27.86 -3.44 2.82
C MET A 133 -29.27 -2.90 2.54
N GLY A 134 -30.06 -3.58 1.74
CA GLY A 134 -31.36 -3.08 1.33
C GLY A 134 -32.30 -2.86 2.50
N PRO A 135 -32.49 -3.89 3.33
CA PRO A 135 -33.38 -3.72 4.49
C PRO A 135 -32.94 -2.58 5.42
N GLY A 136 -31.64 -2.44 5.67
CA GLY A 136 -31.17 -1.34 6.48
C GLY A 136 -31.53 0.00 5.87
N MET A 137 -31.42 0.11 4.55
CA MET A 137 -31.85 1.34 3.86
C MET A 137 -33.35 1.53 3.95
N SER A 138 -34.12 0.45 3.86
CA SER A 138 -35.57 0.55 4.03
C SER A 138 -35.93 1.09 5.42
N GLU A 139 -35.16 0.76 6.44
CA GLU A 139 -35.42 1.30 7.77
C GLU A 139 -35.13 2.79 7.83
N ILE A 140 -34.07 3.25 7.18
CA ILE A 140 -33.78 4.67 7.10
C ILE A 140 -34.87 5.41 6.35
N PHE A 141 -35.33 4.84 5.22
CA PHE A 141 -36.48 5.42 4.50
C PHE A 141 -37.72 5.47 5.40
N TYR A 142 -38.01 4.37 6.07
CA TYR A 142 -39.08 4.32 7.07
C TYR A 142 -38.98 5.49 8.04
N ASN A 143 -37.80 5.69 8.62
CA ASN A 143 -37.66 6.69 9.69
C ASN A 143 -37.83 8.11 9.16
N ASN A 144 -37.48 8.35 7.91
CA ASN A 144 -37.60 9.66 7.30
C ASN A 144 -38.88 9.82 6.51
N GLY A 145 -39.68 8.79 6.39
CA GLY A 145 -40.78 8.79 5.44
C GLY A 145 -42.05 9.36 6.03
N THR A 146 -42.96 9.72 5.14
CA THR A 146 -44.34 9.98 5.59
C THR A 146 -44.99 8.68 6.04
N ASP A 147 -46.20 8.79 6.61
CA ASP A 147 -46.91 7.58 7.05
C ASP A 147 -47.20 6.66 5.88
N GLU A 148 -47.50 7.23 4.70
CA GLU A 148 -47.70 6.40 3.51
C GLU A 148 -46.40 5.73 3.07
N GLN A 149 -45.30 6.48 3.09
CA GLN A 149 -44.00 5.94 2.68
C GLN A 149 -43.52 4.88 3.64
N LYS A 150 -43.85 5.00 4.93
CA LYS A 150 -43.58 3.93 5.90
C LYS A 150 -44.19 2.62 5.47
N LYS A 151 -45.37 2.67 4.87
CA LYS A 151 -45.97 1.43 4.38
C LYS A 151 -45.12 0.82 3.29
N TRP A 152 -44.61 1.65 2.37
CA TRP A 152 -43.79 1.12 1.28
C TRP A 152 -42.48 0.55 1.84
N ALA A 153 -41.84 1.28 2.77
CA ALA A 153 -40.58 0.81 3.35
C ALA A 153 -40.75 -0.53 4.07
N THR A 154 -41.91 -0.72 4.70
CA THR A 154 -42.22 -1.99 5.34
C THR A 154 -42.27 -3.13 4.32
N ILE A 155 -42.95 -2.92 3.20
CA ILE A 155 -42.96 -3.89 2.11
C ILE A 155 -41.55 -4.18 1.64
N ALA A 156 -40.76 -3.13 1.39
CA ALA A 156 -39.42 -3.30 0.85
C ALA A 156 -38.55 -4.12 1.79
N ALA A 157 -38.71 -3.89 3.11
CA ALA A 157 -37.95 -4.67 4.08
C ALA A 157 -38.39 -6.12 4.07
N GLU A 158 -39.71 -6.35 4.03
CA GLU A 158 -40.23 -7.71 4.07
C GLU A 158 -39.80 -8.50 2.86
N ARG A 159 -39.83 -7.88 1.70
CA ARG A 159 -39.48 -8.56 0.46
C ARG A 159 -37.98 -8.58 0.20
N GLY A 160 -37.17 -7.92 1.03
CA GLY A 160 -35.74 -7.98 0.85
C GLY A 160 -35.18 -7.25 -0.35
N TRP A 161 -35.83 -6.18 -0.78
CA TRP A 161 -35.35 -5.43 -1.92
C TRP A 161 -33.95 -4.89 -1.66
N GLY A 162 -33.17 -4.76 -2.73
CA GLY A 162 -31.89 -4.10 -2.62
C GLY A 162 -32.03 -2.61 -2.54
N ALA A 163 -30.91 -1.93 -2.36
CA ALA A 163 -30.94 -0.47 -2.29
C ALA A 163 -29.59 0.10 -2.71
N THR A 164 -29.63 1.36 -3.14
CA THR A 164 -28.46 2.18 -3.43
C THR A 164 -28.58 3.54 -2.76
N MET A 165 -27.45 4.18 -2.60
CA MET A 165 -27.35 5.58 -2.19
C MET A 165 -26.71 6.30 -3.36
N VAL A 166 -27.42 7.29 -3.88
CA VAL A 166 -27.12 7.85 -5.18
C VAL A 166 -26.85 9.34 -5.00
N LEU A 167 -25.56 9.67 -4.85
CA LEU A 167 -25.12 11.04 -4.69
C LEU A 167 -24.21 11.51 -5.81
N THR A 168 -23.18 10.73 -6.12
CA THR A 168 -22.02 11.21 -6.86
C THR A 168 -22.36 11.41 -8.34
N GLU A 169 -21.73 12.45 -8.90
CA GLU A 169 -21.78 12.78 -10.31
C GLU A 169 -20.36 12.98 -10.79
N PRO A 170 -20.15 13.03 -12.10
CA PRO A 170 -18.78 13.28 -12.58
C PRO A 170 -18.12 14.52 -12.00
N ASP A 171 -18.86 15.63 -11.84
CA ASP A 171 -18.29 16.84 -11.27
C ASP A 171 -18.65 17.05 -9.81
N ALA A 172 -19.23 16.04 -9.14
CA ALA A 172 -19.66 16.23 -7.76
C ALA A 172 -19.40 14.93 -7.00
N GLY A 173 -18.23 14.81 -6.41
CA GLY A 173 -17.91 13.67 -5.55
C GLY A 173 -17.76 14.14 -4.12
N SER A 174 -16.59 14.66 -3.78
CA SER A 174 -16.42 15.26 -2.47
C SER A 174 -17.37 16.42 -2.29
N ASP A 175 -17.56 17.22 -3.35
CA ASP A 175 -18.40 18.41 -3.30
C ASP A 175 -19.80 17.99 -3.78
N VAL A 176 -20.54 17.34 -2.87
CA VAL A 176 -21.85 16.84 -3.19
C VAL A 176 -22.76 17.98 -3.63
N GLY A 177 -22.58 19.15 -3.03
CA GLY A 177 -23.46 20.29 -3.31
C GLY A 177 -23.34 20.85 -4.70
N ALA A 178 -22.28 20.46 -5.45
CA ALA A 178 -22.18 20.87 -6.83
C ALA A 178 -23.06 20.03 -7.76
N GLY A 179 -23.82 19.07 -7.25
CA GLY A 179 -24.58 18.20 -8.13
C GLY A 179 -25.62 18.94 -8.95
N ARG A 180 -25.84 18.44 -10.17
CA ARG A 180 -26.75 19.06 -11.12
C ARG A 180 -27.96 18.22 -11.51
N THR A 181 -28.04 16.98 -11.05
CA THR A 181 -29.22 16.17 -11.33
C THR A 181 -30.45 16.94 -10.85
N LYS A 182 -31.48 16.94 -11.68
CA LYS A 182 -32.64 17.80 -11.51
C LYS A 182 -33.86 16.99 -11.11
N ALA A 183 -34.77 17.64 -10.38
CA ALA A 183 -36.03 17.02 -10.00
C ALA A 183 -37.14 17.98 -10.43
N VAL A 184 -38.12 17.48 -11.17
CA VAL A 184 -39.20 18.30 -11.70
C VAL A 184 -40.53 17.76 -11.17
N GLN A 185 -41.23 18.59 -10.41
CA GLN A 185 -42.47 18.09 -9.79
C GLN A 185 -43.56 17.93 -10.84
N GLN A 186 -44.30 16.85 -10.75
CA GLN A 186 -45.38 16.55 -11.65
C GLN A 186 -46.71 16.96 -11.04
N PRO A 187 -47.76 17.08 -11.84
CA PRO A 187 -49.08 17.43 -11.28
C PRO A 187 -49.55 16.51 -10.17
N ASP A 188 -49.24 15.22 -10.25
CA ASP A 188 -49.72 14.29 -9.24
C ASP A 188 -48.86 14.24 -7.98
N GLY A 189 -47.87 15.10 -7.87
CA GLY A 189 -47.05 15.15 -6.67
C GLY A 189 -45.80 14.30 -6.71
N THR A 190 -45.67 13.43 -7.70
CA THR A 190 -44.40 12.74 -7.89
C THR A 190 -43.41 13.70 -8.54
N TRP A 191 -42.17 13.23 -8.74
CA TRP A 191 -41.15 14.04 -9.38
C TRP A 191 -40.51 13.23 -10.51
N HIS A 192 -40.01 13.92 -11.52
CA HIS A 192 -39.23 13.29 -12.58
C HIS A 192 -37.80 13.71 -12.33
N ILE A 193 -36.93 12.72 -12.18
CA ILE A 193 -35.53 12.93 -11.88
C ILE A 193 -34.72 12.78 -13.17
N GLU A 194 -33.83 13.73 -13.42
CA GLU A 194 -33.13 13.76 -14.70
C GLU A 194 -31.66 14.05 -14.45
N GLY A 195 -30.80 13.10 -14.77
CA GLY A 195 -29.38 13.35 -14.63
C GLY A 195 -28.62 12.03 -14.69
N VAL A 196 -27.29 12.18 -14.64
CA VAL A 196 -26.36 11.05 -14.70
C VAL A 196 -25.57 11.03 -13.39
N LYS A 197 -25.60 9.90 -12.69
CA LYS A 197 -24.82 9.70 -11.50
C LYS A 197 -23.73 8.66 -11.79
N ARG A 198 -22.67 8.69 -11.01
CA ARG A 198 -21.45 7.91 -11.27
C ARG A 198 -21.01 7.18 -10.01
N PHE A 199 -20.43 6.00 -10.20
CA PHE A 199 -19.82 5.22 -9.14
C PHE A 199 -20.86 4.70 -8.15
N ILE A 200 -22.02 4.28 -8.65
CA ILE A 200 -23.11 3.87 -7.75
C ILE A 200 -22.97 2.36 -7.46
N THR A 201 -22.72 2.05 -6.19
CA THR A 201 -22.57 0.69 -5.72
C THR A 201 -23.91 -0.04 -5.77
N SER A 202 -23.91 -1.23 -6.37
CA SER A 202 -25.06 -2.12 -6.47
C SER A 202 -26.19 -1.55 -7.32
N ALA A 203 -25.89 -0.71 -8.33
CA ALA A 203 -26.97 -0.02 -9.05
C ALA A 203 -27.75 -1.00 -9.89
N ASP A 204 -27.13 -2.12 -10.26
CA ASP A 204 -27.86 -3.30 -10.64
C ASP A 204 -27.22 -4.50 -9.99
N SER A 205 -28.03 -5.55 -9.82
CA SER A 205 -27.57 -6.72 -9.07
C SER A 205 -28.16 -8.00 -9.63
N ASP A 206 -28.26 -8.07 -10.96
CA ASP A 206 -28.63 -9.32 -11.65
C ASP A 206 -30.02 -9.71 -11.13
N ASP A 207 -30.25 -10.97 -10.81
CA ASP A 207 -31.52 -11.43 -10.30
C ASP A 207 -31.51 -11.70 -8.79
N LEU A 208 -30.67 -10.98 -8.05
CA LEU A 208 -30.61 -11.17 -6.61
C LEU A 208 -31.95 -10.76 -5.98
N PHE A 209 -32.55 -9.68 -6.48
CA PHE A 209 -33.72 -9.05 -5.86
C PHE A 209 -34.83 -8.80 -6.85
N GLU A 210 -36.07 -8.68 -6.35
CA GLU A 210 -37.17 -8.33 -7.26
C GLU A 210 -37.27 -6.84 -7.51
N ASN A 211 -36.61 -6.02 -6.69
CA ASN A 211 -36.62 -4.59 -6.89
C ASN A 211 -35.40 -3.99 -6.23
N ILE A 212 -35.06 -2.78 -6.65
CA ILE A 212 -34.00 -2.01 -6.02
C ILE A 212 -34.55 -0.64 -5.67
N MET A 213 -34.34 -0.20 -4.43
CA MET A 213 -34.67 1.18 -4.04
C MET A 213 -33.45 2.08 -4.22
N HIS A 214 -33.51 2.99 -5.18
CA HIS A 214 -32.49 4.00 -5.31
C HIS A 214 -32.87 5.23 -4.49
N LEU A 215 -32.04 5.61 -3.51
CA LEU A 215 -32.27 6.87 -2.77
C LEU A 215 -31.36 7.91 -3.41
N VAL A 216 -31.96 8.88 -4.10
CA VAL A 216 -31.27 9.75 -5.01
C VAL A 216 -31.30 11.19 -4.53
N LEU A 217 -30.15 11.81 -4.45
CA LEU A 217 -30.09 13.27 -4.26
C LEU A 217 -30.27 14.00 -5.59
N ALA A 218 -31.12 15.02 -5.59
CA ALA A 218 -31.37 15.80 -6.79
C ALA A 218 -31.85 17.17 -6.35
N ARG A 219 -31.71 18.14 -7.27
CA ARG A 219 -32.02 19.54 -6.96
C ARG A 219 -33.35 19.90 -7.58
N PRO A 220 -34.39 20.15 -6.81
CA PRO A 220 -35.65 20.61 -7.41
C PRO A 220 -35.46 21.87 -8.25
N GLU A 221 -36.20 21.93 -9.37
CA GLU A 221 -36.23 23.16 -10.16
C GLU A 221 -36.49 24.34 -9.22
N GLY A 222 -35.64 25.35 -9.34
CA GLY A 222 -35.75 26.57 -8.57
C GLY A 222 -35.10 26.54 -7.21
N ALA A 223 -34.54 25.41 -6.77
CA ALA A 223 -33.92 25.40 -5.45
C ALA A 223 -32.59 26.14 -5.45
N GLY A 224 -32.12 26.45 -4.26
CA GLY A 224 -30.89 27.17 -4.12
C GLY A 224 -29.72 26.23 -4.35
N PRO A 225 -28.51 26.79 -4.30
CA PRO A 225 -27.30 26.03 -4.62
C PRO A 225 -26.82 25.21 -3.41
N GLY A 226 -25.75 24.49 -3.62
CA GLY A 226 -25.09 23.77 -2.53
C GLY A 226 -25.90 22.58 -2.03
N THR A 227 -25.39 21.96 -0.96
CA THR A 227 -26.08 20.80 -0.40
C THR A 227 -27.43 21.18 0.19
N LYS A 228 -27.55 22.38 0.73
CA LYS A 228 -28.81 22.77 1.33
C LYS A 228 -29.91 22.91 0.30
N GLY A 229 -29.59 23.02 -0.99
CA GLY A 229 -30.63 23.00 -1.98
C GLY A 229 -31.07 21.64 -2.46
N LEU A 230 -30.41 20.56 -2.00
CA LEU A 230 -30.72 19.23 -2.47
C LEU A 230 -31.86 18.60 -1.68
N SER A 231 -32.60 17.73 -2.36
CA SER A 231 -33.68 16.93 -1.79
C SER A 231 -33.40 15.47 -2.10
N LEU A 232 -34.03 14.60 -1.30
CA LEU A 232 -33.84 13.16 -1.43
C LEU A 232 -35.09 12.52 -1.99
N PHE A 233 -34.93 11.66 -3.00
CA PHE A 233 -36.04 10.98 -3.64
C PHE A 233 -35.93 9.47 -3.58
N PHE A 234 -37.07 8.83 -3.33
CA PHE A 234 -37.23 7.40 -3.47
C PHE A 234 -37.51 7.07 -4.93
N VAL A 235 -36.57 6.40 -5.59
CA VAL A 235 -36.70 6.09 -7.01
C VAL A 235 -36.54 4.58 -7.19
N PRO A 236 -37.61 3.80 -7.33
CA PRO A 236 -37.44 2.35 -7.41
C PRO A 236 -37.13 1.93 -8.83
N LYS A 237 -36.38 0.83 -8.95
CA LYS A 237 -36.10 0.25 -10.26
C LYS A 237 -37.38 -0.08 -11.01
N PHE A 238 -38.33 -0.72 -10.32
CA PHE A 238 -39.64 -1.03 -10.87
C PHE A 238 -40.70 -0.28 -10.08
N HIS A 239 -41.69 0.31 -10.77
CA HIS A 239 -42.91 0.72 -10.09
C HIS A 239 -43.55 -0.49 -9.42
N PHE A 240 -44.34 -0.24 -8.37
CA PHE A 240 -44.97 -1.33 -7.66
C PHE A 240 -46.25 -0.79 -7.03
N ASP A 241 -47.13 -1.73 -6.71
CA ASP A 241 -48.39 -1.41 -6.04
C ASP A 241 -48.11 -1.00 -4.61
N HIS A 242 -48.47 0.23 -4.26
CA HIS A 242 -48.17 0.80 -2.96
C HIS A 242 -48.87 0.07 -1.82
N GLU A 243 -49.87 -0.74 -2.10
CA GLU A 243 -50.51 -1.51 -1.03
C GLU A 243 -50.02 -2.95 -0.97
N THR A 244 -49.94 -3.62 -2.10
CA THR A 244 -49.59 -5.04 -2.10
C THR A 244 -48.11 -5.30 -2.32
N GLY A 245 -47.38 -4.33 -2.86
CA GLY A 245 -45.99 -4.56 -3.26
C GLY A 245 -45.81 -5.22 -4.61
N GLU A 246 -46.89 -5.56 -5.31
CA GLU A 246 -46.74 -6.26 -6.59
C GLU A 246 -45.91 -5.43 -7.56
N ILE A 247 -44.98 -6.09 -8.24
CA ILE A 247 -44.01 -5.38 -9.09
C ILE A 247 -44.69 -5.07 -10.40
N GLY A 248 -44.57 -3.83 -10.84
CA GLY A 248 -45.13 -3.38 -12.10
C GLY A 248 -44.11 -2.94 -13.11
N GLU A 249 -44.39 -1.81 -13.75
CA GLU A 249 -43.63 -1.37 -14.92
C GLU A 249 -42.24 -0.89 -14.54
N ARG A 250 -41.29 -1.04 -15.46
CA ARG A 250 -39.94 -0.54 -15.27
C ARG A 250 -39.95 0.97 -15.15
N ASN A 251 -39.27 1.50 -14.14
CA ASN A 251 -39.02 2.92 -13.95
C ASN A 251 -37.78 3.32 -14.73
N GLY A 252 -37.67 4.63 -15.04
CA GLY A 252 -36.67 5.11 -15.99
C GLY A 252 -35.29 5.38 -15.45
N VAL A 253 -34.72 4.36 -14.81
CA VAL A 253 -33.45 4.49 -14.10
C VAL A 253 -32.60 3.28 -14.51
N PHE A 254 -31.54 3.55 -15.27
CA PHE A 254 -30.81 2.48 -15.94
C PHE A 254 -29.30 2.62 -15.75
N VAL A 255 -28.66 1.50 -15.45
CA VAL A 255 -27.22 1.43 -15.44
C VAL A 255 -26.72 1.47 -16.87
N THR A 256 -25.67 2.25 -17.10
CA THR A 256 -25.11 2.41 -18.43
C THR A 256 -23.67 1.99 -18.54
N ASN A 257 -23.03 1.64 -17.43
CA ASN A 257 -21.69 1.09 -17.48
C ASN A 257 -21.39 0.47 -16.14
N VAL A 258 -20.34 -0.33 -16.10
CA VAL A 258 -19.81 -0.90 -14.86
C VAL A 258 -18.32 -0.64 -14.88
N GLU A 259 -17.82 -0.11 -13.80
CA GLU A 259 -16.42 0.29 -13.75
C GLU A 259 -15.51 -0.93 -13.59
N HIS A 260 -14.31 -0.83 -14.17
CA HIS A 260 -13.25 -1.81 -14.00
C HIS A 260 -12.32 -1.31 -12.91
N LYS A 261 -12.26 -2.03 -11.79
CA LYS A 261 -11.65 -1.54 -10.58
C LYS A 261 -10.45 -2.38 -10.18
N MET A 262 -9.62 -1.79 -9.32
CA MET A 262 -8.44 -2.46 -8.77
C MET A 262 -8.84 -3.71 -7.99
N GLY A 263 -9.91 -3.60 -7.20
CA GLY A 263 -10.45 -4.67 -6.37
C GLY A 263 -11.89 -4.42 -6.10
N LEU A 264 -12.41 -5.07 -5.07
CA LEU A 264 -13.84 -5.09 -4.80
C LEU A 264 -14.62 -5.34 -6.09
N LYS A 265 -14.09 -6.21 -6.92
CA LYS A 265 -14.60 -6.27 -8.28
C LYS A 265 -16.02 -6.77 -8.34
N VAL A 266 -16.41 -7.65 -7.41
CA VAL A 266 -17.74 -8.25 -7.53
C VAL A 266 -18.83 -7.28 -7.08
N SER A 267 -18.45 -6.14 -6.53
CA SER A 267 -19.42 -5.07 -6.27
C SER A 267 -19.57 -4.25 -7.56
N ALA A 268 -20.73 -4.35 -8.22
CA ALA A 268 -20.95 -3.62 -9.45
C ALA A 268 -21.05 -2.13 -9.16
N THR A 269 -20.13 -1.34 -9.72
CA THR A 269 -20.02 0.10 -9.48
C THR A 269 -20.38 0.79 -10.79
N CYS A 270 -21.55 1.46 -10.79
CA CYS A 270 -22.25 1.73 -12.03
C CYS A 270 -22.49 3.19 -12.31
N GLU A 271 -22.40 3.56 -13.59
CA GLU A 271 -22.99 4.81 -14.05
C GLU A 271 -24.49 4.58 -14.11
N LEU A 272 -25.25 5.53 -13.55
CA LEU A 272 -26.67 5.35 -13.37
C LEU A 272 -27.39 6.54 -13.99
N SER A 273 -28.20 6.30 -15.02
CA SER A 273 -28.79 7.34 -15.83
C SER A 273 -30.24 7.42 -15.46
N LEU A 274 -30.71 8.63 -15.12
CA LEU A 274 -32.07 8.87 -14.68
C LEU A 274 -32.78 9.71 -15.73
N GLY A 275 -33.82 9.13 -16.32
CA GLY A 275 -34.67 9.79 -17.28
C GLY A 275 -33.98 10.11 -18.57
N GLN A 276 -33.00 9.32 -18.97
CA GLN A 276 -32.22 9.61 -20.17
C GLN A 276 -32.54 8.63 -21.30
N HIS A 277 -33.40 7.63 -21.05
CA HIS A 277 -33.71 6.57 -22.00
C HIS A 277 -35.15 6.64 -22.49
N GLY A 278 -35.77 7.79 -22.38
CA GLY A 278 -37.07 7.99 -22.97
C GLY A 278 -38.20 7.64 -22.04
N ILE A 279 -37.90 7.26 -20.80
CA ILE A 279 -38.99 7.02 -19.86
C ILE A 279 -38.60 7.73 -18.59
N PRO A 280 -39.55 8.39 -17.93
CA PRO A 280 -39.20 9.16 -16.74
C PRO A 280 -38.71 8.29 -15.60
N ALA A 281 -37.76 8.81 -14.87
CA ALA A 281 -37.38 8.27 -13.59
C ALA A 281 -38.29 8.95 -12.55
N VAL A 282 -39.34 8.25 -12.16
CA VAL A 282 -40.28 8.77 -11.18
C VAL A 282 -39.71 8.60 -9.78
N GLY A 283 -39.67 9.69 -9.04
CA GLY A 283 -39.24 9.68 -7.67
C GLY A 283 -40.32 10.25 -6.76
N TRP A 284 -40.29 9.82 -5.51
CA TRP A 284 -41.10 10.39 -4.44
C TRP A 284 -40.22 11.10 -3.43
N LEU A 285 -40.59 12.34 -3.12
CA LEU A 285 -39.84 13.13 -2.17
C LEU A 285 -39.88 12.51 -0.79
N VAL A 286 -38.70 12.22 -0.23
CA VAL A 286 -38.64 11.52 1.04
C VAL A 286 -39.19 12.41 2.16
N GLY A 287 -40.15 11.89 2.90
CA GLY A 287 -40.80 12.66 3.95
C GLY A 287 -41.69 13.78 3.44
N GLU A 288 -41.86 13.89 2.13
CA GLU A 288 -42.52 15.03 1.50
C GLU A 288 -42.01 16.35 2.07
N VAL A 289 -40.71 16.38 2.37
CA VAL A 289 -40.04 17.62 2.77
C VAL A 289 -38.76 17.74 1.98
N HIS A 290 -38.29 18.98 1.82
CA HIS A 290 -37.02 19.27 1.15
C HIS A 290 -35.95 19.35 2.20
N ASN A 291 -35.19 18.28 2.37
CA ASN A 291 -34.20 18.24 3.44
C ASN A 291 -33.17 17.16 3.11
N GLY A 292 -32.66 17.20 1.87
CA GLY A 292 -32.01 16.01 1.30
C GLY A 292 -30.68 15.68 1.93
N ILE A 293 -29.80 16.67 2.15
CA ILE A 293 -28.47 16.31 2.63
C ILE A 293 -28.54 15.81 4.07
N ALA A 294 -29.39 16.40 4.91
CA ALA A 294 -29.58 15.88 6.24
C ALA A 294 -30.14 14.46 6.21
N GLN A 295 -31.15 14.23 5.39
CA GLN A 295 -31.71 12.88 5.27
C GLN A 295 -30.66 11.89 4.77
N MET A 296 -29.90 12.27 3.74
CA MET A 296 -28.91 11.35 3.18
C MET A 296 -27.82 11.07 4.19
N PHE A 297 -27.54 12.01 5.10
CA PHE A 297 -26.49 11.74 6.08
C PHE A 297 -26.88 10.65 7.05
N ASP A 298 -28.18 10.35 7.20
CA ASP A 298 -28.51 9.14 7.96
C ASP A 298 -27.87 7.92 7.30
N VAL A 299 -27.85 7.90 5.97
CA VAL A 299 -27.26 6.79 5.24
C VAL A 299 -25.74 6.89 5.25
N ILE A 300 -25.19 8.11 5.06
CA ILE A 300 -23.74 8.26 4.98
C ILE A 300 -23.11 7.84 6.30
N GLU A 301 -23.76 8.14 7.40
CA GLU A 301 -23.18 7.74 8.68
C GLU A 301 -23.00 6.22 8.75
N GLN A 302 -24.04 5.48 8.34
CA GLN A 302 -23.97 4.04 8.34
C GLN A 302 -22.90 3.57 7.37
N ALA A 303 -22.86 4.15 6.17
CA ALA A 303 -21.86 3.74 5.19
C ALA A 303 -20.44 3.98 5.71
N ARG A 304 -20.20 5.09 6.41
CA ARG A 304 -18.87 5.33 6.93
C ARG A 304 -18.49 4.32 8.01
N MET A 305 -19.43 3.98 8.88
CA MET A 305 -19.17 2.96 9.89
C MET A 305 -18.85 1.63 9.21
N MET A 306 -19.63 1.29 8.19
CA MET A 306 -19.42 0.04 7.46
C MET A 306 -18.05 0.01 6.80
N VAL A 307 -17.64 1.12 6.18
CA VAL A 307 -16.38 1.10 5.44
C VAL A 307 -15.21 0.92 6.39
N GLY A 308 -15.22 1.63 7.53
CA GLY A 308 -14.18 1.44 8.54
C GLY A 308 -14.16 0.03 9.12
N THR A 309 -15.33 -0.52 9.41
CA THR A 309 -15.38 -1.87 9.96
C THR A 309 -14.86 -2.85 8.93
N LYS A 310 -15.18 -2.59 7.65
CA LYS A 310 -14.69 -3.44 6.55
C LYS A 310 -13.18 -3.47 6.52
N ALA A 311 -12.56 -2.30 6.58
CA ALA A 311 -11.10 -2.22 6.53
C ALA A 311 -10.51 -2.97 7.69
N ILE A 312 -11.12 -2.84 8.87
CA ILE A 312 -10.61 -3.51 10.08
C ILE A 312 -10.79 -5.01 10.00
N ALA A 313 -11.96 -5.44 9.52
CA ALA A 313 -12.20 -6.86 9.31
C ALA A 313 -11.15 -7.47 8.39
N THR A 314 -10.79 -6.73 7.34
CA THR A 314 -9.85 -7.25 6.34
C THR A 314 -8.45 -7.31 6.92
N LEU A 315 -8.01 -6.29 7.67
CA LEU A 315 -6.71 -6.39 8.31
C LEU A 315 -6.64 -7.60 9.26
N SER A 316 -7.72 -7.82 9.99
CA SER A 316 -7.72 -8.95 10.92
C SER A 316 -7.53 -10.29 10.20
N THR A 317 -8.27 -10.57 9.12
CA THR A 317 -8.03 -11.83 8.43
C THR A 317 -6.69 -11.83 7.70
N GLY A 318 -6.22 -10.66 7.27
CA GLY A 318 -4.86 -10.60 6.73
C GLY A 318 -3.82 -11.04 7.76
N TYR A 319 -3.92 -10.47 8.95
CA TYR A 319 -3.00 -10.80 10.03
C TYR A 319 -3.02 -12.29 10.36
N LEU A 320 -4.21 -12.84 10.55
CA LEU A 320 -4.33 -14.24 10.97
C LEU A 320 -3.83 -15.18 9.87
N ASN A 321 -4.00 -14.79 8.60
CA ASN A 321 -3.43 -15.56 7.50
C ASN A 321 -1.90 -15.50 7.57
N ALA A 322 -1.34 -14.30 7.78
CA ALA A 322 0.10 -14.15 7.86
C ALA A 322 0.66 -14.93 9.05
N LEU A 323 -0.04 -14.91 10.18
CA LEU A 323 0.43 -15.61 11.36
C LEU A 323 0.47 -17.12 11.12
N GLU A 324 -0.60 -17.66 10.57
CA GLU A 324 -0.66 -19.08 10.29
C GLU A 324 0.48 -19.48 9.37
N TYR A 325 0.72 -18.69 8.33
CA TYR A 325 1.82 -18.95 7.41
C TYR A 325 3.16 -18.95 8.16
N ALA A 326 3.40 -17.90 8.95
CA ALA A 326 4.69 -17.76 9.62
C ALA A 326 4.98 -18.89 10.59
N LYS A 327 3.95 -19.42 11.25
CA LYS A 327 4.15 -20.51 12.18
C LYS A 327 4.68 -21.75 11.49
N GLU A 328 4.42 -21.93 10.21
CA GLU A 328 4.83 -23.15 9.53
C GLU A 328 6.01 -22.95 8.59
N ARG A 329 6.32 -21.73 8.18
CA ARG A 329 7.40 -21.51 7.23
C ARG A 329 8.75 -21.64 7.93
N VAL A 330 9.53 -22.59 7.51
CA VAL A 330 10.90 -22.75 7.97
C VAL A 330 11.83 -22.00 7.03
N GLN A 331 12.65 -21.11 7.59
CA GLN A 331 13.62 -20.40 6.77
C GLN A 331 14.67 -19.73 7.64
N GLY A 332 15.91 -20.12 7.46
CA GLY A 332 17.00 -19.48 8.15
C GLY A 332 17.24 -20.11 9.50
N ALA A 333 18.29 -19.61 10.14
CA ALA A 333 18.66 -20.04 11.48
C ALA A 333 18.29 -18.96 12.49
N ASP A 334 18.20 -19.36 13.76
CA ASP A 334 17.99 -18.37 14.82
C ASP A 334 19.09 -17.35 14.81
N MET A 335 18.73 -16.07 15.04
CA MET A 335 19.72 -15.00 14.98
C MET A 335 20.85 -15.21 15.97
N THR A 336 20.60 -15.88 17.10
CA THR A 336 21.68 -16.17 18.04
C THR A 336 22.68 -17.18 17.50
N GLN A 337 22.39 -17.84 16.39
CA GLN A 337 23.31 -18.77 15.74
C GLN A 337 23.64 -18.33 14.32
N MET A 338 23.61 -17.02 14.08
CA MET A 338 23.92 -16.43 12.78
C MET A 338 25.22 -16.96 12.18
N THR A 339 26.30 -16.95 12.98
CA THR A 339 27.63 -17.29 12.50
C THR A 339 27.71 -18.73 12.02
N ASP A 340 26.90 -19.61 12.61
CA ASP A 340 26.98 -21.06 12.39
C ASP A 340 26.12 -21.43 11.20
N LYS A 341 26.78 -21.68 10.06
CA LYS A 341 26.02 -22.04 8.86
C LYS A 341 25.47 -23.47 8.89
N THR A 342 25.78 -24.24 9.96
CA THR A 342 25.22 -25.55 10.22
C THR A 342 24.08 -25.54 11.25
N ALA A 343 23.69 -24.37 11.74
CA ALA A 343 22.70 -24.31 12.80
C ALA A 343 21.36 -24.84 12.32
N PRO A 344 20.52 -25.29 13.25
CA PRO A 344 19.19 -25.79 12.86
C PRO A 344 18.37 -24.68 12.22
N ARG A 345 17.61 -25.04 11.20
CA ARG A 345 16.66 -24.08 10.62
C ARG A 345 15.48 -23.91 11.56
N VAL A 346 14.90 -22.71 11.55
CA VAL A 346 13.80 -22.36 12.45
C VAL A 346 12.62 -21.85 11.62
N THR A 347 11.44 -21.96 12.21
CA THR A 347 10.28 -21.29 11.66
C THR A 347 10.44 -19.77 11.80
N ILE A 348 9.84 -19.03 10.86
CA ILE A 348 10.18 -17.61 10.79
C ILE A 348 9.60 -16.77 11.92
N THR A 349 8.65 -17.28 12.69
CA THR A 349 8.26 -16.58 13.89
C THR A 349 9.42 -16.45 14.87
N HIS A 350 10.50 -17.18 14.69
CA HIS A 350 11.66 -16.95 15.55
C HIS A 350 12.50 -15.72 15.16
N HIS A 351 12.26 -15.09 14.02
CA HIS A 351 13.08 -13.95 13.60
C HIS A 351 12.52 -12.65 14.15
N PRO A 352 13.39 -11.81 14.72
CA PRO A 352 12.91 -10.52 15.26
C PRO A 352 12.11 -9.70 14.27
N ASP A 353 12.51 -9.59 13.02
CA ASP A 353 11.75 -8.69 12.17
C ASP A 353 10.35 -9.23 11.94
N VAL A 354 10.19 -10.55 11.89
CA VAL A 354 8.88 -11.17 11.68
C VAL A 354 8.02 -11.01 12.93
N ARG A 355 8.60 -11.19 14.12
CA ARG A 355 7.85 -10.91 15.32
C ARG A 355 7.44 -9.44 15.41
N ARG A 356 8.35 -8.51 15.09
CA ARG A 356 8.00 -7.10 15.02
C ARG A 356 6.82 -6.89 14.07
N SER A 357 6.90 -7.49 12.88
CA SER A 357 5.83 -7.33 11.91
C SER A 357 4.52 -7.90 12.44
N LEU A 358 4.57 -9.09 13.00
CA LEU A 358 3.36 -9.73 13.45
C LEU A 358 2.75 -8.95 14.60
N MET A 359 3.56 -8.43 15.51
CA MET A 359 3.00 -7.69 16.65
C MET A 359 2.44 -6.36 16.19
N THR A 360 3.00 -5.78 15.13
CA THR A 360 2.45 -4.55 14.57
C THR A 360 1.07 -4.82 13.96
N GLN A 361 0.98 -5.88 13.18
CA GLN A 361 -0.29 -6.29 12.63
C GLN A 361 -1.31 -6.61 13.73
N LYS A 362 -0.89 -7.37 14.74
CA LYS A 362 -1.80 -7.79 15.79
C LYS A 362 -2.31 -6.58 16.57
N ALA A 363 -1.40 -5.71 16.99
CA ALA A 363 -1.76 -4.57 17.81
C ALA A 363 -2.68 -3.64 17.08
N TYR A 364 -2.40 -3.35 15.80
CA TYR A 364 -3.30 -2.50 15.07
C TYR A 364 -4.63 -3.19 14.79
N ALA A 365 -4.61 -4.48 14.42
CA ALA A 365 -5.89 -5.15 14.15
C ALA A 365 -6.77 -5.14 15.40
N GLU A 366 -6.21 -5.48 16.55
CA GLU A 366 -7.00 -5.58 17.76
C GLU A 366 -7.35 -4.18 18.32
N GLY A 367 -6.43 -3.22 18.20
CA GLY A 367 -6.77 -1.86 18.60
C GLY A 367 -7.91 -1.31 17.75
N LEU A 368 -7.86 -1.56 16.44
CA LEU A 368 -8.93 -1.06 15.58
C LEU A 368 -10.27 -1.73 15.93
N ARG A 369 -10.24 -3.03 16.22
CA ARG A 369 -11.47 -3.69 16.62
C ARG A 369 -12.03 -3.02 17.85
N ALA A 370 -11.17 -2.81 18.85
CA ALA A 370 -11.61 -2.11 20.05
C ALA A 370 -12.25 -0.78 19.70
N ILE A 371 -11.65 -0.04 18.73
CA ILE A 371 -12.14 1.28 18.42
C ILE A 371 -13.53 1.22 17.80
N TYR A 372 -13.76 0.32 16.83
CA TYR A 372 -15.10 0.35 16.25
C TYR A 372 -16.16 -0.15 17.24
N LEU A 373 -15.81 -1.12 18.08
CA LEU A 373 -16.76 -1.58 19.09
C LEU A 373 -17.00 -0.50 20.15
N TYR A 374 -15.94 0.16 20.61
CA TYR A 374 -16.10 1.31 21.50
C TYR A 374 -17.05 2.33 20.89
N THR A 375 -16.83 2.67 19.61
CA THR A 375 -17.69 3.62 18.91
C THR A 375 -19.13 3.16 18.93
N ALA A 376 -19.35 1.89 18.65
CA ALA A 376 -20.70 1.35 18.59
C ALA A 376 -21.40 1.37 19.97
N THR A 377 -20.65 1.30 21.08
CA THR A 377 -21.26 1.44 22.39
C THR A 377 -21.88 2.83 22.63
N PHE A 378 -21.59 3.83 21.82
CA PHE A 378 -22.25 5.14 21.91
C PHE A 378 -23.40 5.30 20.92
N GLN A 379 -23.71 4.28 20.13
CA GLN A 379 -24.74 4.35 19.11
C GLN A 379 -26.11 3.99 19.64
N ASP A 380 -26.19 3.41 20.84
CA ASP A 380 -27.47 3.15 21.53
C ASP A 380 -27.47 3.97 22.80
N ALA A 381 -28.54 4.77 23.02
CA ALA A 381 -28.61 5.55 24.24
C ALA A 381 -28.54 4.64 25.45
N GLU A 382 -29.26 3.54 25.41
CA GLU A 382 -29.32 2.63 26.57
C GLU A 382 -27.97 1.99 26.85
N VAL A 383 -27.19 1.69 25.81
CA VAL A 383 -25.90 1.09 26.06
C VAL A 383 -24.95 2.13 26.63
N ALA A 384 -24.94 3.32 26.02
CA ALA A 384 -24.06 4.38 26.47
C ALA A 384 -24.38 4.73 27.92
N GLN A 385 -25.65 4.74 28.30
CA GLN A 385 -26.01 4.99 29.70
C GLN A 385 -25.49 3.87 30.57
N ALA A 386 -25.71 2.62 30.17
CA ALA A 386 -25.41 1.47 31.03
C ALA A 386 -23.91 1.27 31.19
N VAL A 387 -23.13 1.44 30.11
CA VAL A 387 -21.71 1.10 30.17
C VAL A 387 -20.81 2.32 30.40
N HIS A 388 -21.26 3.49 30.00
CA HIS A 388 -20.44 4.71 30.12
C HIS A 388 -21.00 5.74 31.09
N GLY A 389 -22.25 5.61 31.52
CA GLY A 389 -22.88 6.65 32.31
C GLY A 389 -23.09 7.96 31.58
N VAL A 390 -23.24 7.95 30.25
CA VAL A 390 -23.42 9.19 29.50
C VAL A 390 -24.84 9.25 28.96
N ASP A 391 -25.42 10.46 28.93
CA ASP A 391 -26.75 10.76 28.45
C ASP A 391 -26.81 10.64 26.93
N GLY A 392 -28.01 10.73 26.39
CA GLY A 392 -28.21 10.47 24.97
C GLY A 392 -27.57 11.53 24.11
N ASP A 393 -27.65 12.80 24.52
CA ASP A 393 -27.06 13.87 23.73
C ASP A 393 -25.54 13.73 23.63
N LEU A 394 -24.87 13.47 24.75
CA LEU A 394 -23.43 13.35 24.70
C LEU A 394 -23.02 12.07 23.97
N ALA A 395 -23.77 10.98 24.15
CA ALA A 395 -23.50 9.74 23.44
C ALA A 395 -23.50 10.00 21.93
N ALA A 396 -24.50 10.74 21.45
CA ALA A 396 -24.60 10.99 20.01
C ALA A 396 -23.40 11.78 19.53
N ARG A 397 -22.94 12.76 20.31
CA ARG A 397 -21.81 13.58 19.90
C ARG A 397 -20.51 12.79 19.93
N VAL A 398 -20.37 11.89 20.89
CA VAL A 398 -19.19 11.05 20.96
C VAL A 398 -19.18 10.07 19.79
N ASN A 399 -20.31 9.44 19.51
CA ASN A 399 -20.42 8.60 18.30
C ASN A 399 -20.03 9.37 17.03
N ASP A 400 -20.52 10.61 16.90
CA ASP A 400 -20.21 11.40 15.73
C ASP A 400 -18.74 11.77 15.68
N LEU A 401 -18.12 12.03 16.84
CA LEU A 401 -16.68 12.31 16.90
C LEU A 401 -15.87 11.12 16.40
N LEU A 402 -16.26 9.91 16.82
CA LEU A 402 -15.48 8.72 16.54
C LEU A 402 -15.69 8.17 15.13
N LEU A 403 -16.82 8.46 14.49
CA LEU A 403 -17.04 7.91 13.15
C LEU A 403 -15.94 8.20 12.15
N PRO A 404 -15.44 9.44 12.03
CA PRO A 404 -14.33 9.67 11.11
C PRO A 404 -13.06 8.98 11.51
N ILE A 405 -12.90 8.61 12.79
CA ILE A 405 -11.76 7.81 13.20
C ILE A 405 -11.92 6.40 12.68
N VAL A 406 -13.09 5.80 12.91
CA VAL A 406 -13.36 4.46 12.42
C VAL A 406 -13.14 4.42 10.92
N LYS A 407 -13.71 5.39 10.20
CA LYS A 407 -13.61 5.38 8.74
C LYS A 407 -12.19 5.76 8.28
N GLY A 408 -11.75 6.98 8.65
CA GLY A 408 -10.50 7.50 8.12
C GLY A 408 -9.29 6.76 8.65
N PHE A 409 -9.14 6.67 9.97
CA PHE A 409 -8.02 5.98 10.58
C PHE A 409 -8.10 4.48 10.35
N GLY A 410 -9.31 3.90 10.39
CA GLY A 410 -9.42 2.48 10.09
C GLY A 410 -8.99 2.13 8.68
N SER A 411 -9.51 2.87 7.70
CA SER A 411 -9.20 2.56 6.30
C SER A 411 -7.71 2.72 6.01
N GLU A 412 -7.12 3.84 6.48
CA GLU A 412 -5.71 4.09 6.18
C GLU A 412 -4.79 3.11 6.87
N THR A 413 -5.08 2.79 8.14
CA THR A 413 -4.22 1.89 8.91
C THR A 413 -4.30 0.48 8.36
N ALA A 414 -5.50 0.02 8.06
CA ALA A 414 -5.67 -1.35 7.58
C ALA A 414 -4.91 -1.61 6.30
N TYR A 415 -5.03 -0.71 5.33
CA TYR A 415 -4.31 -0.88 4.07
C TYR A 415 -2.80 -0.83 4.32
N ALA A 416 -2.34 0.11 5.16
CA ALA A 416 -0.92 0.20 5.44
C ALA A 416 -0.39 -1.07 6.11
N LYS A 417 -1.12 -1.60 7.09
CA LYS A 417 -0.56 -2.74 7.83
C LYS A 417 -0.77 -4.06 7.10
N LEU A 418 -1.67 -4.13 6.12
CA LEU A 418 -1.70 -5.31 5.24
C LEU A 418 -0.40 -5.47 4.45
N THR A 419 0.32 -4.38 4.20
CA THR A 419 1.66 -4.47 3.63
C THR A 419 2.54 -5.41 4.44
N GLU A 420 2.48 -5.30 5.77
CA GLU A 420 3.21 -6.18 6.67
C GLU A 420 2.72 -7.62 6.55
N SER A 421 1.39 -7.81 6.51
CA SER A 421 0.85 -9.16 6.33
C SER A 421 1.42 -9.81 5.07
N LEU A 422 1.40 -9.10 3.94
CA LEU A 422 1.89 -9.70 2.70
C LEU A 422 3.39 -9.96 2.79
N GLN A 423 4.14 -9.03 3.41
CA GLN A 423 5.58 -9.19 3.55
C GLN A 423 5.94 -10.47 4.32
N THR A 424 5.12 -10.84 5.31
CA THR A 424 5.41 -12.00 6.15
C THR A 424 5.46 -13.28 5.31
N LEU A 425 4.76 -13.33 4.19
CA LEU A 425 4.76 -14.50 3.33
C LEU A 425 5.95 -14.55 2.40
N GLY A 426 6.75 -13.50 2.36
CA GLY A 426 7.81 -13.46 1.37
C GLY A 426 7.25 -13.39 -0.04
N GLY A 427 8.01 -13.95 -0.98
CA GLY A 427 7.56 -13.92 -2.37
C GLY A 427 6.20 -14.52 -2.59
N SER A 428 5.83 -15.54 -1.80
CA SER A 428 4.51 -16.15 -1.90
C SER A 428 3.38 -15.15 -1.62
N GLY A 429 3.64 -14.08 -0.88
CA GLY A 429 2.61 -13.07 -0.70
C GLY A 429 2.20 -12.34 -1.94
N PHE A 430 3.06 -12.30 -2.94
CA PHE A 430 2.76 -11.68 -4.22
C PHE A 430 1.93 -12.57 -5.12
N LEU A 431 1.57 -13.78 -4.67
CA LEU A 431 0.81 -14.73 -5.49
C LEU A 431 -0.67 -14.64 -5.20
N GLN A 432 -1.49 -14.83 -6.23
CA GLN A 432 -2.92 -14.90 -6.06
C GLN A 432 -3.34 -16.18 -5.34
N ASP A 433 -2.39 -17.12 -5.16
CA ASP A 433 -2.67 -18.34 -4.43
C ASP A 433 -3.04 -18.04 -2.99
N TYR A 434 -2.55 -16.94 -2.46
CA TYR A 434 -2.84 -16.52 -1.11
C TYR A 434 -3.72 -15.29 -1.15
N PRO A 435 -4.51 -15.02 -0.11
CA PRO A 435 -5.54 -13.99 -0.23
C PRO A 435 -5.07 -12.59 0.05
N ILE A 436 -3.85 -12.41 0.51
CA ILE A 436 -3.47 -11.09 1.02
C ILE A 436 -3.42 -10.06 -0.11
N GLU A 437 -2.94 -10.44 -1.31
CA GLU A 437 -2.91 -9.45 -2.37
C GLU A 437 -4.33 -8.98 -2.75
N GLN A 438 -5.34 -9.85 -2.64
CA GLN A 438 -6.69 -9.40 -2.86
C GLN A 438 -7.20 -8.54 -1.70
N TYR A 439 -6.82 -8.88 -0.46
CA TYR A 439 -7.18 -8.02 0.66
C TYR A 439 -6.67 -6.59 0.42
N ILE A 440 -5.46 -6.46 -0.09
CA ILE A 440 -4.89 -5.12 -0.33
C ILE A 440 -5.68 -4.40 -1.42
N ARG A 441 -5.93 -5.08 -2.53
CA ARG A 441 -6.67 -4.44 -3.61
C ARG A 441 -8.09 -4.08 -3.19
N ASP A 442 -8.76 -4.99 -2.50
CA ASP A 442 -10.13 -4.74 -2.06
C ASP A 442 -10.21 -3.64 -1.01
N SER A 443 -9.15 -3.47 -0.22
CA SER A 443 -9.20 -2.45 0.85
C SER A 443 -8.71 -1.04 0.42
N LYS A 444 -8.12 -0.91 -0.76
CA LYS A 444 -7.62 0.42 -1.19
C LYS A 444 -8.79 1.41 -1.31
N ILE A 445 -9.96 0.94 -1.70
CA ILE A 445 -11.13 1.80 -1.89
C ILE A 445 -11.60 2.38 -0.57
N ASP A 446 -11.23 1.78 0.55
CA ASP A 446 -11.78 2.24 1.82
C ASP A 446 -11.32 3.62 2.20
N SER A 447 -10.22 4.12 1.61
CA SER A 447 -9.78 5.47 1.92
C SER A 447 -10.48 6.50 1.04
N LEU A 448 -11.32 6.04 0.11
CA LEU A 448 -11.88 6.88 -0.95
C LEU A 448 -13.41 6.96 -0.88
N TYR A 449 -14.12 5.85 -1.04
CA TYR A 449 -15.56 6.03 -1.04
C TYR A 449 -16.06 6.28 0.40
N ALA A 450 -17.32 6.71 0.45
CA ALA A 450 -17.94 7.23 1.69
C ALA A 450 -17.20 8.44 2.24
N GLY A 451 -16.51 9.20 1.39
CA GLY A 451 -15.73 10.32 1.84
C GLY A 451 -14.25 10.03 1.99
N THR A 452 -13.41 10.75 1.25
CA THR A 452 -11.99 10.53 1.31
C THR A 452 -11.45 10.83 2.70
N THR A 453 -10.27 10.29 2.96
CA THR A 453 -9.61 10.57 4.23
C THR A 453 -9.56 12.05 4.53
N ALA A 454 -9.24 12.89 3.54
CA ALA A 454 -9.17 14.33 3.79
C ALA A 454 -10.53 14.85 4.26
N ILE A 455 -11.61 14.36 3.62
CA ILE A 455 -12.94 14.76 3.99
C ILE A 455 -13.28 14.25 5.38
N GLN A 456 -12.79 13.06 5.75
CA GLN A 456 -12.98 12.57 7.12
C GLN A 456 -12.27 13.49 8.10
N ALA A 457 -11.02 13.86 7.78
CA ALA A 457 -10.25 14.66 8.73
C ALA A 457 -10.86 16.05 8.88
N GLN A 458 -11.39 16.59 7.80
CA GLN A 458 -12.02 17.90 7.87
C GLN A 458 -13.35 17.85 8.62
N ASP A 459 -14.13 16.79 8.42
CA ASP A 459 -15.32 16.52 9.26
C ASP A 459 -14.95 16.45 10.74
N PHE A 460 -13.97 15.62 11.07
CA PHE A 460 -13.54 15.44 12.46
C PHE A 460 -13.20 16.80 13.12
N PHE A 461 -12.34 17.58 12.47
CA PHE A 461 -11.88 18.81 13.13
C PHE A 461 -12.96 19.88 13.11
N PHE A 462 -13.50 20.19 11.93
CA PHE A 462 -14.37 21.37 11.82
C PHE A 462 -15.75 21.11 12.43
N ARG A 463 -16.32 19.96 12.14
CA ARG A 463 -17.67 19.65 12.61
C ARG A 463 -17.70 18.92 13.94
N LYS A 464 -16.84 17.92 14.13
CA LYS A 464 -16.97 17.08 15.32
C LYS A 464 -16.19 17.62 16.52
N ILE A 465 -15.31 18.59 16.32
CA ILE A 465 -14.59 19.24 17.39
C ILE A 465 -14.98 20.71 17.48
N ILE A 466 -14.70 21.51 16.43
CA ILE A 466 -14.90 22.97 16.57
C ILE A 466 -16.37 23.30 16.74
N ARG A 467 -17.22 22.86 15.80
CA ARG A 467 -18.65 23.11 15.91
C ARG A 467 -19.22 22.52 17.20
N ASP A 468 -18.67 21.41 17.67
CA ASP A 468 -19.12 20.75 18.88
C ASP A 468 -18.64 21.42 20.15
N LYS A 469 -17.82 22.47 20.03
CA LYS A 469 -17.16 23.15 21.14
C LYS A 469 -16.31 22.20 21.96
N GLY A 470 -15.79 21.15 21.33
CA GLY A 470 -14.91 20.24 22.01
C GLY A 470 -15.52 19.35 23.07
N GLN A 471 -16.83 19.25 23.17
CA GLN A 471 -17.44 18.54 24.30
C GLN A 471 -17.20 17.05 24.21
N ALA A 472 -17.49 16.44 23.05
CA ALA A 472 -17.21 15.03 22.89
C ALA A 472 -15.72 14.74 23.03
N LEU A 473 -14.87 15.59 22.44
CA LEU A 473 -13.43 15.35 22.55
C LEU A 473 -12.97 15.43 24.00
N ALA A 474 -13.52 16.37 24.75
CA ALA A 474 -13.13 16.47 26.15
C ALA A 474 -13.60 15.27 26.95
N TYR A 475 -14.79 14.75 26.64
CA TYR A 475 -15.23 13.53 27.32
C TYR A 475 -14.21 12.39 27.12
N VAL A 476 -13.85 12.11 25.88
CA VAL A 476 -12.97 10.99 25.65
C VAL A 476 -11.61 11.26 26.29
N ALA A 477 -11.08 12.48 26.13
CA ALA A 477 -9.79 12.78 26.74
C ALA A 477 -9.84 12.57 28.26
N GLY A 478 -10.97 12.93 28.88
CA GLY A 478 -11.13 12.68 30.30
C GLY A 478 -11.13 11.23 30.71
N GLU A 479 -11.62 10.34 29.84
CA GLU A 479 -11.58 8.92 30.15
C GLU A 479 -10.15 8.40 30.03
N ILE A 480 -9.40 8.90 29.05
CA ILE A 480 -7.99 8.51 28.92
C ILE A 480 -7.22 8.98 30.14
N GLU A 481 -7.43 10.23 30.52
CA GLU A 481 -6.74 10.78 31.68
C GLU A 481 -7.03 9.94 32.94
N GLN A 482 -8.28 9.53 33.11
CA GLN A 482 -8.64 8.73 34.29
C GLN A 482 -7.90 7.38 34.31
N PHE A 483 -7.77 6.74 33.16
CA PHE A 483 -7.03 5.50 33.08
C PHE A 483 -5.59 5.74 33.46
N ILE A 484 -5.00 6.82 32.93
CA ILE A 484 -3.60 7.14 33.21
C ILE A 484 -3.40 7.33 34.70
N LYS A 485 -4.29 8.04 35.35
CA LYS A 485 -4.08 8.36 36.75
C LYS A 485 -4.44 7.23 37.70
N ASN A 486 -5.11 6.19 37.20
CA ASN A 486 -5.45 4.91 37.88
C ASN A 486 -5.71 5.06 39.38
N GLY A 491 0.84 -0.58 38.47
CA GLY A 491 2.24 -0.92 38.65
C GLY A 491 2.85 -1.63 37.43
N ARG A 492 2.24 -2.77 37.09
CA ARG A 492 2.66 -3.49 35.88
C ARG A 492 2.36 -2.69 34.62
N LEU A 493 1.42 -1.72 34.65
CA LEU A 493 1.16 -0.89 33.48
C LEU A 493 1.65 0.55 33.67
N LYS A 494 2.61 0.75 34.57
CA LYS A 494 3.07 2.11 34.84
C LYS A 494 3.79 2.69 33.64
N THR A 495 4.67 1.92 33.00
CA THR A 495 5.36 2.42 31.82
C THR A 495 4.37 2.76 30.72
N GLU A 496 3.37 1.90 30.48
CA GLU A 496 2.38 2.15 29.44
C GLU A 496 1.57 3.41 29.76
N ARG A 497 1.20 3.60 31.04
CA ARG A 497 0.45 4.79 31.41
C ARG A 497 1.29 6.05 31.24
N GLU A 498 2.59 5.96 31.49
CA GLU A 498 3.44 7.13 31.27
C GLU A 498 3.51 7.47 29.78
N LEU A 499 3.61 6.44 28.93
CA LEU A 499 3.66 6.67 27.48
C LEU A 499 2.32 7.20 26.96
N LEU A 500 1.23 6.72 27.52
CA LEU A 500 -0.08 7.24 27.17
C LEU A 500 -0.23 8.68 27.60
N ALA A 501 0.35 9.06 28.75
CA ALA A 501 0.27 10.44 29.20
C ALA A 501 0.99 11.35 28.23
N THR A 502 2.14 10.92 27.75
CA THR A 502 2.86 11.71 26.74
C THR A 502 2.01 11.87 25.48
N ALA A 503 1.43 10.78 25.01
CA ALA A 503 0.63 10.81 23.79
C ALA A 503 -0.62 11.69 23.94
N LEU A 504 -1.30 11.61 25.10
CA LEU A 504 -2.45 12.48 25.32
C LEU A 504 -2.02 13.95 25.25
N ALA A 505 -0.91 14.29 25.90
CA ALA A 505 -0.41 15.65 25.88
C ALA A 505 -0.01 16.05 24.46
N ASP A 506 0.51 15.10 23.69
CA ASP A 506 0.87 15.36 22.31
C ASP A 506 -0.37 15.68 21.49
N VAL A 507 -1.43 14.86 21.62
CA VAL A 507 -2.65 15.13 20.88
C VAL A 507 -3.30 16.43 21.36
N GLN A 508 -3.26 16.70 22.67
CA GLN A 508 -3.79 17.98 23.15
C GLN A 508 -3.06 19.14 22.50
N GLY A 509 -1.73 19.03 22.36
CA GLY A 509 -0.96 20.12 21.76
C GLY A 509 -1.30 20.30 20.29
N MET A 510 -1.48 19.18 19.56
CA MET A 510 -1.89 19.29 18.17
C MET A 510 -3.23 20.00 18.05
N ALA A 511 -4.20 19.62 18.90
CA ALA A 511 -5.52 20.22 18.84
C ALA A 511 -5.45 21.72 19.09
N ALA A 512 -4.61 22.13 20.04
CA ALA A 512 -4.44 23.54 20.36
C ALA A 512 -3.76 24.31 19.24
N SER A 513 -2.73 23.72 18.61
CA SER A 513 -2.09 24.40 17.49
C SER A 513 -3.07 24.62 16.36
N LEU A 514 -3.77 23.55 15.95
CA LEU A 514 -4.71 23.65 14.84
C LEU A 514 -5.84 24.62 15.16
N THR A 515 -6.33 24.60 16.39
CA THR A 515 -7.37 25.57 16.76
C THR A 515 -6.86 27.00 16.63
N GLY A 516 -5.64 27.23 17.06
CA GLY A 516 -5.04 28.54 16.90
C GLY A 516 -4.94 28.95 15.45
N TYR A 517 -4.53 28.01 14.57
CA TYR A 517 -4.47 28.34 13.16
C TYR A 517 -5.84 28.72 12.61
N LEU A 518 -6.88 28.01 13.05
CA LEU A 518 -8.23 28.30 12.59
C LEU A 518 -8.68 29.68 13.09
N MET A 519 -8.53 29.93 14.37
CA MET A 519 -9.03 31.18 14.96
C MET A 519 -8.22 32.36 14.41
N ALA A 520 -6.94 32.18 14.16
CA ALA A 520 -6.13 33.25 13.63
C ALA A 520 -6.56 33.62 12.21
N ALA A 521 -7.33 32.74 11.55
CA ALA A 521 -7.75 33.04 10.19
C ALA A 521 -8.69 34.23 10.15
N GLN A 522 -9.25 34.64 11.29
CA GLN A 522 -10.12 35.82 11.28
C GLN A 522 -9.35 37.07 10.83
N GLU A 523 -8.10 37.17 11.21
CA GLU A 523 -7.27 38.32 10.88
C GLU A 523 -6.29 38.03 9.75
N ASP A 524 -6.06 36.75 9.42
CA ASP A 524 -5.09 36.40 8.39
C ASP A 524 -5.65 35.16 7.69
N ALA A 525 -6.37 35.40 6.59
CA ALA A 525 -7.22 34.36 5.99
C ALA A 525 -6.43 33.07 5.70
N ALA A 526 -5.21 33.21 5.22
CA ALA A 526 -4.39 32.06 4.79
C ALA A 526 -3.98 31.17 5.95
N SER A 527 -4.13 31.63 7.18
CA SER A 527 -3.83 30.83 8.35
C SER A 527 -4.60 29.53 8.31
N ILE A 528 -5.79 29.54 7.74
CA ILE A 528 -6.64 28.36 7.71
C ILE A 528 -5.99 27.23 6.93
N TYR A 529 -5.10 27.55 6.01
CA TYR A 529 -4.49 26.47 5.23
C TYR A 529 -3.68 25.54 6.12
N LYS A 530 -3.09 26.06 7.19
CA LYS A 530 -2.32 25.21 8.10
C LYS A 530 -3.22 24.18 8.79
N VAL A 531 -4.49 24.51 9.04
CA VAL A 531 -5.43 23.49 9.50
C VAL A 531 -5.53 22.38 8.46
N GLY A 532 -5.69 22.77 7.19
CA GLY A 532 -5.78 21.74 6.16
C GLY A 532 -4.53 20.89 6.05
N LEU A 533 -3.36 21.52 6.16
CA LEU A 533 -2.10 20.81 6.07
C LEU A 533 -1.95 19.81 7.20
N GLY A 534 -2.43 20.13 8.39
CA GLY A 534 -2.27 19.21 9.50
C GLY A 534 -3.42 18.29 9.78
N SER A 535 -4.54 18.41 9.08
CA SER A 535 -5.78 17.77 9.52
C SER A 535 -5.67 16.25 9.52
N VAL A 536 -5.12 15.67 8.46
CA VAL A 536 -5.09 14.20 8.38
C VAL A 536 -4.12 13.63 9.42
N ARG A 537 -2.95 14.25 9.59
CA ARG A 537 -2.02 13.78 10.61
C ARG A 537 -2.63 13.83 12.01
N PHE A 538 -3.45 14.85 12.27
CA PHE A 538 -4.16 14.95 13.54
C PHE A 538 -5.17 13.82 13.71
N LEU A 539 -5.97 13.55 12.66
CA LEU A 539 -6.90 12.43 12.72
C LEU A 539 -6.16 11.13 13.01
N MET A 540 -5.05 10.90 12.31
CA MET A 540 -4.31 9.65 12.54
C MET A 540 -3.72 9.60 13.94
N ALA A 541 -3.23 10.73 14.45
CA ALA A 541 -2.69 10.74 15.79
C ALA A 541 -3.74 10.39 16.81
N VAL A 542 -4.96 10.93 16.67
CA VAL A 542 -6.03 10.57 17.60
C VAL A 542 -6.31 9.07 17.52
N GLY A 543 -6.33 8.51 16.32
CA GLY A 543 -6.53 7.07 16.19
C GLY A 543 -5.47 6.27 16.92
N ASP A 544 -4.19 6.67 16.78
CA ASP A 544 -3.13 5.96 17.48
C ASP A 544 -3.30 6.09 18.98
N LEU A 545 -3.63 7.30 19.46
CA LEU A 545 -3.89 7.49 20.89
C LEU A 545 -5.01 6.59 21.39
N LEU A 546 -6.11 6.52 20.64
CA LEU A 546 -7.24 5.68 21.06
C LEU A 546 -6.88 4.22 21.02
N SER A 547 -6.12 3.79 19.99
CA SER A 547 -5.61 2.43 19.94
C SER A 547 -4.78 2.08 21.17
N GLY A 548 -3.83 2.96 21.52
CA GLY A 548 -2.97 2.68 22.65
C GLY A 548 -3.76 2.58 23.94
N TRP A 549 -4.69 3.50 24.13
CA TRP A 549 -5.52 3.53 25.34
C TRP A 549 -6.36 2.27 25.44
N LEU A 550 -7.05 1.92 24.36
CA LEU A 550 -7.92 0.74 24.40
C LEU A 550 -7.11 -0.54 24.56
N LEU A 551 -5.96 -0.65 23.89
CA LEU A 551 -5.09 -1.80 24.14
C LEU A 551 -4.64 -1.86 25.60
N ALA A 552 -4.28 -0.70 26.17
CA ALA A 552 -3.89 -0.67 27.58
C ALA A 552 -5.05 -1.07 28.50
N ARG A 553 -6.27 -0.64 28.19
CA ARG A 553 -7.44 -1.11 28.94
C ARG A 553 -7.62 -2.63 28.83
N GLN A 554 -7.44 -3.18 27.62
CA GLN A 554 -7.46 -4.63 27.46
C GLN A 554 -6.39 -5.31 28.31
N ALA A 555 -5.19 -4.73 28.32
CA ALA A 555 -4.11 -5.30 29.10
C ALA A 555 -4.47 -5.27 30.59
N ALA A 556 -5.15 -4.23 31.02
CA ALA A 556 -5.52 -4.16 32.45
C ALA A 556 -6.53 -5.26 32.80
N VAL A 557 -7.52 -5.48 31.93
CA VAL A 557 -8.41 -6.62 32.12
C VAL A 557 -7.62 -7.94 32.10
N ALA A 558 -6.68 -8.09 31.15
CA ALA A 558 -5.95 -9.35 31.04
C ALA A 558 -5.15 -9.65 32.31
N ILE A 559 -4.54 -8.63 32.89
CA ILE A 559 -3.81 -8.80 34.14
C ILE A 559 -4.74 -9.31 35.23
N GLU A 560 -5.93 -8.72 35.33
CA GLU A 560 -6.91 -9.17 36.31
C GLU A 560 -7.26 -10.64 36.10
N LYS A 561 -7.52 -11.02 34.84
CA LYS A 561 -7.91 -12.39 34.54
C LYS A 561 -6.74 -13.36 34.76
N LEU A 562 -5.52 -12.93 34.46
CA LEU A 562 -4.38 -13.79 34.73
C LEU A 562 -4.19 -13.98 36.25
N ASP A 563 -4.30 -12.91 37.02
CA ASP A 563 -4.17 -13.00 38.48
C ASP A 563 -5.25 -13.87 39.09
N ALA A 564 -6.42 -13.93 38.47
CA ALA A 564 -7.49 -14.80 38.92
C ALA A 564 -7.31 -16.25 38.52
N GLY A 565 -6.26 -16.59 37.78
CA GLY A 565 -5.96 -17.96 37.47
C GLY A 565 -6.30 -18.46 36.09
N ALA A 566 -6.34 -17.58 35.09
CA ALA A 566 -6.54 -18.05 33.72
C ALA A 566 -5.48 -19.09 33.33
N THR A 567 -5.91 -20.07 32.56
CA THR A 567 -5.06 -21.14 32.12
C THR A 567 -5.23 -21.38 30.63
N GLY A 568 -4.28 -22.12 30.06
CA GLY A 568 -4.48 -22.64 28.72
C GLY A 568 -4.58 -21.56 27.66
N ALA A 569 -5.52 -21.75 26.73
CA ALA A 569 -5.67 -20.82 25.63
C ALA A 569 -6.17 -19.47 26.11
N ASP A 570 -6.99 -19.43 27.17
CA ASP A 570 -7.31 -18.14 27.78
C ASP A 570 -6.04 -17.41 28.22
N LYS A 571 -5.17 -18.13 28.93
CA LYS A 571 -3.95 -17.52 29.42
C LYS A 571 -3.10 -16.97 28.25
N SER A 572 -2.94 -17.76 27.18
CA SER A 572 -2.19 -17.25 26.02
C SER A 572 -2.84 -15.98 25.47
N PHE A 573 -4.17 -15.96 25.40
CA PHE A 573 -4.87 -14.80 24.86
C PHE A 573 -4.56 -13.56 25.69
N TYR A 574 -4.68 -13.67 27.03
CA TYR A 574 -4.43 -12.51 27.90
C TYR A 574 -2.97 -12.06 27.87
N GLU A 575 -2.03 -13.03 27.78
CA GLU A 575 -0.63 -12.68 27.63
C GLU A 575 -0.37 -11.87 26.37
N GLY A 576 -1.07 -12.24 25.30
CA GLY A 576 -0.93 -11.51 24.05
C GLY A 576 -1.42 -10.08 24.16
N LYS A 577 -2.50 -9.84 24.92
CA LYS A 577 -3.01 -8.48 25.11
C LYS A 577 -2.04 -7.60 25.86
N ILE A 578 -1.42 -8.15 26.91
CA ILE A 578 -0.39 -7.42 27.64
C ILE A 578 0.76 -7.06 26.71
N ALA A 579 1.21 -8.04 25.91
CA ALA A 579 2.34 -7.82 25.00
C ALA A 579 1.99 -6.78 23.93
N ALA A 580 0.77 -6.83 23.40
CA ALA A 580 0.39 -5.89 22.35
C ALA A 580 0.29 -4.47 22.89
N ALA A 581 -0.33 -4.30 24.08
CA ALA A 581 -0.40 -2.96 24.66
C ALA A 581 0.97 -2.38 24.90
N SER A 582 1.89 -3.19 25.43
CA SER A 582 3.21 -2.71 25.74
C SER A 582 3.96 -2.36 24.46
N PHE A 583 3.92 -3.26 23.48
CA PHE A 583 4.57 -3.01 22.21
C PHE A 583 4.03 -1.74 21.54
N PHE A 584 2.72 -1.56 21.55
CA PHE A 584 2.13 -0.39 20.91
C PHE A 584 2.53 0.89 21.61
N ALA A 585 2.51 0.87 22.94
CA ALA A 585 2.90 2.05 23.69
C ALA A 585 4.34 2.45 23.40
N LYS A 586 5.22 1.46 23.28
CA LYS A 586 6.63 1.73 23.13
C LYS A 586 7.07 2.01 21.71
N ASN A 587 6.36 1.48 20.70
CA ASN A 587 6.83 1.56 19.32
C ASN A 587 5.96 2.44 18.41
N MET A 588 4.71 2.70 18.78
CA MET A 588 3.82 3.52 17.99
C MET A 588 3.56 4.87 18.65
N LEU A 589 3.25 4.89 19.94
CA LEU A 589 2.89 6.17 20.55
C LEU A 589 4.00 7.22 20.49
N PRO A 590 5.29 6.90 20.68
CA PRO A 590 6.29 7.99 20.76
C PRO A 590 6.34 8.85 19.53
N LEU A 591 5.96 8.31 18.37
CA LEU A 591 6.03 9.11 17.14
C LEU A 591 5.10 10.31 17.19
N LEU A 592 4.06 10.25 18.01
CA LEU A 592 3.17 11.39 18.09
C LEU A 592 3.88 12.67 18.63
N THR A 593 4.95 12.50 19.38
CA THR A 593 5.68 13.67 19.85
C THR A 593 6.30 14.42 18.69
N SER A 594 6.88 13.69 17.74
CA SER A 594 7.45 14.36 16.57
C SER A 594 6.34 14.93 15.70
N THR A 595 5.22 14.22 15.57
CA THR A 595 4.10 14.77 14.80
C THR A 595 3.58 16.05 15.44
N ARG A 596 3.54 16.11 16.76
CA ARG A 596 3.09 17.34 17.40
C ARG A 596 4.00 18.51 17.02
N GLN A 597 5.30 18.29 17.12
CA GLN A 597 6.27 19.33 16.79
C GLN A 597 6.19 19.73 15.34
N ILE A 598 5.95 18.76 14.45
CA ILE A 598 5.74 19.10 13.05
C ILE A 598 4.50 19.97 12.88
N ILE A 599 3.38 19.58 13.52
CA ILE A 599 2.15 20.38 13.41
C ILE A 599 2.35 21.79 13.99
N GLU A 600 3.07 21.89 15.11
CA GLU A 600 3.37 23.20 15.70
C GLU A 600 4.23 24.09 14.81
N ASN A 601 4.90 23.52 13.81
CA ASN A 601 5.79 24.28 12.94
C ASN A 601 5.30 24.44 11.51
N LEU A 602 4.08 24.03 11.22
CA LEU A 602 3.51 24.15 9.89
C LEU A 602 3.59 25.58 9.38
N ASP A 603 3.86 25.74 8.09
CA ASP A 603 3.91 27.07 7.48
C ASP A 603 3.27 26.98 6.11
N ASN A 604 3.06 28.15 5.51
CA ASN A 604 2.33 28.20 4.24
C ASN A 604 3.22 28.20 3.01
N ASP A 605 4.50 27.87 3.17
CA ASP A 605 5.40 27.88 2.01
C ASP A 605 4.85 26.99 0.88
N VAL A 606 4.32 25.82 1.23
CA VAL A 606 3.85 24.91 0.19
C VAL A 606 2.60 25.44 -0.48
N MET A 607 1.85 26.34 0.17
CA MET A 607 0.68 26.97 -0.43
C MET A 607 1.07 28.15 -1.31
N GLU A 608 2.19 28.79 -1.01
CA GLU A 608 2.60 29.95 -1.80
C GLU A 608 3.32 29.54 -3.08
N LEU A 609 3.84 28.32 -3.12
CA LEU A 609 4.59 27.84 -4.28
C LEU A 609 3.73 27.85 -5.52
N ASP A 610 4.32 28.35 -6.62
CA ASP A 610 3.63 28.31 -7.89
C ASP A 610 3.32 26.86 -8.27
N GLU A 611 2.11 26.65 -8.77
CA GLU A 611 1.72 25.31 -9.23
C GLU A 611 2.69 24.75 -10.26
N ALA A 612 3.28 25.62 -11.09
CA ALA A 612 4.21 25.15 -12.12
C ALA A 612 5.51 24.61 -11.54
N ALA A 613 5.80 24.86 -10.27
CA ALA A 613 7.03 24.38 -9.67
C ALA A 613 6.90 22.93 -9.20
N PHE A 614 5.71 22.38 -9.18
CA PHE A 614 5.53 20.97 -8.72
C PHE A 614 6.05 20.01 -9.78
N ARG B 1 -9.72 -1.96 -19.87
CA ARG B 1 -9.62 -0.48 -19.76
C ARG B 1 -8.25 -0.08 -19.22
N GLY B 2 -7.68 1.02 -19.73
CA GLY B 2 -6.40 1.49 -19.21
C GLY B 2 -5.84 2.59 -20.07
N SER B 3 -4.82 3.23 -19.50
CA SER B 3 -4.15 4.35 -20.16
C SER B 3 -3.00 3.84 -21.04
N MET B 4 -3.07 4.09 -22.34
CA MET B 4 -1.97 3.70 -23.21
C MET B 4 -0.70 4.49 -22.87
N SER B 5 -0.78 5.83 -23.04
CA SER B 5 0.34 6.74 -22.83
C SER B 5 0.49 7.06 -21.33
N HIS B 6 0.63 6.01 -20.52
CA HIS B 6 0.62 6.22 -19.08
C HIS B 6 1.91 6.84 -18.56
N TYR B 7 3.02 6.61 -19.26
CA TYR B 7 4.33 6.87 -18.68
C TYR B 7 4.67 8.35 -18.85
N LYS B 8 4.94 9.04 -17.75
CA LYS B 8 5.38 10.43 -17.77
C LYS B 8 6.81 10.47 -17.25
N SER B 9 7.74 10.87 -18.12
CA SER B 9 9.16 10.82 -17.81
C SER B 9 9.62 12.14 -17.18
N ASN B 10 10.84 12.15 -16.70
CA ASN B 10 11.45 13.34 -16.13
C ASN B 10 12.94 13.44 -16.47
N VAL B 11 13.22 13.61 -17.76
CA VAL B 11 14.59 13.80 -18.19
C VAL B 11 15.19 15.04 -17.53
N ARG B 12 14.41 16.11 -17.40
CA ARG B 12 14.96 17.37 -16.87
C ARG B 12 15.54 17.18 -15.49
N ASP B 13 14.84 16.43 -14.64
CA ASP B 13 15.37 16.16 -13.30
C ASP B 13 16.60 15.25 -13.37
N GLN B 14 16.61 14.30 -14.30
CA GLN B 14 17.78 13.45 -14.44
C GLN B 14 19.02 14.27 -14.80
N VAL B 15 18.86 15.15 -15.81
CA VAL B 15 19.99 15.96 -16.27
C VAL B 15 20.41 16.93 -15.19
N PHE B 16 19.45 17.51 -14.47
CA PHE B 16 19.80 18.34 -13.32
C PHE B 16 20.72 17.61 -12.36
N ASN B 17 20.34 16.38 -11.94
CA ASN B 17 21.17 15.60 -11.03
C ASN B 17 22.52 15.28 -11.66
N LEU B 18 22.50 14.76 -12.91
CA LEU B 18 23.74 14.27 -13.50
C LEU B 18 24.76 15.39 -13.70
N PHE B 19 24.29 16.55 -14.15
CA PHE B 19 25.22 17.61 -14.57
C PHE B 19 25.31 18.75 -13.58
N GLU B 20 24.21 19.19 -12.99
CA GLU B 20 24.25 20.35 -12.12
C GLU B 20 24.51 19.99 -10.68
N VAL B 21 24.21 18.77 -10.24
CA VAL B 21 24.44 18.38 -8.86
C VAL B 21 25.72 17.57 -8.73
N PHE B 22 25.84 16.47 -9.48
CA PHE B 22 26.92 15.52 -9.28
C PHE B 22 28.09 15.75 -10.23
N GLY B 23 27.90 16.51 -11.29
CA GLY B 23 29.01 16.87 -12.18
C GLY B 23 29.53 15.71 -13.00
N VAL B 24 28.65 14.78 -13.38
CA VAL B 24 29.09 13.62 -14.14
C VAL B 24 29.66 14.05 -15.49
N ASP B 25 29.33 15.26 -15.95
CA ASP B 25 29.86 15.70 -17.23
C ASP B 25 31.35 15.96 -17.15
N LYS B 26 31.93 16.07 -15.94
CA LYS B 26 33.37 16.18 -15.82
C LYS B 26 34.09 15.03 -16.51
N VAL B 27 33.54 13.81 -16.44
CA VAL B 27 34.24 12.66 -16.97
C VAL B 27 33.89 12.39 -18.42
N LEU B 28 32.84 13.04 -18.95
CA LEU B 28 32.45 12.82 -20.33
C LEU B 28 33.47 13.49 -21.26
N GLY B 29 33.94 12.75 -22.25
CA GLY B 29 35.03 13.18 -23.09
C GLY B 29 36.41 12.87 -22.57
N ALA B 30 36.52 12.05 -21.52
CA ALA B 30 37.81 11.77 -20.92
C ALA B 30 37.93 10.31 -20.55
N ASP B 31 39.11 9.74 -20.80
CA ASP B 31 39.48 8.39 -20.34
C ASP B 31 38.45 7.41 -20.88
N LYS B 32 37.85 6.57 -20.04
CA LYS B 32 36.94 5.53 -20.54
C LYS B 32 35.83 6.12 -21.40
N PHE B 33 35.45 7.37 -21.15
CA PHE B 33 34.34 8.02 -21.81
C PHE B 33 34.78 9.06 -22.83
N SER B 34 35.95 8.82 -23.43
CA SER B 34 36.52 9.75 -24.39
C SER B 34 35.60 10.02 -25.56
N ASP B 35 34.83 9.03 -25.99
CA ASP B 35 34.01 9.16 -27.19
C ASP B 35 32.57 9.58 -26.89
N LEU B 36 32.24 9.96 -25.66
CA LEU B 36 30.88 10.34 -25.31
C LEU B 36 30.89 11.71 -24.67
N ASP B 37 30.22 12.68 -25.29
CA ASP B 37 30.17 14.01 -24.73
C ASP B 37 28.80 14.28 -24.12
N ALA B 38 28.71 15.43 -23.43
CA ALA B 38 27.52 15.75 -22.65
C ALA B 38 26.29 15.93 -23.53
N ASP B 39 26.46 16.55 -24.69
CA ASP B 39 25.33 16.71 -25.60
C ASP B 39 24.79 15.36 -26.03
N THR B 40 25.67 14.41 -26.30
CA THR B 40 25.24 13.10 -26.76
C THR B 40 24.50 12.35 -25.65
N ALA B 41 24.99 12.49 -24.41
CA ALA B 41 24.31 11.87 -23.28
C ALA B 41 22.90 12.42 -23.11
N ARG B 42 22.73 13.73 -23.31
CA ARG B 42 21.41 14.34 -23.20
C ARG B 42 20.50 13.83 -24.30
N GLU B 43 21.05 13.71 -25.53
CA GLU B 43 20.25 13.21 -26.63
C GLU B 43 19.80 11.77 -26.38
N MET B 44 20.68 10.96 -25.81
CA MET B 44 20.32 9.57 -25.53
C MET B 44 19.19 9.51 -24.51
N LEU B 45 19.24 10.36 -23.49
CA LEU B 45 18.17 10.39 -22.48
C LEU B 45 16.84 10.81 -23.11
N THR B 46 16.86 11.86 -23.92
CA THR B 46 15.65 12.26 -24.63
C THR B 46 15.13 11.14 -25.53
N GLU B 47 16.05 10.47 -26.26
CA GLU B 47 15.61 9.43 -27.20
C GLU B 47 14.94 8.26 -26.48
N ILE B 48 15.54 7.78 -25.41
CA ILE B 48 14.94 6.62 -24.74
C ILE B 48 13.70 7.05 -23.99
N ALA B 49 13.65 8.29 -23.50
CA ALA B 49 12.43 8.75 -22.82
C ALA B 49 11.28 8.82 -23.83
N ARG B 50 11.57 9.28 -25.06
CA ARG B 50 10.55 9.27 -26.10
C ARG B 50 10.11 7.86 -26.46
N LEU B 51 11.05 6.95 -26.65
CA LEU B 51 10.68 5.57 -26.98
C LEU B 51 9.88 4.93 -25.86
N ALA B 52 10.29 5.17 -24.63
CA ALA B 52 9.56 4.67 -23.47
C ALA B 52 8.14 5.24 -23.40
N GLU B 53 7.96 6.55 -23.55
CA GLU B 53 6.61 7.11 -23.52
C GLU B 53 5.76 6.63 -24.69
N GLY B 54 6.39 6.21 -25.79
CA GLY B 54 5.67 5.74 -26.97
C GLY B 54 5.55 4.23 -26.98
N PRO B 55 6.34 3.59 -27.83
CA PRO B 55 6.15 2.16 -28.09
C PRO B 55 6.33 1.26 -26.86
N ILE B 56 7.16 1.61 -25.89
CA ILE B 56 7.33 0.73 -24.74
C ILE B 56 6.13 0.82 -23.81
N ALA B 57 5.74 2.03 -23.43
CA ALA B 57 4.56 2.19 -22.56
C ALA B 57 3.27 1.72 -23.21
N GLU B 58 3.25 1.67 -24.54
CA GLU B 58 2.01 1.33 -25.24
C GLU B 58 1.44 -0.02 -24.84
N SER B 59 2.27 -0.98 -24.43
CA SER B 59 1.81 -2.30 -24.08
C SER B 59 1.75 -2.55 -22.58
N PHE B 60 1.90 -1.51 -21.75
CA PHE B 60 1.92 -1.70 -20.29
C PHE B 60 0.61 -2.28 -19.79
N VAL B 61 -0.53 -1.69 -20.22
CA VAL B 61 -1.83 -2.21 -19.87
C VAL B 61 -2.02 -3.61 -20.44
N GLU B 62 -1.71 -3.79 -21.73
CA GLU B 62 -1.93 -5.07 -22.40
C GLU B 62 -1.25 -6.23 -21.65
N GLY B 63 -0.02 -6.00 -21.19
CA GLY B 63 0.70 -7.06 -20.54
C GLY B 63 0.03 -7.49 -19.27
N ASP B 64 -0.63 -6.57 -18.60
CA ASP B 64 -1.35 -6.89 -17.37
C ASP B 64 -2.73 -7.46 -17.62
N ARG B 65 -3.45 -6.93 -18.63
CA ARG B 65 -4.81 -7.37 -18.87
C ARG B 65 -4.89 -8.68 -19.65
N ASN B 66 -3.86 -8.97 -20.44
CA ASN B 66 -3.80 -10.16 -21.29
C ASN B 66 -2.51 -10.88 -21.03
N PRO B 67 -2.36 -11.50 -19.85
CA PRO B 67 -1.06 -11.93 -19.42
C PRO B 67 -0.60 -13.20 -20.11
N PRO B 68 0.67 -13.53 -19.93
CA PRO B 68 1.27 -14.70 -20.59
C PRO B 68 0.52 -15.99 -20.30
N VAL B 69 0.54 -16.88 -21.29
CA VAL B 69 -0.17 -18.14 -21.19
C VAL B 69 0.84 -19.26 -21.32
N PHE B 70 0.78 -20.22 -20.41
CA PHE B 70 1.72 -21.33 -20.34
C PHE B 70 1.13 -22.57 -21.00
N ASP B 71 1.88 -23.20 -21.91
CA ASP B 71 1.53 -24.51 -22.42
C ASP B 71 2.36 -25.55 -21.69
N PRO B 72 1.76 -26.34 -20.78
CA PRO B 72 2.54 -27.28 -19.97
C PRO B 72 3.07 -28.46 -20.75
N GLU B 73 2.56 -28.71 -21.96
CA GLU B 73 3.07 -29.80 -22.80
C GLU B 73 4.34 -29.40 -23.56
N THR B 74 4.43 -28.18 -24.02
CA THR B 74 5.66 -27.69 -24.66
C THR B 74 6.59 -27.03 -23.68
N HIS B 75 6.14 -26.78 -22.45
CA HIS B 75 6.94 -26.06 -21.46
C HIS B 75 7.36 -24.70 -22.00
N THR B 76 6.43 -23.99 -22.65
CA THR B 76 6.74 -22.68 -23.18
C THR B 76 5.63 -21.67 -22.83
N VAL B 77 6.00 -20.40 -22.85
CA VAL B 77 5.08 -19.31 -22.56
C VAL B 77 4.82 -18.52 -23.82
N THR B 78 3.57 -18.09 -23.99
CA THR B 78 3.20 -17.15 -25.05
C THR B 78 3.01 -15.77 -24.43
N LEU B 79 3.71 -14.78 -24.95
CA LEU B 79 3.55 -13.43 -24.47
C LEU B 79 2.57 -12.68 -25.35
N PRO B 80 1.86 -11.66 -24.81
CA PRO B 80 0.93 -10.90 -25.67
C PRO B 80 1.66 -10.17 -26.78
N GLU B 81 0.98 -10.08 -27.93
CA GLU B 81 1.63 -9.56 -29.14
C GLU B 81 2.13 -8.14 -29.00
N GLY B 82 1.32 -7.24 -28.39
CA GLY B 82 1.76 -5.87 -28.24
C GLY B 82 2.97 -5.73 -27.36
N PHE B 83 3.14 -6.61 -26.35
CA PHE B 83 4.33 -6.53 -25.51
C PHE B 83 5.56 -6.97 -26.31
N LYS B 84 5.43 -8.01 -27.15
CA LYS B 84 6.57 -8.39 -27.96
C LYS B 84 6.95 -7.28 -28.95
N LYS B 85 5.98 -6.53 -29.43
CA LYS B 85 6.29 -5.41 -30.30
C LYS B 85 7.09 -4.35 -29.56
N SER B 86 6.73 -4.07 -28.29
CA SER B 86 7.54 -3.19 -27.46
C SER B 86 8.96 -3.70 -27.27
N MET B 87 9.11 -4.99 -26.98
CA MET B 87 10.43 -5.58 -26.88
C MET B 87 11.23 -5.35 -28.16
N ARG B 88 10.61 -5.57 -29.32
CA ARG B 88 11.37 -5.39 -30.55
C ARG B 88 11.81 -3.95 -30.75
N ALA B 89 11.02 -2.98 -30.30
CA ALA B 89 11.44 -1.60 -30.37
C ALA B 89 12.63 -1.34 -29.48
N LEU B 90 12.63 -1.95 -28.30
CA LEU B 90 13.80 -1.91 -27.43
C LEU B 90 15.02 -2.48 -28.14
N PHE B 91 14.89 -3.70 -28.73
CA PHE B 91 16.05 -4.31 -29.33
C PHE B 91 16.53 -3.49 -30.53
N ASP B 92 15.59 -3.00 -31.33
CA ASP B 92 15.95 -2.29 -32.56
C ASP B 92 16.71 -1.01 -32.27
N GLY B 93 16.52 -0.43 -31.11
CA GLY B 93 17.31 0.72 -30.72
C GLY B 93 18.54 0.43 -29.93
N GLY B 94 18.85 -0.84 -29.66
CA GLY B 94 20.04 -1.18 -28.90
C GLY B 94 19.93 -0.98 -27.41
N TRP B 95 18.72 -0.84 -26.90
CA TRP B 95 18.52 -0.54 -25.49
C TRP B 95 18.61 -1.78 -24.60
N ASP B 96 18.83 -2.98 -25.14
CA ASP B 96 19.26 -4.09 -24.29
C ASP B 96 20.76 -4.13 -24.10
N LYS B 97 21.47 -3.18 -24.66
CA LYS B 97 22.93 -3.12 -24.54
C LYS B 97 23.41 -1.83 -23.86
N VAL B 98 22.56 -1.20 -23.04
CA VAL B 98 22.96 0.05 -22.38
C VAL B 98 24.08 -0.24 -21.41
N GLY B 99 25.22 0.43 -21.60
CA GLY B 99 26.34 0.25 -20.71
C GLY B 99 27.05 -1.08 -20.83
N LEU B 100 26.74 -1.85 -21.88
CA LEU B 100 27.50 -3.07 -22.17
C LEU B 100 28.92 -2.67 -22.54
N ALA B 101 29.90 -3.49 -22.12
CA ALA B 101 31.29 -3.24 -22.43
C ALA B 101 31.48 -3.09 -23.94
N GLU B 102 32.41 -2.22 -24.32
CA GLU B 102 32.63 -1.95 -25.73
C GLU B 102 32.94 -3.24 -26.50
N HIS B 103 33.74 -4.14 -25.90
CA HIS B 103 34.10 -5.37 -26.60
C HIS B 103 32.92 -6.31 -26.82
N LEU B 104 31.82 -6.13 -26.09
CA LEU B 104 30.60 -6.89 -26.33
C LEU B 104 29.63 -6.16 -27.23
N GLY B 105 29.95 -4.93 -27.64
CA GLY B 105 29.12 -4.18 -28.56
C GLY B 105 28.43 -2.96 -27.97
N GLY B 106 28.70 -2.62 -26.72
CA GLY B 106 28.07 -1.48 -26.08
C GLY B 106 28.78 -0.17 -26.31
N ILE B 107 28.17 0.89 -25.79
CA ILE B 107 28.72 2.24 -25.78
C ILE B 107 29.22 2.53 -24.38
N PRO B 108 30.52 2.73 -24.18
CA PRO B 108 31.01 3.01 -22.83
C PRO B 108 30.37 4.26 -22.26
N MET B 109 29.89 4.16 -21.02
CA MET B 109 29.26 5.31 -20.39
C MET B 109 29.33 5.15 -18.88
N PRO B 110 29.26 6.24 -18.13
CA PRO B 110 29.20 6.09 -16.67
C PRO B 110 27.91 5.39 -16.26
N ARG B 111 28.01 4.64 -15.16
CA ARG B 111 26.85 3.90 -14.65
C ARG B 111 25.71 4.83 -14.27
N ALA B 112 26.04 6.05 -13.81
CA ALA B 112 25.01 7.03 -13.50
C ALA B 112 24.14 7.34 -14.72
N LEU B 113 24.76 7.49 -15.89
CA LEU B 113 24.01 7.68 -17.13
C LEU B 113 23.26 6.41 -17.50
N GLN B 114 23.90 5.25 -17.38
CA GLN B 114 23.26 3.99 -17.72
C GLN B 114 21.95 3.81 -16.95
N TRP B 115 21.98 4.04 -15.63
CA TRP B 115 20.77 3.79 -14.85
C TRP B 115 19.72 4.87 -15.11
N ALA B 116 20.13 6.11 -15.45
CA ALA B 116 19.17 7.12 -15.85
C ALA B 116 18.47 6.72 -17.15
N LEU B 117 19.21 6.12 -18.11
CA LEU B 117 18.57 5.64 -19.31
C LEU B 117 17.58 4.52 -18.99
N ILE B 118 18.03 3.55 -18.18
CA ILE B 118 17.20 2.41 -17.83
C ILE B 118 15.95 2.84 -17.05
N GLU B 119 16.03 3.89 -16.24
CA GLU B 119 14.88 4.36 -15.50
C GLU B 119 13.67 4.48 -16.39
N HIS B 120 13.86 4.97 -17.62
CA HIS B 120 12.72 5.20 -18.49
C HIS B 120 12.05 3.90 -18.87
N ILE B 121 12.83 2.85 -19.14
CA ILE B 121 12.22 1.59 -19.47
C ILE B 121 11.47 1.03 -18.27
N LEU B 122 12.06 1.16 -17.08
CA LEU B 122 11.45 0.64 -15.85
C LEU B 122 10.19 1.40 -15.49
N GLY B 123 10.11 2.70 -15.77
CA GLY B 123 8.84 3.38 -15.55
C GLY B 123 7.77 3.06 -16.58
N ALA B 124 8.16 2.83 -17.83
CA ALA B 124 7.18 2.60 -18.88
C ALA B 124 6.68 1.18 -18.92
N ASN B 125 7.50 0.19 -18.56
CA ASN B 125 7.07 -1.21 -18.72
C ASN B 125 8.20 -2.04 -18.13
N PRO B 126 8.29 -2.12 -16.80
CA PRO B 126 9.52 -2.63 -16.20
C PRO B 126 9.83 -4.03 -16.59
N ALA B 127 8.82 -4.87 -16.83
CA ALA B 127 9.11 -6.24 -17.26
C ALA B 127 9.86 -6.29 -18.58
N ALA B 128 9.66 -5.29 -19.44
CA ALA B 128 10.43 -5.24 -20.69
C ALA B 128 11.90 -5.13 -20.41
N TYR B 129 12.29 -4.32 -19.41
CA TYR B 129 13.71 -4.25 -19.12
C TYR B 129 14.19 -5.60 -18.59
N MET B 130 13.41 -6.24 -17.72
CA MET B 130 13.84 -7.51 -17.15
C MET B 130 14.12 -8.52 -18.25
N TYR B 131 13.21 -8.61 -19.23
CA TYR B 131 13.44 -9.56 -20.32
C TYR B 131 14.71 -9.22 -21.09
N ALA B 132 15.09 -7.93 -21.11
CA ALA B 132 16.19 -7.41 -21.89
C ALA B 132 17.52 -7.39 -21.16
N MET B 133 17.62 -7.99 -19.98
CA MET B 133 18.86 -7.99 -19.20
C MET B 133 19.86 -9.06 -19.64
N GLY B 134 19.58 -9.82 -20.69
CA GLY B 134 20.45 -10.90 -21.09
C GLY B 134 21.88 -10.47 -21.40
N PRO B 135 22.05 -9.46 -22.25
CA PRO B 135 23.40 -9.00 -22.54
C PRO B 135 24.15 -8.55 -21.31
N GLY B 136 23.47 -7.86 -20.39
CA GLY B 136 24.10 -7.53 -19.12
C GLY B 136 24.58 -8.75 -18.34
N MET B 137 23.77 -9.82 -18.37
CA MET B 137 24.20 -11.07 -17.75
C MET B 137 25.36 -11.70 -18.51
N SER B 138 25.33 -11.60 -19.86
CA SER B 138 26.44 -12.08 -20.64
C SER B 138 27.73 -11.42 -20.22
N GLU B 139 27.68 -10.11 -19.94
CA GLU B 139 28.89 -9.40 -19.51
C GLU B 139 29.38 -9.92 -18.16
N ILE B 140 28.46 -10.23 -17.24
CA ILE B 140 28.90 -10.80 -15.97
C ILE B 140 29.50 -12.19 -16.16
N PHE B 141 28.89 -13.01 -17.00
CA PHE B 141 29.44 -14.31 -17.33
C PHE B 141 30.83 -14.15 -17.95
N TYR B 142 30.98 -13.25 -18.89
CA TYR B 142 32.29 -12.93 -19.47
C TYR B 142 33.30 -12.63 -18.39
N ASN B 143 32.96 -11.72 -17.49
CA ASN B 143 33.93 -11.28 -16.50
C ASN B 143 34.34 -12.43 -15.57
N ASN B 144 33.46 -13.40 -15.35
CA ASN B 144 33.73 -14.52 -14.46
C ASN B 144 34.18 -15.79 -15.19
N GLY B 145 34.25 -15.76 -16.47
CA GLY B 145 34.43 -16.97 -17.24
C GLY B 145 35.88 -17.26 -17.60
N THR B 146 36.11 -18.51 -17.99
CA THR B 146 37.36 -18.89 -18.65
C THR B 146 37.47 -18.19 -20.00
N ASP B 147 38.67 -18.27 -20.60
CA ASP B 147 38.82 -17.76 -21.97
C ASP B 147 37.79 -18.35 -22.93
N GLU B 148 37.56 -19.66 -22.88
CA GLU B 148 36.56 -20.26 -23.76
C GLU B 148 35.15 -19.73 -23.44
N GLN B 149 34.82 -19.59 -22.16
CA GLN B 149 33.49 -19.11 -21.76
C GLN B 149 33.29 -17.68 -22.22
N LYS B 150 34.36 -16.89 -22.27
CA LYS B 150 34.28 -15.52 -22.76
C LYS B 150 33.91 -15.48 -24.22
N LYS B 151 34.31 -16.48 -24.97
CA LYS B 151 33.89 -16.60 -26.38
C LYS B 151 32.38 -16.81 -26.45
N TRP B 152 31.83 -17.67 -25.60
CA TRP B 152 30.40 -17.92 -25.63
C TRP B 152 29.65 -16.69 -25.16
N ALA B 153 30.14 -16.02 -24.11
CA ALA B 153 29.52 -14.77 -23.63
C ALA B 153 29.47 -13.72 -24.72
N THR B 154 30.52 -13.63 -25.55
CA THR B 154 30.57 -12.65 -26.65
C THR B 154 29.55 -12.98 -27.70
N ILE B 155 29.39 -14.26 -28.04
CA ILE B 155 28.33 -14.69 -28.96
C ILE B 155 26.97 -14.33 -28.39
N ALA B 156 26.75 -14.66 -27.11
CA ALA B 156 25.43 -14.43 -26.50
C ALA B 156 25.04 -12.96 -26.49
N ALA B 157 26.00 -12.09 -26.20
CA ALA B 157 25.74 -10.66 -26.20
C ALA B 157 25.46 -10.15 -27.61
N GLU B 158 26.28 -10.59 -28.58
CA GLU B 158 26.04 -10.19 -29.96
C GLU B 158 24.67 -10.65 -30.44
N ARG B 159 24.28 -11.86 -30.08
CA ARG B 159 23.03 -12.41 -30.56
C ARG B 159 21.84 -11.98 -29.69
N GLY B 160 22.09 -11.33 -28.56
CA GLY B 160 20.98 -10.84 -27.74
C GLY B 160 20.23 -11.92 -27.00
N TRP B 161 20.91 -12.99 -26.61
CA TRP B 161 20.24 -14.04 -25.84
C TRP B 161 19.70 -13.48 -24.54
N GLY B 162 18.61 -14.04 -24.11
CA GLY B 162 18.06 -13.77 -22.81
C GLY B 162 18.79 -14.52 -21.69
N ALA B 163 18.41 -14.20 -20.46
CA ALA B 163 19.12 -14.78 -19.33
C ALA B 163 18.23 -14.82 -18.10
N THR B 164 18.55 -15.76 -17.21
CA THR B 164 17.90 -15.87 -15.91
C THR B 164 18.97 -16.02 -14.82
N MET B 165 18.60 -15.66 -13.60
CA MET B 165 19.38 -15.96 -12.41
C MET B 165 18.54 -16.96 -11.60
N VAL B 166 19.12 -18.11 -11.31
CA VAL B 166 18.35 -19.26 -10.85
C VAL B 166 18.90 -19.68 -9.49
N LEU B 167 18.31 -19.12 -8.44
CA LEU B 167 18.71 -19.43 -7.08
C LEU B 167 17.61 -20.16 -6.31
N THR B 168 16.41 -19.59 -6.31
CA THR B 168 15.38 -19.95 -5.34
C THR B 168 14.80 -21.34 -5.51
N GLU B 169 14.53 -21.98 -4.39
CA GLU B 169 13.79 -23.22 -4.33
C GLU B 169 12.67 -23.07 -3.32
N PRO B 170 11.70 -23.97 -3.34
CA PRO B 170 10.61 -23.84 -2.35
C PRO B 170 11.06 -23.71 -0.92
N ASP B 171 12.13 -24.42 -0.52
CA ASP B 171 12.66 -24.31 0.84
C ASP B 171 13.88 -23.40 0.96
N ALA B 172 14.25 -22.69 -0.11
CA ALA B 172 15.45 -21.85 -0.08
C ALA B 172 15.16 -20.57 -0.84
N GLY B 173 14.66 -19.57 -0.12
CA GLY B 173 14.40 -18.26 -0.68
C GLY B 173 15.35 -17.26 -0.08
N SER B 174 15.04 -16.75 1.11
CA SER B 174 16.01 -15.92 1.79
C SER B 174 17.26 -16.72 2.11
N ASP B 175 17.09 -17.96 2.53
CA ASP B 175 18.19 -18.82 2.96
C ASP B 175 18.68 -19.61 1.74
N VAL B 176 19.38 -18.89 0.86
CA VAL B 176 19.88 -19.48 -0.38
C VAL B 176 20.68 -20.75 -0.09
N GLY B 177 21.48 -20.71 0.98
CA GLY B 177 22.32 -21.84 1.36
C GLY B 177 21.60 -23.11 1.65
N ALA B 178 20.27 -23.07 1.80
CA ALA B 178 19.53 -24.29 2.04
C ALA B 178 19.22 -25.00 0.74
N GLY B 179 19.65 -24.50 -0.42
CA GLY B 179 19.25 -25.12 -1.67
C GLY B 179 19.79 -26.55 -1.82
N ARG B 180 18.99 -27.40 -2.46
CA ARG B 180 19.30 -28.80 -2.65
C ARG B 180 19.53 -29.18 -4.10
N THR B 181 19.29 -28.29 -5.06
CA THR B 181 19.61 -28.62 -6.45
C THR B 181 21.06 -29.10 -6.48
N LYS B 182 21.30 -30.20 -7.22
CA LYS B 182 22.62 -30.86 -7.20
C LYS B 182 23.28 -30.81 -8.56
N ALA B 183 24.61 -30.90 -8.55
CA ALA B 183 25.40 -30.93 -9.77
C ALA B 183 26.26 -32.19 -9.72
N VAL B 184 26.20 -32.97 -10.79
CA VAL B 184 26.87 -34.28 -10.89
C VAL B 184 27.95 -34.15 -11.94
N GLN B 185 29.21 -34.33 -11.54
CA GLN B 185 30.30 -34.08 -12.48
C GLN B 185 30.37 -35.21 -13.51
N GLN B 186 30.61 -34.85 -14.73
CA GLN B 186 30.76 -35.80 -15.83
C GLN B 186 32.24 -36.00 -16.14
N PRO B 187 32.60 -37.14 -16.72
CA PRO B 187 34.02 -37.36 -17.02
C PRO B 187 34.59 -36.31 -17.94
N ASP B 188 33.82 -35.79 -18.90
CA ASP B 188 34.36 -34.77 -19.81
C ASP B 188 34.40 -33.35 -19.21
N GLY B 189 34.07 -33.19 -17.94
CA GLY B 189 34.18 -31.90 -17.27
C GLY B 189 32.93 -31.05 -17.25
N THR B 190 31.90 -31.41 -18.02
CA THR B 190 30.57 -30.82 -17.84
C THR B 190 29.91 -31.38 -16.58
N TRP B 191 28.75 -30.79 -16.24
CA TRP B 191 27.98 -31.19 -15.07
C TRP B 191 26.55 -31.42 -15.49
N HIS B 192 25.88 -32.33 -14.82
CA HIS B 192 24.44 -32.53 -14.98
C HIS B 192 23.75 -31.97 -13.72
N ILE B 193 22.82 -31.05 -13.93
CA ILE B 193 22.17 -30.32 -12.85
C ILE B 193 20.83 -31.00 -12.67
N GLU B 194 20.49 -31.30 -11.41
CA GLU B 194 19.25 -31.96 -11.08
C GLU B 194 18.57 -31.24 -9.92
N GLY B 195 17.37 -30.75 -10.17
CA GLY B 195 16.62 -30.08 -9.12
C GLY B 195 15.49 -29.28 -9.70
N VAL B 196 14.71 -28.69 -8.80
CA VAL B 196 13.54 -27.91 -9.17
C VAL B 196 13.69 -26.56 -8.48
N LYS B 197 13.71 -25.51 -9.27
CA LYS B 197 13.85 -24.13 -8.83
C LYS B 197 12.49 -23.46 -9.00
N ARG B 198 12.24 -22.39 -8.25
CA ARG B 198 10.93 -21.72 -8.19
C ARG B 198 11.11 -20.22 -8.32
N PHE B 199 10.08 -19.56 -8.85
CA PHE B 199 10.01 -18.11 -8.96
C PHE B 199 11.04 -17.51 -9.92
N ILE B 200 11.39 -18.22 -10.99
CA ILE B 200 12.48 -17.78 -11.85
C ILE B 200 11.92 -16.84 -12.92
N THR B 201 12.33 -15.59 -12.86
CA THR B 201 11.90 -14.56 -13.79
C THR B 201 12.47 -14.86 -15.18
N SER B 202 11.60 -14.82 -16.18
CA SER B 202 11.98 -14.92 -17.60
C SER B 202 12.48 -16.30 -18.01
N ALA B 203 12.15 -17.34 -17.28
CA ALA B 203 12.73 -18.65 -17.53
C ALA B 203 12.27 -19.23 -18.85
N ASP B 204 11.09 -18.80 -19.35
CA ASP B 204 10.80 -18.86 -20.77
C ASP B 204 10.26 -17.51 -21.23
N SER B 205 10.50 -17.18 -22.50
CA SER B 205 10.16 -15.85 -23.00
C SER B 205 9.66 -15.91 -24.43
N ASP B 206 8.84 -16.91 -24.71
CA ASP B 206 8.22 -17.09 -26.03
C ASP B 206 9.33 -17.06 -27.07
N ASP B 207 9.17 -16.31 -28.16
CA ASP B 207 10.13 -16.28 -29.25
C ASP B 207 10.91 -14.97 -29.27
N LEU B 208 11.06 -14.34 -28.11
CA LEU B 208 11.82 -13.10 -28.06
C LEU B 208 13.27 -13.32 -28.48
N PHE B 209 13.85 -14.44 -28.07
CA PHE B 209 15.27 -14.71 -28.19
C PHE B 209 15.49 -16.08 -28.81
N GLU B 210 16.67 -16.23 -29.38
CA GLU B 210 17.14 -17.51 -29.92
C GLU B 210 17.57 -18.50 -28.84
N ASN B 211 17.97 -18.02 -27.67
CA ASN B 211 18.43 -18.87 -26.61
C ASN B 211 18.29 -18.09 -25.31
N ILE B 212 18.37 -18.82 -24.22
CA ILE B 212 18.33 -18.25 -22.87
C ILE B 212 19.48 -18.87 -22.09
N MET B 213 20.28 -18.03 -21.45
CA MET B 213 21.32 -18.49 -20.54
C MET B 213 20.79 -18.52 -19.12
N HIS B 214 20.60 -19.72 -18.56
CA HIS B 214 20.25 -19.87 -17.15
C HIS B 214 21.54 -19.94 -16.35
N LEU B 215 21.74 -19.01 -15.44
CA LEU B 215 22.88 -19.07 -14.51
C LEU B 215 22.37 -19.65 -13.20
N VAL B 216 22.75 -20.89 -12.92
CA VAL B 216 22.10 -21.73 -11.90
C VAL B 216 23.06 -22.02 -10.75
N LEU B 217 22.60 -21.75 -9.53
CA LEU B 217 23.28 -22.21 -8.32
C LEU B 217 22.90 -23.65 -8.00
N ALA B 218 23.92 -24.49 -7.77
CA ALA B 218 23.68 -25.88 -7.47
C ALA B 218 24.83 -26.33 -6.58
N ARG B 219 24.59 -27.41 -5.82
CA ARG B 219 25.57 -27.96 -4.91
C ARG B 219 26.25 -29.18 -5.54
N PRO B 220 27.53 -29.11 -5.91
CA PRO B 220 28.22 -30.33 -6.38
C PRO B 220 28.06 -31.46 -5.36
N GLU B 221 27.92 -32.66 -5.88
CA GLU B 221 27.86 -33.82 -5.00
C GLU B 221 29.05 -33.83 -4.04
N GLY B 222 28.76 -34.01 -2.76
CA GLY B 222 29.80 -34.02 -1.76
C GLY B 222 30.31 -32.69 -1.30
N ALA B 223 29.77 -31.58 -1.83
CA ALA B 223 30.22 -30.28 -1.38
C ALA B 223 29.68 -30.00 0.01
N GLY B 224 30.23 -28.97 0.64
CA GLY B 224 29.82 -28.63 1.96
C GLY B 224 28.47 -27.92 1.97
N PRO B 225 27.97 -27.62 3.17
CA PRO B 225 26.65 -27.01 3.32
C PRO B 225 26.69 -25.49 3.17
N GLY B 226 25.49 -24.91 3.12
CA GLY B 226 25.41 -23.48 3.15
C GLY B 226 25.72 -22.89 1.79
N THR B 227 25.78 -21.55 1.76
CA THR B 227 26.10 -20.86 0.52
C THR B 227 27.51 -21.20 0.04
N LYS B 228 28.42 -21.44 0.98
CA LYS B 228 29.81 -21.65 0.61
C LYS B 228 29.99 -22.94 -0.16
N GLY B 229 29.06 -23.88 -0.05
CA GLY B 229 29.13 -25.10 -0.83
C GLY B 229 28.60 -25.00 -2.23
N LEU B 230 28.03 -23.86 -2.60
CA LEU B 230 27.35 -23.74 -3.88
C LEU B 230 28.32 -23.31 -4.96
N SER B 231 28.05 -23.82 -6.18
CA SER B 231 28.74 -23.44 -7.38
C SER B 231 27.72 -22.87 -8.37
N LEU B 232 28.24 -22.16 -9.34
CA LEU B 232 27.43 -21.46 -10.34
C LEU B 232 27.69 -22.09 -11.70
N PHE B 233 26.61 -22.44 -12.41
CA PHE B 233 26.66 -23.15 -13.68
C PHE B 233 25.94 -22.41 -14.79
N PHE B 234 26.58 -22.37 -15.94
CA PHE B 234 25.99 -21.91 -17.21
C PHE B 234 25.17 -23.04 -17.79
N VAL B 235 23.84 -22.87 -17.84
CA VAL B 235 22.93 -23.92 -18.30
C VAL B 235 22.08 -23.31 -19.43
N PRO B 236 22.45 -23.49 -20.70
CA PRO B 236 21.70 -22.86 -21.80
C PRO B 236 20.42 -23.63 -22.08
N LYS B 237 19.38 -22.88 -22.43
CA LYS B 237 18.13 -23.50 -22.84
C LYS B 237 18.37 -24.48 -23.99
N PHE B 238 19.11 -24.03 -25.00
CA PHE B 238 19.51 -24.85 -26.12
C PHE B 238 21.02 -25.03 -26.08
N HIS B 239 21.47 -26.27 -26.29
CA HIS B 239 22.88 -26.44 -26.69
C HIS B 239 23.14 -25.63 -27.93
N PHE B 240 24.42 -25.28 -28.14
CA PHE B 240 24.80 -24.52 -29.31
C PHE B 240 26.24 -24.86 -29.69
N ASP B 241 26.57 -24.45 -30.90
CA ASP B 241 27.93 -24.62 -31.43
C ASP B 241 28.81 -23.57 -30.78
N HIS B 242 29.77 -24.01 -29.97
CA HIS B 242 30.57 -23.06 -29.23
C HIS B 242 31.42 -22.18 -30.11
N GLU B 243 31.65 -22.57 -31.36
CA GLU B 243 32.45 -21.73 -32.25
C GLU B 243 31.60 -20.69 -32.98
N THR B 244 30.42 -21.09 -33.48
CA THR B 244 29.60 -20.21 -34.29
C THR B 244 28.37 -19.63 -33.60
N GLY B 245 27.92 -20.24 -32.51
CA GLY B 245 26.67 -19.86 -31.92
C GLY B 245 25.44 -20.49 -32.50
N GLU B 246 25.59 -21.32 -33.53
CA GLU B 246 24.43 -21.96 -34.13
C GLU B 246 23.67 -22.81 -33.10
N ILE B 247 22.36 -22.61 -33.06
CA ILE B 247 21.57 -23.27 -32.01
C ILE B 247 21.41 -24.75 -32.32
N GLY B 248 21.57 -25.59 -31.29
CA GLY B 248 21.48 -27.02 -31.39
C GLY B 248 20.34 -27.62 -30.62
N GLU B 249 20.59 -28.78 -30.01
CA GLU B 249 19.55 -29.59 -29.38
C GLU B 249 19.10 -28.92 -28.09
N ARG B 250 17.82 -29.15 -27.74
CA ARG B 250 17.27 -28.64 -26.48
C ARG B 250 17.94 -29.29 -25.27
N ASN B 251 18.45 -28.46 -24.37
CA ASN B 251 19.01 -28.86 -23.08
C ASN B 251 17.87 -29.16 -22.12
N GLY B 252 18.15 -29.97 -21.13
CA GLY B 252 17.16 -30.56 -20.24
C GLY B 252 16.66 -29.68 -19.12
N VAL B 253 16.29 -28.46 -19.46
CA VAL B 253 15.88 -27.46 -18.47
C VAL B 253 14.53 -26.88 -18.94
N PHE B 254 13.48 -27.18 -18.19
CA PHE B 254 12.11 -26.98 -18.66
C PHE B 254 11.25 -26.27 -17.62
N VAL B 255 10.59 -25.22 -18.07
CA VAL B 255 9.58 -24.58 -17.23
C VAL B 255 8.40 -25.52 -17.01
N THR B 256 7.99 -25.69 -15.72
CA THR B 256 6.91 -26.60 -15.36
C THR B 256 5.76 -25.89 -14.66
N ASN B 257 5.87 -24.58 -14.42
CA ASN B 257 4.73 -23.83 -13.90
C ASN B 257 5.02 -22.36 -14.14
N VAL B 258 3.93 -21.56 -14.22
CA VAL B 258 4.04 -20.09 -14.30
C VAL B 258 3.07 -19.52 -13.29
N GLU B 259 3.58 -18.66 -12.42
CA GLU B 259 2.79 -18.20 -11.30
C GLU B 259 1.74 -17.18 -11.74
N HIS B 260 0.65 -17.11 -10.93
CA HIS B 260 -0.37 -16.07 -11.08
C HIS B 260 -0.12 -15.04 -9.99
N LYS B 261 0.22 -13.82 -10.40
CA LYS B 261 0.73 -12.81 -9.47
C LYS B 261 -0.19 -11.61 -9.35
N MET B 262 0.00 -10.85 -8.26
CA MET B 262 -0.73 -9.59 -8.04
C MET B 262 -0.49 -8.57 -9.15
N GLY B 263 0.75 -8.50 -9.62
CA GLY B 263 1.19 -7.55 -10.62
C GLY B 263 2.43 -8.10 -11.31
N LEU B 264 3.10 -7.22 -12.06
CA LEU B 264 4.19 -7.63 -12.95
C LEU B 264 3.79 -8.87 -13.73
N LYS B 265 2.54 -8.90 -14.14
CA LYS B 265 1.96 -10.13 -14.68
C LYS B 265 2.65 -10.55 -15.98
N VAL B 266 3.15 -9.60 -16.78
CA VAL B 266 3.74 -9.96 -18.08
C VAL B 266 5.13 -10.57 -17.95
N SER B 267 5.74 -10.46 -16.77
CA SER B 267 6.99 -11.16 -16.47
C SER B 267 6.70 -12.59 -16.03
N ALA B 268 7.03 -13.56 -16.89
CA ALA B 268 6.74 -14.96 -16.59
C ALA B 268 7.61 -15.41 -15.44
N THR B 269 7.00 -15.85 -14.35
CA THR B 269 7.69 -16.21 -13.11
C THR B 269 7.49 -17.72 -12.93
N CYS B 270 8.59 -18.46 -13.03
CA CYS B 270 8.50 -19.85 -13.44
C CYS B 270 9.12 -20.84 -12.46
N GLU B 271 8.47 -21.97 -12.33
CA GLU B 271 9.09 -23.16 -11.78
C GLU B 271 9.97 -23.75 -12.88
N LEU B 272 11.21 -24.03 -12.55
CA LEU B 272 12.21 -24.44 -13.55
C LEU B 272 12.78 -25.80 -13.14
N SER B 273 12.51 -26.82 -13.96
CA SER B 273 12.86 -28.20 -13.64
C SER B 273 14.10 -28.60 -14.42
N LEU B 274 15.13 -29.04 -13.72
CA LEU B 274 16.43 -29.34 -14.29
C LEU B 274 16.67 -30.84 -14.20
N GLY B 275 16.80 -31.50 -15.35
CA GLY B 275 17.12 -32.90 -15.37
C GLY B 275 16.00 -33.80 -14.89
N GLN B 276 14.74 -33.34 -14.94
CA GLN B 276 13.62 -34.11 -14.42
C GLN B 276 12.81 -34.82 -15.50
N HIS B 277 13.14 -34.61 -16.77
CA HIS B 277 12.33 -35.07 -17.88
C HIS B 277 13.07 -36.07 -18.76
N GLY B 278 14.04 -36.77 -18.19
CA GLY B 278 14.79 -37.77 -18.95
C GLY B 278 15.85 -37.19 -19.88
N ILE B 279 16.10 -35.89 -19.82
CA ILE B 279 17.11 -35.23 -20.64
C ILE B 279 18.03 -34.52 -19.67
N PRO B 280 19.33 -34.77 -19.69
CA PRO B 280 20.22 -34.04 -18.78
C PRO B 280 20.18 -32.53 -19.01
N ALA B 281 20.20 -31.78 -17.90
CA ALA B 281 20.48 -30.34 -17.89
C ALA B 281 21.98 -30.20 -17.77
N VAL B 282 22.64 -30.05 -18.92
CA VAL B 282 24.09 -29.90 -18.91
C VAL B 282 24.42 -28.48 -18.46
N GLY B 283 25.37 -28.37 -17.55
CA GLY B 283 25.87 -27.09 -17.10
C GLY B 283 27.38 -27.07 -17.12
N TRP B 284 27.92 -25.89 -17.31
CA TRP B 284 29.35 -25.65 -17.33
C TRP B 284 29.69 -24.77 -16.13
N LEU B 285 30.65 -25.22 -15.32
CA LEU B 285 31.07 -24.50 -14.13
C LEU B 285 31.63 -23.12 -14.49
N VAL B 286 31.02 -22.06 -13.96
CA VAL B 286 31.43 -20.71 -14.37
C VAL B 286 32.84 -20.45 -13.90
N GLY B 287 33.70 -20.03 -14.82
CA GLY B 287 35.11 -19.84 -14.50
C GLY B 287 35.88 -21.12 -14.22
N GLU B 288 35.26 -22.26 -14.36
CA GLU B 288 35.82 -23.53 -13.97
C GLU B 288 36.41 -23.49 -12.59
N VAL B 289 35.70 -22.79 -11.67
CA VAL B 289 36.06 -22.75 -10.25
C VAL B 289 34.78 -22.89 -9.45
N HIS B 290 34.92 -23.34 -8.21
CA HIS B 290 33.79 -23.52 -7.30
C HIS B 290 33.78 -22.28 -6.42
N ASN B 291 32.88 -21.35 -6.71
CA ASN B 291 32.82 -20.05 -6.04
C ASN B 291 31.45 -19.42 -6.25
N GLY B 292 30.41 -20.22 -6.07
CA GLY B 292 29.12 -19.87 -6.67
C GLY B 292 28.44 -18.66 -6.05
N ILE B 293 28.38 -18.58 -4.71
CA ILE B 293 27.65 -17.47 -4.11
C ILE B 293 28.36 -16.14 -4.38
N ALA B 294 29.69 -16.13 -4.33
CA ALA B 294 30.41 -14.94 -4.71
C ALA B 294 30.13 -14.54 -6.16
N GLN B 295 30.16 -15.50 -7.08
CA GLN B 295 29.92 -15.17 -8.48
C GLN B 295 28.50 -14.69 -8.68
N MET B 296 27.53 -15.37 -8.06
CA MET B 296 26.15 -15.00 -8.24
C MET B 296 25.88 -13.62 -7.64
N PHE B 297 26.63 -13.20 -6.62
CA PHE B 297 26.39 -11.85 -6.08
C PHE B 297 26.81 -10.74 -7.03
N ASP B 298 27.65 -11.02 -8.04
CA ASP B 298 27.80 -10.03 -9.11
C ASP B 298 26.45 -9.78 -9.78
N VAL B 299 25.64 -10.82 -9.91
CA VAL B 299 24.30 -10.68 -10.51
C VAL B 299 23.33 -10.04 -9.52
N ILE B 300 23.36 -10.50 -8.28
CA ILE B 300 22.42 -10.01 -7.28
C ILE B 300 22.59 -8.51 -7.09
N GLU B 301 23.83 -8.04 -7.05
CA GLU B 301 24.08 -6.60 -6.87
C GLU B 301 23.39 -5.78 -7.96
N GLN B 302 23.51 -6.24 -9.21
CA GLN B 302 22.85 -5.52 -10.30
C GLN B 302 21.34 -5.64 -10.20
N ALA B 303 20.83 -6.83 -9.82
CA ALA B 303 19.38 -6.99 -9.68
C ALA B 303 18.83 -6.07 -8.57
N ARG B 304 19.58 -5.91 -7.49
CA ARG B 304 19.08 -5.10 -6.40
C ARG B 304 19.07 -3.64 -6.80
N MET B 305 20.08 -3.19 -7.54
CA MET B 305 20.09 -1.83 -8.10
C MET B 305 18.92 -1.63 -9.03
N MET B 306 18.64 -2.64 -9.88
CA MET B 306 17.53 -2.52 -10.83
C MET B 306 16.22 -2.42 -10.10
N VAL B 307 16.05 -3.23 -9.05
CA VAL B 307 14.75 -3.27 -8.40
C VAL B 307 14.47 -1.99 -7.67
N GLY B 308 15.47 -1.41 -6.98
CA GLY B 308 15.25 -0.12 -6.38
C GLY B 308 15.01 0.96 -7.43
N THR B 309 15.76 0.95 -8.53
CA THR B 309 15.53 1.95 -9.57
C THR B 309 14.14 1.80 -10.17
N LYS B 310 13.67 0.57 -10.28
CA LYS B 310 12.33 0.31 -10.78
C LYS B 310 11.28 0.91 -9.89
N ALA B 311 11.39 0.68 -8.58
CA ALA B 311 10.45 1.28 -7.63
C ALA B 311 10.43 2.80 -7.76
N ILE B 312 11.62 3.40 -7.84
CA ILE B 312 11.74 4.85 -7.92
C ILE B 312 11.14 5.39 -9.22
N ALA B 313 11.43 4.70 -10.34
CA ALA B 313 10.89 5.10 -11.63
C ALA B 313 9.37 5.06 -11.63
N THR B 314 8.81 4.10 -10.91
CA THR B 314 7.36 3.93 -10.87
C THR B 314 6.71 5.00 -10.00
N LEU B 315 7.30 5.30 -8.85
CA LEU B 315 6.79 6.41 -8.06
C LEU B 315 6.82 7.73 -8.84
N SER B 316 7.87 7.95 -9.61
CA SER B 316 7.98 9.18 -10.37
C SER B 316 6.83 9.35 -11.36
N THR B 317 6.53 8.31 -12.15
CA THR B 317 5.43 8.45 -13.09
C THR B 317 4.10 8.41 -12.36
N GLY B 318 4.02 7.76 -11.22
CA GLY B 318 2.80 7.84 -10.43
C GLY B 318 2.54 9.27 -9.96
N TYR B 319 3.59 9.94 -9.44
CA TYR B 319 3.47 11.33 -9.02
C TYR B 319 3.08 12.22 -10.20
N LEU B 320 3.75 12.07 -11.33
CA LEU B 320 3.45 13.00 -12.43
C LEU B 320 2.03 12.79 -12.96
N ASN B 321 1.55 11.53 -12.94
CA ASN B 321 0.17 11.30 -13.31
C ASN B 321 -0.78 11.98 -12.33
N ALA B 322 -0.50 11.84 -11.04
CA ALA B 322 -1.37 12.44 -10.03
C ALA B 322 -1.37 13.96 -10.14
N LEU B 323 -0.19 14.55 -10.39
CA LEU B 323 -0.08 16.00 -10.51
C LEU B 323 -0.87 16.52 -11.69
N GLU B 324 -0.70 15.88 -12.86
CA GLU B 324 -1.47 16.26 -14.03
C GLU B 324 -2.97 16.16 -13.79
N TYR B 325 -3.43 15.09 -13.13
CA TYR B 325 -4.84 14.97 -12.79
C TYR B 325 -5.28 16.13 -11.90
N ALA B 326 -4.52 16.39 -10.83
CA ALA B 326 -4.91 17.38 -9.83
C ALA B 326 -4.98 18.79 -10.44
N LYS B 327 -4.12 19.10 -11.41
CA LYS B 327 -4.14 20.41 -12.02
C LYS B 327 -5.44 20.68 -12.74
N GLU B 328 -6.11 19.65 -13.23
CA GLU B 328 -7.32 19.83 -14.01
C GLU B 328 -8.60 19.48 -13.27
N ARG B 329 -8.54 18.77 -12.16
CA ARG B 329 -9.76 18.36 -11.47
C ARG B 329 -10.31 19.49 -10.63
N VAL B 330 -11.49 19.98 -10.98
CA VAL B 330 -12.17 21.01 -10.20
C VAL B 330 -13.04 20.34 -9.15
N GLN B 331 -12.86 20.72 -7.88
CA GLN B 331 -13.70 20.15 -6.83
C GLN B 331 -13.59 21.00 -5.58
N GLY B 332 -14.71 21.54 -5.15
CA GLY B 332 -14.74 22.28 -3.91
C GLY B 332 -14.34 23.73 -4.08
N ALA B 333 -14.42 24.45 -2.95
CA ALA B 333 -14.05 25.85 -2.91
C ALA B 333 -12.72 26.01 -2.19
N ASP B 334 -12.11 27.18 -2.34
CA ASP B 334 -10.89 27.42 -1.60
C ASP B 334 -11.18 27.37 -0.10
N MET B 335 -10.24 26.83 0.67
CA MET B 335 -10.47 26.76 2.10
C MET B 335 -10.79 28.12 2.74
N THR B 336 -10.22 29.20 2.20
CA THR B 336 -10.52 30.52 2.75
C THR B 336 -11.97 30.95 2.51
N GLN B 337 -12.71 30.24 1.66
CA GLN B 337 -14.10 30.54 1.36
C GLN B 337 -15.02 29.37 1.71
N MET B 338 -14.59 28.49 2.62
CA MET B 338 -15.32 27.25 2.86
C MET B 338 -16.76 27.51 3.28
N THR B 339 -17.00 28.59 4.03
CA THR B 339 -18.33 28.85 4.57
C THR B 339 -19.29 29.36 3.50
N ASP B 340 -18.76 29.99 2.46
CA ASP B 340 -19.56 30.56 1.38
C ASP B 340 -19.88 29.44 0.39
N LYS B 341 -21.08 28.91 0.46
CA LYS B 341 -21.45 27.83 -0.45
C LYS B 341 -21.76 28.31 -1.86
N THR B 342 -21.62 29.62 -2.12
CA THR B 342 -21.66 30.24 -3.44
C THR B 342 -20.25 30.47 -4.03
N ALA B 343 -19.18 30.16 -3.29
CA ALA B 343 -17.85 30.56 -3.72
C ALA B 343 -17.46 29.84 -5.02
N PRO B 344 -16.56 30.42 -5.81
CA PRO B 344 -16.09 29.72 -7.01
C PRO B 344 -15.46 28.39 -6.68
N ARG B 345 -15.65 27.42 -7.58
CA ARG B 345 -14.97 26.12 -7.43
C ARG B 345 -13.53 26.24 -7.90
N VAL B 346 -12.65 25.43 -7.33
CA VAL B 346 -11.21 25.54 -7.60
C VAL B 346 -10.69 24.17 -8.01
N THR B 347 -9.59 24.18 -8.76
CA THR B 347 -8.84 22.93 -8.99
C THR B 347 -8.23 22.45 -7.68
N ILE B 348 -8.10 21.12 -7.54
CA ILE B 348 -7.79 20.57 -6.24
C ILE B 348 -6.36 20.85 -5.82
N THR B 349 -5.46 21.31 -6.71
CA THR B 349 -4.16 21.75 -6.25
C THR B 349 -4.27 22.96 -5.30
N HIS B 350 -5.43 23.61 -5.22
CA HIS B 350 -5.63 24.69 -4.26
C HIS B 350 -5.87 24.20 -2.85
N HIS B 351 -6.15 22.89 -2.67
CA HIS B 351 -6.45 22.41 -1.33
C HIS B 351 -5.17 22.06 -0.57
N PRO B 352 -5.03 22.52 0.67
CA PRO B 352 -3.86 22.15 1.44
C PRO B 352 -3.53 20.66 1.46
N ASP B 353 -4.52 19.81 1.72
CA ASP B 353 -4.14 18.40 1.86
C ASP B 353 -3.61 17.84 0.54
N VAL B 354 -4.12 18.35 -0.59
CA VAL B 354 -3.62 17.90 -1.90
C VAL B 354 -2.19 18.41 -2.14
N ARG B 355 -1.92 19.66 -1.80
CA ARG B 355 -0.55 20.15 -1.92
C ARG B 355 0.38 19.40 -0.99
N ARG B 356 -0.07 19.08 0.22
CA ARG B 356 0.71 18.26 1.13
C ARG B 356 1.03 16.93 0.47
N SER B 357 0.01 16.27 -0.05
CA SER B 357 0.16 14.98 -0.70
C SER B 357 1.10 15.08 -1.89
N LEU B 358 0.89 16.08 -2.76
CA LEU B 358 1.74 16.21 -3.94
C LEU B 358 3.18 16.53 -3.56
N MET B 359 3.41 17.38 -2.55
CA MET B 359 4.81 17.66 -2.18
C MET B 359 5.48 16.45 -1.53
N THR B 360 4.71 15.65 -0.80
CA THR B 360 5.23 14.39 -0.27
C THR B 360 5.66 13.46 -1.40
N GLN B 361 4.81 13.28 -2.38
CA GLN B 361 5.16 12.48 -3.53
C GLN B 361 6.39 13.05 -4.25
N LYS B 362 6.39 14.36 -4.49
CA LYS B 362 7.50 15.01 -5.21
C LYS B 362 8.81 14.86 -4.49
N ALA B 363 8.84 15.20 -3.19
CA ALA B 363 10.09 15.18 -2.45
C ALA B 363 10.66 13.77 -2.37
N TYR B 364 9.79 12.76 -2.12
CA TYR B 364 10.31 11.39 -2.14
C TYR B 364 10.71 10.92 -3.54
N ALA B 365 9.94 11.22 -4.58
CA ALA B 365 10.34 10.77 -5.91
C ALA B 365 11.68 11.39 -6.30
N GLU B 366 11.84 12.68 -6.04
CA GLU B 366 13.08 13.36 -6.44
C GLU B 366 14.23 13.02 -5.52
N GLY B 367 13.98 12.88 -4.22
CA GLY B 367 15.02 12.43 -3.33
C GLY B 367 15.50 11.03 -3.64
N LEU B 368 14.59 10.14 -4.00
CA LEU B 368 14.98 8.79 -4.39
C LEU B 368 15.76 8.79 -5.69
N ARG B 369 15.33 9.56 -6.68
CA ARG B 369 16.15 9.70 -7.91
C ARG B 369 17.58 10.15 -7.58
N ALA B 370 17.71 11.14 -6.71
CA ALA B 370 19.03 11.58 -6.30
C ALA B 370 19.81 10.42 -5.66
N ILE B 371 19.16 9.66 -4.80
CA ILE B 371 19.85 8.56 -4.13
C ILE B 371 20.37 7.54 -5.14
N TYR B 372 19.54 7.11 -6.11
CA TYR B 372 20.10 6.04 -6.96
C TYR B 372 21.19 6.59 -7.88
N LEU B 373 21.04 7.84 -8.31
CA LEU B 373 22.09 8.46 -9.13
C LEU B 373 23.36 8.70 -8.33
N TYR B 374 23.23 9.20 -7.10
CA TYR B 374 24.38 9.28 -6.20
C TYR B 374 25.07 7.93 -6.05
N THR B 375 24.28 6.88 -5.81
CA THR B 375 24.87 5.55 -5.66
C THR B 375 25.66 5.16 -6.91
N ALA B 376 25.09 5.43 -8.04
CA ALA B 376 25.72 5.06 -9.30
C ALA B 376 27.02 5.83 -9.52
N THR B 377 27.16 7.04 -8.94
CA THR B 377 28.44 7.74 -9.10
C THR B 377 29.61 7.05 -8.36
N PHE B 378 29.35 6.05 -7.50
CA PHE B 378 30.39 5.29 -6.86
C PHE B 378 30.63 3.97 -7.58
N GLN B 379 29.89 3.70 -8.65
CA GLN B 379 30.04 2.41 -9.35
C GLN B 379 31.08 2.41 -10.45
N ASP B 380 31.64 3.56 -10.80
CA ASP B 380 32.83 3.64 -11.63
C ASP B 380 33.94 4.34 -10.84
N ALA B 381 35.13 3.70 -10.78
CA ALA B 381 36.24 4.32 -10.06
C ALA B 381 36.57 5.69 -10.63
N GLU B 382 36.51 5.84 -11.97
CA GLU B 382 36.87 7.11 -12.59
C GLU B 382 35.89 8.22 -12.25
N VAL B 383 34.59 7.90 -12.15
CA VAL B 383 33.60 8.88 -11.76
C VAL B 383 33.75 9.22 -10.29
N ALA B 384 33.89 8.20 -9.45
CA ALA B 384 34.06 8.45 -8.02
C ALA B 384 35.27 9.32 -7.75
N GLN B 385 36.38 9.06 -8.45
CA GLN B 385 37.57 9.90 -8.30
C GLN B 385 37.29 11.33 -8.75
N ALA B 386 36.69 11.50 -9.93
CA ALA B 386 36.52 12.82 -10.50
C ALA B 386 35.47 13.63 -9.76
N VAL B 387 34.36 13.02 -9.37
CA VAL B 387 33.29 13.82 -8.76
C VAL B 387 33.33 13.86 -7.22
N HIS B 388 33.94 12.87 -6.58
CA HIS B 388 33.96 12.76 -5.13
C HIS B 388 35.35 12.81 -4.53
N GLY B 389 36.39 12.65 -5.32
CA GLY B 389 37.75 12.50 -4.80
C GLY B 389 37.98 11.28 -3.95
N VAL B 390 37.31 10.17 -4.23
CA VAL B 390 37.48 8.96 -3.45
C VAL B 390 38.14 7.89 -4.32
N ASP B 391 39.07 7.14 -3.72
CA ASP B 391 39.77 6.06 -4.41
C ASP B 391 38.84 4.88 -4.70
N GLY B 392 39.34 3.93 -5.50
CA GLY B 392 38.51 2.83 -5.95
C GLY B 392 38.02 1.95 -4.81
N ASP B 393 38.86 1.77 -3.78
CA ASP B 393 38.47 0.86 -2.70
C ASP B 393 37.32 1.45 -1.87
N LEU B 394 37.43 2.71 -1.50
CA LEU B 394 36.36 3.36 -0.75
C LEU B 394 35.09 3.47 -1.60
N ALA B 395 35.25 3.81 -2.87
CA ALA B 395 34.10 3.91 -3.77
C ALA B 395 33.32 2.60 -3.78
N ALA B 396 34.02 1.47 -3.84
CA ALA B 396 33.31 0.20 -3.88
C ALA B 396 32.58 -0.03 -2.57
N ARG B 397 33.16 0.36 -1.44
CA ARG B 397 32.49 0.14 -0.16
C ARG B 397 31.31 1.09 0.03
N VAL B 398 31.39 2.28 -0.55
CA VAL B 398 30.25 3.21 -0.49
C VAL B 398 29.12 2.68 -1.38
N ASN B 399 29.43 2.28 -2.60
CA ASN B 399 28.40 1.67 -3.44
C ASN B 399 27.73 0.50 -2.70
N ASP B 400 28.55 -0.39 -2.10
CA ASP B 400 27.98 -1.53 -1.37
C ASP B 400 27.10 -1.09 -0.22
N LEU B 401 27.48 -0.03 0.48
CA LEU B 401 26.66 0.49 1.55
C LEU B 401 25.32 0.98 1.03
N LEU B 402 25.31 1.67 -0.12
CA LEU B 402 24.11 2.32 -0.59
C LEU B 402 23.16 1.37 -1.28
N LEU B 403 23.63 0.24 -1.79
CA LEU B 403 22.73 -0.66 -2.53
C LEU B 403 21.54 -1.11 -1.70
N PRO B 404 21.68 -1.52 -0.43
CA PRO B 404 20.47 -1.84 0.34
C PRO B 404 19.57 -0.65 0.59
N ILE B 405 20.07 0.57 0.55
CA ILE B 405 19.22 1.73 0.64
C ILE B 405 18.40 1.87 -0.65
N VAL B 406 19.07 1.88 -1.80
CA VAL B 406 18.37 1.92 -3.08
C VAL B 406 17.29 0.86 -3.10
N LYS B 407 17.64 -0.38 -2.77
CA LYS B 407 16.69 -1.47 -2.92
C LYS B 407 15.65 -1.46 -1.80
N GLY B 408 16.10 -1.45 -0.55
CA GLY B 408 15.19 -1.57 0.56
C GLY B 408 14.40 -0.32 0.84
N PHE B 409 15.08 0.81 0.99
CA PHE B 409 14.36 2.07 1.18
C PHE B 409 13.62 2.47 -0.07
N GLY B 410 14.20 2.27 -1.26
CA GLY B 410 13.50 2.65 -2.47
C GLY B 410 12.21 1.88 -2.66
N SER B 411 12.28 0.55 -2.53
CA SER B 411 11.09 -0.27 -2.73
C SER B 411 9.98 0.09 -1.76
N GLU B 412 10.32 0.19 -0.49
CA GLU B 412 9.33 0.42 0.57
C GLU B 412 8.72 1.81 0.45
N THR B 413 9.55 2.80 0.18
CA THR B 413 9.06 4.18 0.06
C THR B 413 8.18 4.35 -1.17
N ALA B 414 8.59 3.80 -2.30
CA ALA B 414 7.85 4.02 -3.53
C ALA B 414 6.46 3.46 -3.43
N TYR B 415 6.31 2.24 -2.88
CA TYR B 415 5.00 1.63 -2.72
C TYR B 415 4.13 2.43 -1.76
N ALA B 416 4.69 2.85 -0.65
CA ALA B 416 3.96 3.65 0.30
C ALA B 416 3.49 4.95 -0.29
N LYS B 417 4.38 5.66 -1.00
CA LYS B 417 3.94 6.99 -1.49
C LYS B 417 3.04 6.91 -2.73
N LEU B 418 3.05 5.78 -3.44
CA LEU B 418 2.05 5.62 -4.50
C LEU B 418 0.66 5.63 -3.93
N THR B 419 0.51 5.32 -2.64
CA THR B 419 -0.80 5.45 -2.00
C THR B 419 -1.31 6.87 -2.07
N GLU B 420 -0.42 7.83 -1.82
CA GLU B 420 -0.75 9.26 -1.99
C GLU B 420 -1.07 9.60 -3.42
N SER B 421 -0.32 9.06 -4.39
CA SER B 421 -0.63 9.30 -5.80
C SER B 421 -2.04 8.83 -6.13
N LEU B 422 -2.40 7.62 -5.70
CA LEU B 422 -3.75 7.15 -6.01
C LEU B 422 -4.78 8.04 -5.34
N GLN B 423 -4.56 8.37 -4.08
CA GLN B 423 -5.52 9.17 -3.29
C GLN B 423 -5.84 10.50 -3.98
N THR B 424 -4.86 11.06 -4.71
CA THR B 424 -5.01 12.34 -5.38
C THR B 424 -6.06 12.30 -6.46
N LEU B 425 -6.30 11.15 -7.05
CA LEU B 425 -7.33 10.96 -8.06
C LEU B 425 -8.71 10.74 -7.47
N GLY B 426 -8.83 10.64 -6.14
CA GLY B 426 -10.13 10.28 -5.55
C GLY B 426 -10.60 8.89 -5.95
N GLY B 427 -11.92 8.75 -6.12
CA GLY B 427 -12.47 7.45 -6.50
C GLY B 427 -11.92 6.96 -7.82
N SER B 428 -11.60 7.88 -8.73
CA SER B 428 -11.04 7.47 -10.03
C SER B 428 -9.70 6.75 -9.90
N GLY B 429 -8.99 6.96 -8.81
CA GLY B 429 -7.71 6.30 -8.58
C GLY B 429 -7.87 4.82 -8.44
N PHE B 430 -9.06 4.37 -8.00
CA PHE B 430 -9.34 2.95 -7.85
C PHE B 430 -9.67 2.29 -9.18
N LEU B 431 -9.73 3.06 -10.29
CA LEU B 431 -10.14 2.52 -11.58
C LEU B 431 -8.91 2.04 -12.36
N GLN B 432 -9.06 0.95 -13.10
CA GLN B 432 -8.02 0.51 -14.02
C GLN B 432 -7.82 1.46 -15.19
N ASP B 433 -8.77 2.38 -15.40
CA ASP B 433 -8.64 3.38 -16.47
C ASP B 433 -7.40 4.24 -16.30
N TYR B 434 -6.97 4.46 -15.07
CA TYR B 434 -5.79 5.22 -14.70
C TYR B 434 -4.70 4.24 -14.26
N PRO B 435 -3.42 4.58 -14.41
CA PRO B 435 -2.35 3.60 -14.22
C PRO B 435 -1.87 3.40 -12.79
N ILE B 436 -2.34 4.17 -11.82
CA ILE B 436 -1.76 4.14 -10.50
C ILE B 436 -2.04 2.82 -9.79
N GLU B 437 -3.20 2.22 -10.00
CA GLU B 437 -3.46 0.93 -9.33
C GLU B 437 -2.55 -0.18 -9.88
N GLN B 438 -2.18 -0.12 -11.17
CA GLN B 438 -1.21 -1.09 -11.68
C GLN B 438 0.19 -0.77 -11.18
N TYR B 439 0.54 0.52 -11.04
CA TYR B 439 1.84 0.85 -10.45
C TYR B 439 1.97 0.23 -9.07
N ILE B 440 0.91 0.36 -8.29
CA ILE B 440 0.88 -0.20 -6.96
C ILE B 440 1.06 -1.72 -7.00
N ARG B 441 0.29 -2.40 -7.84
CA ARG B 441 0.41 -3.86 -7.88
C ARG B 441 1.78 -4.29 -8.42
N ASP B 442 2.30 -3.57 -9.43
CA ASP B 442 3.57 -3.95 -10.04
C ASP B 442 4.73 -3.67 -9.10
N SER B 443 4.61 -2.70 -8.21
CA SER B 443 5.71 -2.35 -7.31
C SER B 443 5.68 -3.09 -5.98
N LYS B 444 4.60 -3.78 -5.64
CA LYS B 444 4.57 -4.51 -4.34
C LYS B 444 5.70 -5.56 -4.29
N ILE B 445 6.03 -6.18 -5.41
CA ILE B 445 7.08 -7.20 -5.46
C ILE B 445 8.44 -6.64 -5.13
N ASP B 446 8.63 -5.34 -5.23
CA ASP B 446 9.97 -4.78 -5.10
C ASP B 446 10.49 -4.88 -3.70
N SER B 447 9.63 -5.02 -2.69
CA SER B 447 10.10 -5.26 -1.33
C SER B 447 10.40 -6.74 -1.05
N LEU B 448 10.25 -7.62 -2.03
CA LEU B 448 10.32 -9.06 -1.82
C LEU B 448 11.39 -9.74 -2.66
N TYR B 449 11.35 -9.63 -3.99
CA TYR B 449 12.39 -10.29 -4.74
C TYR B 449 13.71 -9.50 -4.67
N ALA B 450 14.79 -10.18 -5.07
CA ALA B 450 16.15 -9.68 -4.93
C ALA B 450 16.53 -9.48 -3.45
N GLY B 451 15.81 -10.16 -2.56
CA GLY B 451 16.06 -10.08 -1.13
C GLY B 451 15.08 -9.17 -0.41
N THR B 452 14.36 -9.72 0.55
CA THR B 452 13.32 -8.94 1.24
C THR B 452 13.94 -7.74 1.96
N THR B 453 13.07 -6.81 2.31
CA THR B 453 13.53 -5.65 3.09
C THR B 453 14.31 -6.07 4.34
N ALA B 454 13.84 -7.07 5.07
CA ALA B 454 14.57 -7.50 6.26
C ALA B 454 15.95 -8.00 5.90
N ILE B 455 16.06 -8.71 4.79
CA ILE B 455 17.39 -9.15 4.35
C ILE B 455 18.24 -7.96 3.91
N GLN B 456 17.65 -6.96 3.30
CA GLN B 456 18.42 -5.74 2.98
C GLN B 456 18.94 -5.06 4.25
N ALA B 457 18.10 -4.97 5.26
CA ALA B 457 18.50 -4.27 6.46
C ALA B 457 19.56 -5.06 7.25
N GLN B 458 19.50 -6.38 7.20
CA GLN B 458 20.54 -7.21 7.81
C GLN B 458 21.85 -7.09 7.05
N ASP B 459 21.79 -7.08 5.72
CA ASP B 459 22.98 -6.82 4.92
C ASP B 459 23.60 -5.46 5.25
N PHE B 460 22.75 -4.43 5.25
CA PHE B 460 23.18 -3.07 5.54
C PHE B 460 23.92 -3.01 6.88
N PHE B 461 23.34 -3.55 7.93
CA PHE B 461 23.98 -3.37 9.23
C PHE B 461 25.17 -4.31 9.41
N PHE B 462 24.97 -5.60 9.22
CA PHE B 462 26.04 -6.56 9.54
C PHE B 462 27.16 -6.54 8.53
N ARG B 463 26.84 -6.51 7.26
CA ARG B 463 27.92 -6.56 6.28
C ARG B 463 28.44 -5.19 5.87
N LYS B 464 27.56 -4.23 5.64
CA LYS B 464 27.97 -2.97 5.01
C LYS B 464 28.41 -1.95 6.05
N ILE B 465 28.09 -2.18 7.33
CA ILE B 465 28.58 -1.30 8.40
C ILE B 465 29.54 -2.05 9.32
N ILE B 466 29.08 -3.13 9.98
CA ILE B 466 29.94 -3.78 10.95
C ILE B 466 31.15 -4.41 10.28
N ARG B 467 30.94 -5.30 9.30
CA ARG B 467 32.07 -5.95 8.64
C ARG B 467 32.96 -4.95 7.92
N ASP B 468 32.39 -3.84 7.44
CA ASP B 468 33.13 -2.75 6.81
C ASP B 468 33.90 -1.86 7.81
N LYS B 469 33.72 -2.09 9.10
CA LYS B 469 34.31 -1.24 10.16
C LYS B 469 33.85 0.21 10.04
N GLY B 470 32.62 0.42 9.56
CA GLY B 470 32.02 1.73 9.48
C GLY B 470 32.69 2.70 8.55
N GLN B 471 33.56 2.27 7.64
CA GLN B 471 34.36 3.20 6.85
C GLN B 471 33.48 3.91 5.82
N ALA B 472 32.66 3.17 5.09
CA ALA B 472 31.77 3.81 4.12
C ALA B 472 30.75 4.71 4.81
N LEU B 473 30.15 4.24 5.91
CA LEU B 473 29.16 5.02 6.62
C LEU B 473 29.82 6.30 7.17
N ALA B 474 31.04 6.20 7.67
CA ALA B 474 31.75 7.38 8.15
C ALA B 474 32.00 8.36 7.02
N TYR B 475 32.29 7.87 5.80
CA TYR B 475 32.50 8.76 4.65
C TYR B 475 31.23 9.54 4.36
N VAL B 476 30.10 8.84 4.26
CA VAL B 476 28.88 9.54 3.89
C VAL B 476 28.49 10.53 4.99
N ALA B 477 28.62 10.10 6.23
CA ALA B 477 28.28 11.00 7.33
C ALA B 477 29.14 12.25 7.30
N GLY B 478 30.44 12.09 6.98
CA GLY B 478 31.31 13.22 6.88
C GLY B 478 30.90 14.20 5.81
N GLU B 479 30.32 13.70 4.70
CA GLU B 479 29.88 14.60 3.65
C GLU B 479 28.62 15.35 4.09
N ILE B 480 27.74 14.67 4.85
CA ILE B 480 26.56 15.36 5.36
C ILE B 480 26.99 16.46 6.32
N GLU B 481 27.92 16.13 7.23
CA GLU B 481 28.40 17.11 8.18
C GLU B 481 29.02 18.33 7.48
N GLN B 482 29.77 18.11 6.40
CA GLN B 482 30.39 19.20 5.68
C GLN B 482 29.33 20.12 5.09
N PHE B 483 28.25 19.55 4.55
CA PHE B 483 27.17 20.37 4.02
C PHE B 483 26.55 21.20 5.13
N ILE B 484 26.29 20.56 6.29
CA ILE B 484 25.69 21.29 7.41
C ILE B 484 26.57 22.47 7.82
N LYS B 485 27.87 22.25 7.87
CA LYS B 485 28.84 23.25 8.34
C LYS B 485 29.07 24.40 7.35
N ASN B 486 28.31 24.51 6.28
CA ASN B 486 28.46 25.66 5.36
C ASN B 486 27.14 26.45 5.27
N ASN B 490 25.74 32.04 2.58
CA ASN B 490 24.28 32.31 2.44
C ASN B 490 23.57 31.56 3.57
N GLY B 491 22.71 32.20 4.43
CA GLY B 491 21.92 31.66 5.53
C GLY B 491 20.49 31.28 5.16
N ARG B 492 20.20 31.15 3.86
CA ARG B 492 18.85 30.86 3.42
C ARG B 492 18.47 29.38 3.57
N LEU B 493 19.41 28.49 3.88
CA LEU B 493 19.10 27.10 4.20
C LEU B 493 19.42 26.79 5.66
N LYS B 494 19.39 27.82 6.50
CA LYS B 494 19.76 27.66 7.90
C LYS B 494 18.88 26.64 8.59
N THR B 495 17.56 26.80 8.48
CA THR B 495 16.68 25.90 9.22
C THR B 495 16.77 24.49 8.67
N GLU B 496 16.94 24.37 7.34
CA GLU B 496 17.13 23.05 6.74
C GLU B 496 18.41 22.40 7.26
N ARG B 497 19.50 23.19 7.35
CA ARG B 497 20.73 22.61 7.88
C ARG B 497 20.58 22.22 9.34
N GLU B 498 19.80 22.99 10.12
CA GLU B 498 19.60 22.60 11.52
C GLU B 498 18.78 21.32 11.63
N LEU B 499 17.78 21.19 10.80
CA LEU B 499 16.96 19.97 10.80
C LEU B 499 17.78 18.79 10.33
N LEU B 500 18.70 19.01 9.37
CA LEU B 500 19.58 17.91 8.94
C LEU B 500 20.57 17.53 10.04
N ALA B 501 21.11 18.52 10.77
CA ALA B 501 22.01 18.23 11.89
C ALA B 501 21.32 17.35 12.93
N THR B 502 20.07 17.67 13.27
CA THR B 502 19.32 16.81 14.18
C THR B 502 19.14 15.41 13.61
N ALA B 503 18.77 15.32 12.33
CA ALA B 503 18.59 14.00 11.70
C ALA B 503 19.89 13.19 11.67
N LEU B 504 20.99 13.85 11.36
CA LEU B 504 22.29 13.16 11.36
C LEU B 504 22.61 12.62 12.74
N ALA B 505 22.39 13.42 13.77
CA ALA B 505 22.66 12.97 15.13
C ALA B 505 21.71 11.87 15.52
N ASP B 506 20.45 11.92 15.04
CA ASP B 506 19.50 10.83 15.31
C ASP B 506 19.99 9.54 14.69
N VAL B 507 20.48 9.57 13.45
CA VAL B 507 20.93 8.33 12.81
C VAL B 507 22.21 7.83 13.46
N GLN B 508 23.10 8.74 13.82
CA GLN B 508 24.28 8.34 14.58
C GLN B 508 23.89 7.68 15.89
N GLY B 509 22.88 8.22 16.58
CA GLY B 509 22.40 7.62 17.81
C GLY B 509 21.85 6.22 17.60
N MET B 510 21.07 6.04 16.52
CA MET B 510 20.57 4.71 16.17
C MET B 510 21.70 3.75 15.92
N ALA B 511 22.74 4.19 15.18
CA ALA B 511 23.84 3.29 14.85
C ALA B 511 24.55 2.87 16.12
N ALA B 512 24.74 3.81 17.05
CA ALA B 512 25.41 3.50 18.32
C ALA B 512 24.57 2.53 19.14
N SER B 513 23.24 2.74 19.17
CA SER B 513 22.37 1.87 19.95
C SER B 513 22.45 0.42 19.42
N LEU B 514 22.29 0.24 18.10
CA LEU B 514 22.32 -1.09 17.52
C LEU B 514 23.68 -1.75 17.69
N THR B 515 24.76 -0.98 17.53
CA THR B 515 26.11 -1.49 17.78
C THR B 515 26.24 -1.92 19.24
N GLY B 516 25.66 -1.16 20.16
CA GLY B 516 25.64 -1.56 21.56
C GLY B 516 24.95 -2.88 21.81
N TYR B 517 23.81 -3.07 21.18
CA TYR B 517 23.13 -4.36 21.35
C TYR B 517 23.99 -5.49 20.83
N LEU B 518 24.67 -5.28 19.71
CA LEU B 518 25.52 -6.31 19.16
C LEU B 518 26.65 -6.62 20.14
N MET B 519 27.26 -5.60 20.71
CA MET B 519 28.33 -5.86 21.69
C MET B 519 27.80 -6.58 22.93
N ALA B 520 26.60 -6.19 23.40
CA ALA B 520 25.99 -6.86 24.53
C ALA B 520 25.79 -8.33 24.25
N ALA B 521 25.63 -8.68 22.97
CA ALA B 521 25.37 -10.08 22.63
C ALA B 521 26.56 -10.98 22.86
N GLN B 522 27.75 -10.41 23.05
CA GLN B 522 28.90 -11.19 23.50
C GLN B 522 28.64 -11.84 24.85
N GLU B 523 27.80 -11.25 25.67
CA GLU B 523 27.51 -11.73 27.02
C GLU B 523 26.13 -12.36 27.13
N ASP B 524 25.12 -11.78 26.49
CA ASP B 524 23.72 -12.24 26.56
C ASP B 524 23.31 -12.41 25.12
N ALA B 525 23.37 -13.66 24.62
CA ALA B 525 23.20 -13.89 23.18
C ALA B 525 21.90 -13.26 22.64
N ALA B 526 20.84 -13.29 23.44
CA ALA B 526 19.54 -12.79 23.03
C ALA B 526 19.53 -11.28 22.78
N SER B 527 20.54 -10.54 23.23
CA SER B 527 20.59 -9.13 22.95
C SER B 527 20.68 -8.87 21.45
N ILE B 528 21.18 -9.84 20.68
CA ILE B 528 21.27 -9.66 19.23
C ILE B 528 19.88 -9.48 18.63
N TYR B 529 18.84 -9.99 19.28
CA TYR B 529 17.49 -9.83 18.73
C TYR B 529 17.13 -8.35 18.61
N LYS B 530 17.66 -7.51 19.50
CA LYS B 530 17.27 -6.11 19.42
C LYS B 530 17.85 -5.47 18.18
N VAL B 531 19.00 -5.96 17.69
CA VAL B 531 19.49 -5.49 16.38
C VAL B 531 18.47 -5.82 15.32
N GLY B 532 17.96 -7.04 15.35
CA GLY B 532 16.97 -7.45 14.38
C GLY B 532 15.70 -6.63 14.46
N LEU B 533 15.26 -6.33 15.68
CA LEU B 533 14.05 -5.54 15.86
C LEU B 533 14.19 -4.15 15.25
N GLY B 534 15.34 -3.54 15.40
CA GLY B 534 15.48 -2.17 14.94
C GLY B 534 16.07 -2.04 13.54
N SER B 535 16.48 -3.14 12.90
CA SER B 535 17.28 -3.05 11.68
C SER B 535 16.52 -2.40 10.53
N VAL B 536 15.25 -2.73 10.33
CA VAL B 536 14.54 -2.13 9.20
C VAL B 536 14.30 -0.66 9.45
N ARG B 537 13.92 -0.28 10.67
CA ARG B 537 13.71 1.13 10.98
C ARG B 537 14.98 1.95 10.82
N PHE B 538 16.13 1.37 11.15
CA PHE B 538 17.41 2.03 10.93
C PHE B 538 17.69 2.23 9.44
N LEU B 539 17.51 1.19 8.62
CA LEU B 539 17.70 1.33 7.18
C LEU B 539 16.83 2.46 6.61
N MET B 540 15.56 2.48 6.99
CA MET B 540 14.67 3.53 6.51
C MET B 540 15.06 4.91 7.02
N ALA B 541 15.59 4.99 8.23
CA ALA B 541 16.04 6.29 8.74
C ALA B 541 17.22 6.81 7.93
N VAL B 542 18.17 5.93 7.58
CA VAL B 542 19.31 6.37 6.79
C VAL B 542 18.83 6.84 5.43
N GLY B 543 17.83 6.16 4.87
CA GLY B 543 17.27 6.60 3.60
C GLY B 543 16.64 7.98 3.68
N ASP B 544 15.84 8.22 4.73
CA ASP B 544 15.26 9.55 4.93
C ASP B 544 16.36 10.61 5.09
N LEU B 545 17.41 10.31 5.85
CA LEU B 545 18.52 11.24 6.04
C LEU B 545 19.19 11.55 4.69
N LEU B 546 19.48 10.52 3.91
CA LEU B 546 20.11 10.73 2.61
C LEU B 546 19.22 11.52 1.69
N SER B 547 17.92 11.20 1.68
CA SER B 547 16.96 11.97 0.90
C SER B 547 16.98 13.44 1.29
N GLY B 548 16.89 13.72 2.58
CA GLY B 548 16.87 15.12 3.04
C GLY B 548 18.16 15.88 2.70
N TRP B 549 19.31 15.20 2.85
CA TRP B 549 20.60 15.79 2.50
C TRP B 549 20.69 16.05 1.00
N LEU B 550 20.36 15.05 0.16
CA LEU B 550 20.46 15.26 -1.28
C LEU B 550 19.46 16.29 -1.76
N LEU B 551 18.25 16.33 -1.18
CA LEU B 551 17.32 17.39 -1.56
C LEU B 551 17.86 18.76 -1.19
N ALA B 552 18.51 18.87 -0.02
CA ALA B 552 19.09 20.14 0.41
C ALA B 552 20.24 20.55 -0.49
N ARG B 553 21.05 19.59 -0.98
CA ARG B 553 22.09 19.92 -1.95
C ARG B 553 21.46 20.46 -3.22
N GLN B 554 20.36 19.84 -3.63
CA GLN B 554 19.68 20.28 -4.81
C GLN B 554 19.15 21.68 -4.62
N ALA B 555 18.63 21.97 -3.42
CA ALA B 555 18.16 23.33 -3.12
C ALA B 555 19.29 24.35 -3.17
N ALA B 556 20.47 23.98 -2.70
CA ALA B 556 21.61 24.91 -2.74
C ALA B 556 22.01 25.22 -4.16
N VAL B 557 22.03 24.21 -5.05
CA VAL B 557 22.26 24.47 -6.48
C VAL B 557 21.15 25.35 -7.05
N ALA B 558 19.89 25.04 -6.73
CA ALA B 558 18.77 25.82 -7.23
C ALA B 558 18.86 27.28 -6.79
N ILE B 559 19.25 27.53 -5.54
CA ILE B 559 19.41 28.91 -5.07
C ILE B 559 20.44 29.63 -5.90
N GLU B 560 21.56 28.97 -6.18
CA GLU B 560 22.60 29.60 -7.00
C GLU B 560 22.10 29.91 -8.41
N LYS B 561 21.31 29.00 -9.00
CA LYS B 561 20.82 29.23 -10.34
C LYS B 561 19.76 30.33 -10.37
N LEU B 562 18.95 30.42 -9.33
CA LEU B 562 17.96 31.48 -9.26
C LEU B 562 18.63 32.84 -9.07
N ASP B 563 19.58 32.91 -8.12
CA ASP B 563 20.38 34.12 -7.90
C ASP B 563 21.02 34.61 -9.20
N ALA B 564 21.53 33.70 -10.02
CA ALA B 564 22.16 34.05 -11.29
C ALA B 564 21.18 34.59 -12.32
N GLY B 565 19.88 34.37 -12.13
CA GLY B 565 18.87 34.94 -12.97
C GLY B 565 18.03 33.98 -13.80
N ALA B 566 17.84 32.76 -13.30
CA ALA B 566 16.96 31.82 -13.99
C ALA B 566 15.58 32.43 -14.21
N THR B 567 14.97 32.11 -15.33
CA THR B 567 13.64 32.60 -15.69
C THR B 567 12.78 31.43 -16.11
N GLY B 568 11.47 31.68 -16.22
CA GLY B 568 10.56 30.77 -16.91
C GLY B 568 10.49 29.40 -16.26
N ALA B 569 10.47 28.38 -17.11
CA ALA B 569 10.34 27.02 -16.65
C ALA B 569 11.56 26.59 -15.85
N ASP B 570 12.75 27.11 -16.16
CA ASP B 570 13.91 26.85 -15.31
C ASP B 570 13.64 27.38 -13.91
N LYS B 571 13.13 28.62 -13.83
CA LYS B 571 12.91 29.22 -12.52
C LYS B 571 11.92 28.40 -11.71
N SER B 572 10.84 27.95 -12.37
CA SER B 572 9.85 27.17 -11.64
C SER B 572 10.47 25.89 -11.12
N PHE B 573 11.28 25.23 -11.95
CA PHE B 573 11.96 24.01 -11.57
C PHE B 573 12.79 24.24 -10.30
N TYR B 574 13.67 25.24 -10.32
CA TYR B 574 14.49 25.51 -9.16
C TYR B 574 13.67 25.87 -7.93
N GLU B 575 12.59 26.63 -8.12
CA GLU B 575 11.74 26.97 -6.97
C GLU B 575 11.16 25.71 -6.33
N GLY B 576 10.82 24.73 -7.15
CA GLY B 576 10.29 23.48 -6.61
C GLY B 576 11.31 22.68 -5.86
N LYS B 577 12.60 22.76 -6.23
CA LYS B 577 13.65 22.06 -5.46
C LYS B 577 13.79 22.67 -4.07
N ILE B 578 13.77 24.01 -4.00
CA ILE B 578 13.86 24.66 -2.70
C ILE B 578 12.69 24.23 -1.83
N ALA B 579 11.48 24.21 -2.42
CA ALA B 579 10.27 23.91 -1.66
C ALA B 579 10.28 22.45 -1.23
N ALA B 580 10.77 21.56 -2.08
CA ALA B 580 10.83 20.15 -1.70
C ALA B 580 11.81 19.91 -0.56
N ALA B 581 13.01 20.48 -0.65
CA ALA B 581 14.01 20.29 0.39
C ALA B 581 13.50 20.84 1.72
N SER B 582 12.85 22.01 1.69
CA SER B 582 12.33 22.59 2.92
C SER B 582 11.20 21.74 3.50
N PHE B 583 10.27 21.32 2.66
CA PHE B 583 9.15 20.50 3.10
C PHE B 583 9.65 19.21 3.70
N PHE B 584 10.60 18.56 3.02
CA PHE B 584 11.09 17.27 3.53
C PHE B 584 11.78 17.45 4.88
N ALA B 585 12.61 18.49 5.01
CA ALA B 585 13.29 18.71 6.28
C ALA B 585 12.31 18.96 7.42
N LYS B 586 11.23 19.68 7.16
CA LYS B 586 10.32 20.05 8.21
C LYS B 586 9.30 18.96 8.54
N ASN B 587 8.97 18.09 7.57
CA ASN B 587 7.81 17.19 7.72
C ASN B 587 8.21 15.73 7.78
N MET B 588 9.37 15.37 7.25
CA MET B 588 9.86 14.00 7.30
C MET B 588 10.99 13.82 8.30
N LEU B 589 12.02 14.68 8.29
CA LEU B 589 13.18 14.43 9.12
C LEU B 589 12.89 14.39 10.61
N PRO B 590 12.00 15.22 11.17
CA PRO B 590 11.87 15.23 12.65
C PRO B 590 11.42 13.89 13.20
N LEU B 591 10.67 13.09 12.44
CA LEU B 591 10.24 11.78 12.92
C LEU B 591 11.42 10.89 13.33
N LEU B 592 12.60 11.10 12.75
CA LEU B 592 13.75 10.27 13.10
C LEU B 592 14.11 10.41 14.58
N THR B 593 13.77 11.55 15.20
CA THR B 593 14.08 11.72 16.61
C THR B 593 13.28 10.75 17.46
N SER B 594 11.99 10.59 17.15
CA SER B 594 11.20 9.61 17.87
C SER B 594 11.67 8.20 17.54
N THR B 595 12.02 7.95 16.27
CA THR B 595 12.54 6.63 15.93
C THR B 595 13.82 6.31 16.69
N ARG B 596 14.71 7.30 16.86
CA ARG B 596 15.91 7.05 17.66
C ARG B 596 15.54 6.64 19.08
N GLN B 597 14.60 7.38 19.70
CA GLN B 597 14.25 7.06 21.09
C GLN B 597 13.60 5.68 21.19
N ILE B 598 12.83 5.29 20.18
CA ILE B 598 12.24 3.95 20.14
C ILE B 598 13.31 2.91 20.04
N ILE B 599 14.29 3.13 19.17
CA ILE B 599 15.40 2.18 19.02
C ILE B 599 16.22 2.11 20.30
N GLU B 600 16.43 3.24 20.97
CA GLU B 600 17.16 3.21 22.25
C GLU B 600 16.44 2.44 23.35
N ASN B 601 15.14 2.19 23.23
CA ASN B 601 14.38 1.53 24.26
C ASN B 601 13.90 0.14 23.86
N LEU B 602 14.41 -0.42 22.76
CA LEU B 602 13.98 -1.75 22.35
C LEU B 602 14.18 -2.72 23.51
N ASP B 603 13.28 -3.68 23.63
CA ASP B 603 13.46 -4.77 24.58
C ASP B 603 13.00 -6.07 23.94
N ASN B 604 13.27 -7.17 24.64
CA ASN B 604 13.02 -8.49 24.10
C ASN B 604 11.72 -9.10 24.56
N ASP B 605 10.82 -8.29 25.13
CA ASP B 605 9.52 -8.81 25.51
C ASP B 605 8.84 -9.52 24.34
N VAL B 606 8.82 -8.90 23.16
CA VAL B 606 8.14 -9.52 22.02
C VAL B 606 8.82 -10.81 21.57
N MET B 607 10.11 -10.99 21.90
CA MET B 607 10.80 -12.24 21.58
C MET B 607 10.50 -13.32 22.61
N GLU B 608 10.24 -12.94 23.85
CA GLU B 608 9.96 -13.91 24.90
C GLU B 608 8.53 -14.38 24.89
N LEU B 609 7.62 -13.64 24.27
CA LEU B 609 6.22 -14.03 24.23
C LEU B 609 6.03 -15.40 23.60
N ASP B 610 5.20 -16.21 24.22
CA ASP B 610 4.82 -17.50 23.62
C ASP B 610 4.19 -17.31 22.26
N GLU B 611 4.62 -18.12 21.29
CA GLU B 611 4.02 -18.02 19.94
C GLU B 611 2.50 -18.14 20.00
N ALA B 612 1.97 -18.95 20.92
CA ALA B 612 0.54 -19.12 21.05
C ALA B 612 -0.21 -17.85 21.42
N ALA B 613 0.47 -16.83 21.95
CA ALA B 613 -0.16 -15.61 22.38
C ALA B 613 -0.45 -14.65 21.23
N PHE B 614 0.13 -14.87 20.06
CA PHE B 614 -0.12 -13.97 18.92
C PHE B 614 -1.52 -14.17 18.38
PA FAD C . -12.59 14.16 -5.72
O1A FAD C . -13.66 14.76 -4.88
O2A FAD C . -12.43 14.70 -7.11
O5B FAD C . -11.31 14.11 -4.90
C5B FAD C . -10.00 14.12 -5.52
C4B FAD C . -8.96 14.45 -4.49
O4B FAD C . -9.19 15.80 -4.02
C3B FAD C . -8.96 13.55 -3.27
O3B FAD C . -7.66 13.41 -2.72
C2B FAD C . -9.79 14.36 -2.29
O2B FAD C . -9.51 14.13 -0.92
C1B FAD C . -9.32 15.78 -2.63
N9A FAD C . -10.27 16.82 -2.23
C8A FAD C . -11.48 17.08 -2.81
N7A FAD C . -12.13 18.06 -2.24
C5A FAD C . -11.29 18.47 -1.22
C6A FAD C . -11.39 19.49 -0.27
N6A FAD C . -12.44 20.32 -0.18
N1A FAD C . -10.38 19.63 0.60
C2A FAD C . -9.33 18.81 0.52
N3A FAD C . -9.10 17.83 -0.36
C4A FAD C . -10.13 17.73 -1.22
N1 FAD C . -20.93 7.53 -4.48
C2 FAD C . -22.28 7.37 -4.29
O2 FAD C . -23.01 8.34 -4.29
N3 FAD C . -22.81 6.12 -4.12
C4 FAD C . -22.11 4.92 -4.14
O4 FAD C . -22.68 3.84 -3.99
C4X FAD C . -20.70 5.08 -4.38
N5 FAD C . -19.92 3.97 -4.40
C5X FAD C . -18.63 4.12 -4.79
C6 FAD C . -17.88 2.97 -5.06
C7 FAD C . -16.54 3.10 -5.42
C7M FAD C . -15.71 1.85 -5.61
C8 FAD C . -15.97 4.38 -5.58
C8M FAD C . -14.50 4.58 -5.90
C9 FAD C . -16.76 5.51 -5.39
C9A FAD C . -18.06 5.38 -4.97
N10 FAD C . -18.85 6.53 -4.73
C10 FAD C . -20.19 6.42 -4.50
C1' FAD C . -18.27 7.87 -4.94
C2' FAD C . -17.20 8.19 -3.92
O2' FAD C . -17.79 8.49 -2.65
C3' FAD C . -16.32 9.35 -4.40
O3' FAD C . -15.38 8.80 -5.33
C4' FAD C . -15.60 10.09 -3.30
O4' FAD C . -16.50 10.89 -2.51
C5' FAD C . -14.52 11.03 -3.81
O5' FAD C . -15.05 11.87 -4.85
P FAD C . -14.32 11.96 -6.22
O1P FAD C . -14.10 10.54 -6.76
O2P FAD C . -15.10 12.86 -7.18
O3P FAD C . -12.91 12.60 -5.86
H51A FAD C . -9.98 14.75 -6.20
H52A FAD C . -9.82 13.27 -5.88
H4B FAD C . -8.10 14.42 -4.88
H3B FAD C . -9.33 12.73 -3.50
HO3A FAD C . -7.16 13.00 -3.26
H2B FAD C . -10.70 14.21 -2.48
HO2A FAD C . -9.25 13.35 -0.82
H1B FAD C . -8.48 15.94 -2.23
H8A FAD C . -11.78 16.59 -3.55
H61A FAD C . -13.23 20.03 -0.38
H62A FAD C . -12.33 21.13 0.08
H2A FAD C . -8.64 18.96 1.14
HN3 FAD C . -23.64 6.08 -3.85
H6 FAD C . -18.39 2.21 -4.96
HM71 FAD C . -15.87 1.26 -4.90
HM72 FAD C . -14.80 2.09 -5.61
HM73 FAD C . -15.93 1.45 -6.42
HM81 FAD C . -14.12 5.13 -5.25
HM82 FAD C . -14.42 4.99 -6.74
HM83 FAD C . -14.07 3.75 -5.90
H9 FAD C . -16.13 6.20 -5.30
H1'1 FAD C . -18.96 8.51 -4.87
H1'2 FAD C . -17.89 7.91 -5.80
H2' FAD C . -16.64 7.44 -3.81
HO2' FAD C . -17.23 8.38 -2.04
H3' FAD C . -16.86 9.97 -4.86
HO3' FAD C . -14.78 8.40 -4.91
H4' FAD C . -15.23 9.42 -2.75
HO4' FAD C . -16.12 11.16 -1.82
H5'1 FAD C . -13.81 10.52 -4.15
H5'2 FAD C . -14.21 11.56 -3.11
C1 ST9 D . -20.49 6.03 -1.04
C2 ST9 D . -20.86 4.60 -0.56
O2 ST9 D . -19.43 6.45 -1.36
C3 ST9 D . -19.67 3.62 -0.50
C4 ST9 D . -20.11 2.39 0.40
C5 ST9 D . -21.14 1.56 -0.42
C6 ST9 D . -22.38 1.19 0.48
C7 ST9 D . -23.67 1.79 -0.15
C8 ST9 D . -24.50 0.65 -0.80
C9 ST9 D . -25.72 0.31 0.10
C10 ST9 D . -26.77 1.45 0.02
C11 ST9 D . -27.80 1.38 1.20
C12 ST9 D . -27.13 1.78 2.54
C13 ST9 D . -28.09 1.41 3.72
C14 ST9 D . -27.42 1.65 5.08
C15 ST9 D . -27.99 0.64 6.12
C16 ST9 D . -27.04 0.49 7.31
C17 ST9 D . -27.46 -0.67 8.21
C18 ST9 D . -26.31 -1.09 9.14
N1A ST9 D . -23.02 14.15 9.87
O1A ST9 D . -21.83 22.84 5.25
P1A ST9 D . -21.58 21.37 5.55
C1B ST9 D . -25.12 17.81 6.98
S1P ST9 D . -21.88 7.17 -1.16
C2A ST9 D . -24.32 14.45 9.72
O2A ST9 D . -20.39 21.11 6.44
P2A ST9 D . -21.11 21.18 2.65
C2B ST9 D . -25.70 18.66 7.80
O2B ST9 D . -27.16 18.53 7.52
C2P ST9 D . -21.17 8.82 -1.51
N3A ST9 D . -24.70 15.48 8.91
O3A ST9 D . -21.34 20.58 4.11
C3B ST9 D . -25.25 20.02 7.41
O3B ST9 D . -26.17 21.00 7.75
P3B ST9 D . -25.87 21.70 9.27
C3P ST9 D . -20.42 9.29 -0.27
C4A ST9 D . -23.78 16.19 8.27
O4A ST9 D . -22.43 21.73 2.10
C4B ST9 D . -25.13 19.84 5.86
O4B ST9 D . -24.74 18.60 5.67
N4P ST9 D . -20.15 10.74 -0.46
C5A ST9 D . -22.46 15.90 8.41
O5A ST9 D . -19.95 22.09 2.61
C5B ST9 D . -24.09 20.85 5.33
O5B ST9 D . -22.88 20.59 6.08
C5P ST9 D . -19.63 11.51 0.65
O5P ST9 D . -19.38 10.94 1.68
C6A ST9 D . -22.08 14.86 9.22
N6A ST9 D . -20.76 14.38 9.48
O6A ST9 D . -20.78 19.80 1.82
C6P ST9 D . -19.42 12.98 0.40
N7A ST9 D . -21.72 16.76 7.66
O7A ST9 D . -26.17 20.67 10.31
C7P ST9 D . -18.07 13.41 0.88
C8A ST9 D . -22.60 17.57 7.02
O8A ST9 D . -24.49 22.20 9.40
N8P ST9 D . -18.16 14.89 1.07
N9A ST9 D . -23.87 17.23 7.43
O9A ST9 D . -26.88 22.84 9.20
C9P ST9 D . -18.46 15.49 2.33
O9P ST9 D . -18.75 14.82 3.30
CAP ST9 D . -18.40 17.01 2.35
OAP ST9 D . -17.66 17.40 3.49
CBP ST9 D . -19.76 17.66 2.33
CCP ST9 D . -19.55 19.19 2.23
CDP ST9 D . -20.55 17.37 3.59
CEP ST9 D . -20.54 17.19 1.11
H2 ST9 D . -21.52 4.24 -1.17
H2A ST9 D . -21.25 4.67 0.33
H3 ST9 D . -19.45 3.32 -1.38
H3A ST9 D . -18.91 4.06 -0.10
H4 ST9 D . -20.51 2.71 1.22
H4A ST9 D . -19.34 1.84 0.60
H5 ST9 D . -21.44 2.08 -1.17
H5A ST9 D . -20.72 0.74 -0.74
H6 ST9 D . -22.46 0.23 0.54
H6A ST9 D . -22.25 1.56 1.37
H7 ST9 D . -24.19 2.22 0.54
H7A ST9 D . -23.42 2.44 -0.84
H8 ST9 D . -23.94 -0.14 -0.90
H8A ST9 D . -24.81 0.93 -1.68
H9 ST9 D . -26.12 -0.53 -0.20
H9A ST9 D . -25.43 0.21 1.02
H10 ST9 D . -27.25 1.37 -0.82
H10A ST9 D . -26.32 2.31 0.05
H11 ST9 D . -28.14 0.47 1.27
H11A ST9 D . -28.53 1.98 1.02
H12 ST9 D . -26.29 1.29 2.65
H12A ST9 D . -26.95 2.73 2.55
H13 ST9 D . -28.34 0.47 3.65
H13A ST9 D . -28.88 1.97 3.65
H14 ST9 D . -26.46 1.51 5.00
H14A ST9 D . -27.59 2.55 5.38
H15 ST9 D . -28.11 -0.22 5.68
H15A ST9 D . -28.85 0.95 6.43
H16 ST9 D . -27.04 1.31 7.82
H16A ST9 D . -26.14 0.32 6.98
H17 ST9 D . -28.21 -0.40 8.76
H17A ST9 D . -27.72 -1.44 7.67
H18 ST9 D . -26.63 -1.69 9.82
H18A ST9 D . -25.93 -0.30 9.55
H18B ST9 D . -25.62 -1.53 8.60
H1B ST9 D . -25.80 17.12 6.87
H2AA ST9 D . -24.96 13.95 10.17
H2B ST9 D . -25.44 18.51 8.73
HO2B ST9 D . -27.54 18.18 8.19
H2P ST9 D . -20.56 8.75 -2.26
H2PA ST9 D . -21.89 9.44 -1.73
H3B ST9 D . -24.40 20.27 7.81
H3P ST9 D . -20.97 9.16 0.52
H3PA ST9 D . -19.59 8.81 -0.17
H4B ST9 D . -25.99 19.96 5.43
HN4P ST9 D . -20.29 11.12 -1.22
H5B ST9 D . -23.94 20.70 4.38
H5BA ST9 D . -24.40 21.75 5.48
HN6A ST9 D . -20.22 14.86 9.93
HN6B ST9 D . -20.52 13.62 9.17
H6P ST9 D . -19.50 13.16 -0.55
H6PA ST9 D . -20.11 13.49 0.87
H7P ST9 D . -17.39 13.20 0.21
H7PA ST9 D . -17.85 12.97 1.71
H8AA ST9 D . -22.39 18.23 6.40
HN8P ST9 D . -18.03 15.40 0.39
HAP ST9 D . -17.96 17.31 1.54
HOAP ST9 D . -16.92 17.74 3.25
HCP ST9 D . -19.29 19.54 3.10
HCPA ST9 D . -18.86 19.38 1.59
HDP ST9 D . -20.60 16.42 3.72
HDPA ST9 D . -21.45 17.73 3.49
HDPB ST9 D . -20.11 17.79 4.34
HEP ST9 D . -21.37 17.69 1.04
HEPA ST9 D . -20.01 17.33 0.32
HEPB ST9 D . -20.74 16.24 1.20
S SO4 E . -15.44 4.69 28.94
O1 SO4 E . -14.32 5.16 29.76
O2 SO4 E . -15.66 5.73 27.81
O3 SO4 E . -15.15 3.37 28.39
O4 SO4 E . -16.59 4.48 29.86
MG MG F . -17.68 6.93 31.18
PA FAD G . 11.02 -16.37 2.88
O1A FAD G . 12.49 -16.36 2.81
O2A FAD G . 10.25 -17.60 3.28
O5B FAD G . 10.61 -15.09 3.76
C5B FAD G . 9.34 -15.07 4.44
C4B FAD G . 9.43 -13.98 5.48
O4B FAD G . 10.44 -14.31 6.46
C3B FAD G . 9.81 -12.62 4.90
O3B FAD G . 9.11 -11.61 5.64
C2B FAD G . 11.31 -12.57 5.16
O2B FAD G . 11.83 -11.25 5.28
C1B FAD G . 11.37 -13.27 6.52
N9A FAD G . 12.67 -13.86 6.78
C8A FAD G . 13.25 -14.94 6.18
N7A FAD G . 14.46 -15.20 6.60
C5A FAD G . 14.68 -14.23 7.56
C6A FAD G . 15.78 -13.97 8.40
N6A FAD G . 16.89 -14.71 8.41
N1A FAD G . 15.69 -12.91 9.24
C2A FAD G . 14.57 -12.18 9.23
N3A FAD G . 13.45 -12.36 8.51
C4A FAD G . 13.58 -13.40 7.68
N1 FAD G . 14.52 -15.96 -7.28
C2 FAD G . 15.51 -16.27 -8.18
O2 FAD G . 16.44 -17.00 -7.87
N3 FAD G . 15.43 -15.81 -9.48
C4 FAD G . 14.43 -14.99 -9.98
O4 FAD G . 14.45 -14.59 -11.13
C4X FAD G . 13.43 -14.64 -9.01
N5 FAD G . 12.41 -13.81 -9.40
C5X FAD G . 11.35 -13.69 -8.56
C6 FAD G . 10.22 -13.03 -9.04
C7 FAD G . 9.12 -12.85 -8.23
C7M FAD G . 7.97 -12.06 -8.76
C8 FAD G . 9.16 -13.32 -6.90
C8M FAD G . 8.04 -13.02 -5.94
C9 FAD G . 10.26 -14.03 -6.44
C9A FAD G . 11.38 -14.17 -7.24
N10 FAD G . 12.54 -14.82 -6.78
C10 FAD G . 13.57 -15.15 -7.68
C1' FAD G . 12.61 -15.36 -5.42
C2' FAD G . 12.65 -14.22 -4.38
O2' FAD G . 13.95 -13.64 -4.33
C3' FAD G . 12.26 -14.75 -3.01
O3' FAD G . 10.84 -14.78 -3.03
C4' FAD G . 12.75 -13.89 -1.85
O4' FAD G . 14.17 -14.02 -1.65
C5' FAD G . 12.10 -14.27 -0.53
O5' FAD G . 12.19 -15.70 -0.33
P FAD G . 10.90 -16.54 0.03
O1P FAD G . 9.77 -16.14 -0.93
O2P FAD G . 11.26 -17.97 0.17
O3P FAD G . 10.43 -15.95 1.48
H51A FAD G . 9.17 -15.90 4.84
H52A FAD G . 8.64 -14.88 3.83
H4B FAD G . 8.62 -13.89 5.95
H3B FAD G . 9.65 -12.56 3.98
HO3A FAD G . 8.97 -10.96 5.16
H2B FAD G . 11.76 -13.04 4.50
HO2A FAD G . 11.22 -10.70 5.21
H1B FAD G . 11.13 -12.69 7.20
H8A FAD G . 12.82 -15.42 5.52
H61A FAD G . 17.67 -14.33 8.44
H62A FAD G . 16.83 -15.57 8.41
H2A FAD G . 14.55 -11.48 9.84
HN3 FAD G . 16.14 -15.89 -9.96
H6 FAD G . 10.34 -12.76 -9.92
HM71 FAD G . 8.29 -11.29 -9.22
HM72 FAD G . 7.42 -11.78 -8.04
HM73 FAD G . 7.46 -12.59 -9.35
HM81 FAD G . 7.68 -13.83 -5.62
HM82 FAD G . 8.37 -12.52 -5.22
HM83 FAD G . 7.37 -12.53 -6.39
H9 FAD G . 10.16 -14.02 -5.51
H1'1 FAD G . 11.85 -15.88 -5.26
H1'2 FAD G . 13.38 -15.89 -5.33
H2' FAD G . 12.03 -13.57 -4.62
HO2' FAD G . 13.90 -12.87 -4.03
H3' FAD G . 12.59 -15.61 -2.85
H4' FAD G . 12.56 -13.00 -2.08
HO4' FAD G . 14.41 -13.53 -1.02
H5'1 FAD G . 12.53 -13.82 0.17
H5'2 FAD G . 11.19 -14.02 -0.56
C1 ST9 H . 15.67 -12.39 -7.65
C2 ST9 H . 15.75 -11.37 -8.82
O2 ST9 H . 14.90 -12.48 -6.77
C3 ST9 H . 14.47 -10.58 -9.09
C4 ST9 H . 14.80 -9.64 -10.28
C5 ST9 H . 14.83 -10.51 -11.57
C6 ST9 H . 15.18 -9.58 -12.80
C7 ST9 H . 15.39 -10.49 -14.02
C8 ST9 H . 16.83 -10.35 -14.55
C9 ST9 H . 17.61 -11.65 -14.28
C10 ST9 H . 18.36 -12.08 -15.58
C11 ST9 H . 19.88 -11.77 -15.52
C12 ST9 H . 20.14 -10.30 -15.13
C13 ST9 H . 21.65 -10.00 -15.33
C14 ST9 H . 22.07 -8.70 -14.62
C15 ST9 H . 22.07 -7.52 -15.66
C16 ST9 H . 22.67 -6.25 -15.00
C17 ST9 H . 22.89 -5.16 -16.06
C18 ST9 H . 22.76 -3.75 -15.47
N1A ST9 H . 27.24 -8.48 -1.54
O1A ST9 H . 27.61 -15.56 5.24
P1A ST9 H . 26.91 -14.61 4.33
C1B ST9 H . 28.74 -13.27 -0.41
S1P ST9 H . 17.01 -13.58 -7.65
C2A ST9 H . 28.21 -9.24 -2.16
O2A ST9 H . 26.57 -13.26 4.88
P2A ST9 H . 24.75 -16.58 4.20
C2B ST9 H . 29.96 -13.25 -0.01
O2B ST9 H . 30.72 -14.08 -1.05
C2P ST9 H . 17.04 -14.37 -5.98
N3A ST9 H . 28.49 -10.50 -1.72
O3A ST9 H . 25.58 -15.30 3.68
C3B ST9 H . 29.99 -14.01 1.31
O3B ST9 H . 31.19 -14.55 1.57
P3B ST9 H . 32.23 -13.65 2.48
C3P ST9 H . 17.44 -13.27 -4.99
C4A ST9 H . 27.82 -11.01 -0.65
O4A ST9 H . 25.48 -17.85 3.85
C4B ST9 H . 28.94 -15.14 1.02
O4B ST9 H . 28.07 -14.62 0.24
N4P ST9 H . 17.83 -13.88 -3.73
C5A ST9 H . 26.90 -10.24 -0.01
O5A ST9 H . 24.37 -16.41 5.66
C5B ST9 H . 28.27 -15.60 2.35
O5B ST9 H . 27.81 -14.38 2.96
C5P ST9 H . 18.52 -13.08 -2.76
O5P ST9 H . 18.72 -11.92 -3.01
C6A ST9 H . 26.63 -8.97 -0.48
N6A ST9 H . 25.67 -8.04 0.02
O6A ST9 H . 23.41 -16.47 3.18
C6P ST9 H . 18.97 -13.83 -1.49
N7A ST9 H . 26.39 -10.96 1.04
O7A ST9 H . 32.72 -12.48 1.62
C7P ST9 H . 18.43 -13.12 -0.25
C8A ST9 H . 27.02 -12.15 1.02
O8A ST9 H . 31.52 -13.19 3.74
N8P ST9 H . 19.17 -13.67 0.90
N9A ST9 H . 27.88 -12.18 -0.01
O9A ST9 H . 33.41 -14.56 2.82
C9P ST9 H . 20.41 -13.08 1.30
O9P ST9 H . 20.90 -12.15 0.68
CAP ST9 H . 21.04 -13.70 2.55
OAP ST9 H . 21.49 -12.69 3.42
CBP ST9 H . 22.21 -14.62 2.17
CCP ST9 H . 22.55 -15.37 3.46
CDP ST9 H . 23.40 -13.83 1.64
CEP ST9 H . 21.78 -15.61 1.09
H2 ST9 H . 16.45 -10.74 -8.63
H2A ST9 H . 15.97 -11.86 -9.63
H3 ST9 H . 13.75 -11.19 -9.32
H3A ST9 H . 14.22 -10.06 -8.31
H4 ST9 H . 14.12 -8.96 -10.37
H4A ST9 H . 15.67 -9.23 -10.15
H5 ST9 H . 15.52 -11.19 -11.48
H5A ST9 H . 13.97 -10.92 -11.70
H6 ST9 H . 15.99 -9.08 -12.62
H6A ST9 H . 14.45 -8.97 -12.97
H7 ST9 H . 15.24 -11.41 -13.77
H7A ST9 H . 14.78 -10.23 -14.72
H8 ST9 H . 16.81 -10.19 -15.50
H8A ST9 H . 17.28 -9.61 -14.10
H9 ST9 H . 18.26 -11.50 -13.57
H9A ST9 H . 17.00 -12.34 -14.01
H10 ST9 H . 18.23 -13.03 -15.71
H10A ST9 H . 17.97 -11.60 -16.33
H11 ST9 H . 20.29 -12.36 -14.85
H11A ST9 H . 20.28 -11.95 -16.38
H12 ST9 H . 19.91 -10.16 -14.19
H12A ST9 H . 19.61 -9.71 -15.68
H13 ST9 H . 22.17 -10.73 -14.98
H13A ST9 H . 21.83 -9.90 -16.28
H14 ST9 H . 22.96 -8.80 -14.25
H14A ST9 H . 21.44 -8.51 -13.90
H15 ST9 H . 21.17 -7.35 -15.94
H15A ST9 H . 22.61 -7.77 -16.43
H16 ST9 H . 23.53 -6.48 -14.60
H16A ST9 H . 22.07 -5.93 -14.32
H17 ST9 H . 22.21 -5.27 -16.76
H17A ST9 H . 23.76 -5.26 -16.45
H18 ST9 H . 23.32 -3.69 -14.68
H18A ST9 H . 23.05 -3.10 -16.13
H18B ST9 H . 21.83 -3.58 -15.23
H1B ST9 H . 28.84 -13.26 -1.37
H2AA ST9 H . 28.67 -8.89 -2.88
H2B ST9 H . 30.30 -12.35 0.14
HO2B ST9 H . 31.27 -13.57 -1.46
H2P ST9 H . 17.70 -15.08 -5.96
H2PA ST9 H . 16.17 -14.72 -5.76
H3B ST9 H . 29.76 -13.45 2.05
H3P ST9 H . 16.67 -12.68 -4.85
H3PA ST9 H . 18.17 -12.75 -5.36
H4B ST9 H . 29.38 -15.88 0.58
HN4P ST9 H . 17.66 -14.71 -3.58
H5B ST9 H . 27.52 -16.20 2.17
H5BA ST9 H . 28.91 -16.06 2.92
HN6A ST9 H . 25.82 -7.64 0.76
HN6B ST9 H . 24.96 -7.87 -0.43
H6P ST9 H . 18.63 -14.74 -1.51
H6PA ST9 H . 19.94 -13.85 -1.45
H7P ST9 H . 18.58 -12.16 -0.33
H7PA ST9 H . 17.48 -13.28 -0.16
H8AA ST9 H . 26.87 -12.84 1.61
HN8P ST9 H . 18.85 -14.34 1.33
HAP ST9 H . 20.36 -14.25 2.99
HOAP ST9 H . 20.86 -12.46 3.94
HCP ST9 H . 21.74 -15.71 3.86
HCPA ST9 H . 22.99 -14.77 4.07
HDP ST9 H . 24.03 -14.44 1.23
HDPA ST9 H . 23.83 -13.36 2.37
HDPB ST9 H . 23.10 -13.19 0.98
HEP ST9 H . 21.69 -15.15 0.25
HEPA ST9 H . 20.93 -16.01 1.34
HEPB ST9 H . 22.44 -16.31 1.01
S SO4 I . 29.99 13.98 -2.20
O1 SO4 I . 31.29 14.23 -2.88
O2 SO4 I . 29.86 14.94 -1.11
O3 SO4 I . 29.83 12.54 -1.66
O4 SO4 I . 28.95 14.24 -3.18
S SO4 J . 5.38 -31.81 -15.86
O1 SO4 J . 6.11 -31.66 -17.11
O2 SO4 J . 4.91 -30.51 -15.40
O3 SO4 J . 6.26 -32.37 -14.84
O4 SO4 J . 4.26 -32.71 -16.10
MG MG K . 33.76 13.67 -1.57
#